data_4R87
#
_entry.id   4R87
#
_cell.length_a   176.948
_cell.length_b   176.948
_cell.length_c   67.009
_cell.angle_alpha   90.00
_cell.angle_beta   90.00
_cell.angle_gamma   120.00
#
_symmetry.space_group_name_H-M   'P 3'
#
loop_
_entity.id
_entity.type
_entity.pdbx_description
1 polymer 'Spermidine n1-acetyltransferase'
2 non-polymer 'COENZYME A'
3 non-polymer SPERMINE
4 non-polymer DI(HYDROXYETHYL)ETHER
5 water water
#
_entity_poly.entity_id   1
_entity_poly.type   'polypeptide(L)'
_entity_poly.pdbx_seq_one_letter_code
;SNAMNSQLTLRALERGDLRFIHNLNNNRNIMSYWFEEPYESFDELEELYNKHIHDNAERRFVVEDAQKNLIGLVELIEIN
YIHRSAEFQIIIAPEHQGKGFARTLINRALDYSFTILNLHKIYLHVAVENPKAVHLYEECGFVEEGHLVEEFFINGRYQD
VKRMYILQSKYLNRSE
;
_entity_poly.pdbx_strand_id   A,B,C,D,E,F,G,H,I,J,K,L
#
loop_
_chem_comp.id
_chem_comp.type
_chem_comp.name
_chem_comp.formula
COA non-polymer 'COENZYME A' 'C21 H36 N7 O16 P3 S'
PEG non-polymer DI(HYDROXYETHYL)ETHER 'C4 H10 O3'
SPM non-polymer SPERMINE 'C10 H26 N4'
#
# COMPACT_ATOMS: atom_id res chain seq x y z
N ASN A 5 16.41 26.75 39.95
CA ASN A 5 17.47 26.19 39.07
C ASN A 5 16.94 24.85 38.49
N SER A 6 17.87 24.02 38.01
CA SER A 6 17.58 22.83 37.24
C SER A 6 17.43 21.61 38.13
N GLN A 7 17.74 21.79 39.42
CA GLN A 7 17.66 20.68 40.35
C GLN A 7 16.20 20.32 40.68
N LEU A 8 15.30 21.27 40.51
CA LEU A 8 13.92 21.12 40.97
C LEU A 8 13.12 20.12 40.12
N THR A 9 12.37 19.24 40.78
CA THR A 9 11.62 18.19 40.10
C THR A 9 10.21 18.03 40.67
N LEU A 10 9.29 17.52 39.86
CA LEU A 10 7.96 17.21 40.32
C LEU A 10 7.82 15.70 40.36
N ARG A 11 7.08 15.24 41.37
CA ARG A 11 6.69 13.84 41.47
C ARG A 11 5.35 13.66 42.17
N ALA A 12 4.65 12.59 41.79
CA ALA A 12 3.47 12.06 42.50
C ALA A 12 3.42 12.32 44.02
N LEU A 13 2.35 12.98 44.47
CA LEU A 13 2.05 13.18 45.88
C LEU A 13 1.82 11.85 46.54
N GLU A 14 2.63 11.53 47.54
CA GLU A 14 2.55 10.27 48.28
C GLU A 14 1.98 10.43 49.69
N ARG A 15 1.68 9.29 50.33
CA ARG A 15 1.07 9.24 51.67
C ARG A 15 1.97 9.95 52.67
N GLY A 16 3.28 9.71 52.55
CA GLY A 16 4.25 10.31 53.47
C GLY A 16 4.37 11.84 53.39
N ASP A 17 3.80 12.45 52.35
CA ASP A 17 3.96 13.90 52.11
C ASP A 17 2.77 14.72 52.66
N LEU A 18 1.87 14.10 53.42
CA LEU A 18 0.62 14.73 53.85
C LEU A 18 0.76 15.60 55.13
N ARG A 19 1.71 15.25 56.02
CA ARG A 19 2.13 16.18 57.08
C ARG A 19 2.85 17.44 56.55
N PHE A 20 3.28 17.40 55.29
CA PHE A 20 3.81 18.55 54.57
C PHE A 20 2.63 19.33 53.99
N ILE A 21 1.63 18.60 53.50
CA ILE A 21 0.50 19.22 52.79
C ILE A 21 -0.49 19.83 53.81
N HIS A 22 -0.88 19.06 54.85
CA HIS A 22 -1.66 19.54 56.01
C HIS A 22 -1.23 20.92 56.52
N ASN A 23 0.09 21.07 56.75
CA ASN A 23 0.71 22.27 57.29
C ASN A 23 0.50 23.50 56.39
N LEU A 24 0.61 23.32 55.07
CA LEU A 24 0.28 24.42 54.10
C LEU A 24 -1.23 24.64 53.92
N ASN A 25 -2.07 23.61 54.09
CA ASN A 25 -3.53 23.79 54.00
C ASN A 25 -4.12 24.40 55.27
N ASN A 26 -3.32 24.39 56.35
CA ASN A 26 -3.68 25.09 57.60
C ASN A 26 -3.00 26.48 57.81
N ASN A 27 -2.29 26.98 56.79
CA ASN A 27 -1.62 28.29 56.81
C ASN A 27 -2.58 29.32 56.18
N ARG A 28 -2.94 30.36 56.94
CA ARG A 28 -3.86 31.44 56.50
C ARG A 28 -3.27 32.31 55.38
N ASN A 29 -1.96 32.43 55.38
CA ASN A 29 -1.21 33.32 54.49
C ASN A 29 -1.22 32.78 53.04
N ILE A 30 -0.94 31.47 52.95
CA ILE A 30 -0.89 30.70 51.70
C ILE A 30 -2.29 30.47 51.12
N MET A 31 -3.15 29.87 51.94
CA MET A 31 -4.47 29.45 51.53
C MET A 31 -5.32 30.66 51.10
N SER A 32 -5.25 31.76 51.83
CA SER A 32 -6.22 32.85 51.65
C SER A 32 -6.14 33.44 50.23
N TYR A 33 -5.10 33.08 49.46
CA TYR A 33 -5.02 33.45 48.06
C TYR A 33 -5.42 32.31 47.12
N TRP A 34 -5.22 31.06 47.56
CA TRP A 34 -5.83 29.88 46.92
C TRP A 34 -7.38 29.82 47.03
N PHE A 35 -7.96 30.69 47.87
CA PHE A 35 -9.40 31.00 47.90
C PHE A 35 -10.16 29.99 48.72
N GLU A 36 -9.41 29.14 49.41
CA GLU A 36 -9.97 28.04 50.18
C GLU A 36 -9.75 28.29 51.67
N GLU A 37 -10.61 27.73 52.49
CA GLU A 37 -10.49 27.85 53.93
C GLU A 37 -9.18 27.28 54.48
N PRO A 38 -8.45 28.01 55.35
CA PRO A 38 -7.29 27.48 56.07
C PRO A 38 -7.66 26.53 57.25
N TYR A 39 -8.38 25.45 56.94
CA TYR A 39 -8.83 24.50 57.97
C TYR A 39 -9.00 23.14 57.33
N GLU A 40 -8.28 22.16 57.87
CA GLU A 40 -8.46 20.75 57.42
C GLU A 40 -7.60 19.81 58.26
N SER A 41 -8.32 18.98 59.00
CA SER A 41 -7.79 17.73 59.60
C SER A 41 -6.82 16.99 58.70
N PHE A 42 -5.81 16.41 59.31
CA PHE A 42 -5.07 15.33 58.68
C PHE A 42 -5.98 14.21 58.18
N ASP A 43 -7.04 13.99 58.95
CA ASP A 43 -8.05 12.98 58.66
C ASP A 43 -8.90 13.35 57.45
N GLU A 44 -9.35 14.58 57.36
CA GLU A 44 -9.95 15.10 56.12
C GLU A 44 -8.93 15.16 54.93
N LEU A 45 -7.66 15.43 55.18
CA LEU A 45 -6.66 15.42 54.12
C LEU A 45 -6.42 13.99 53.62
N GLU A 46 -6.37 13.01 54.54
CA GLU A 46 -5.95 11.66 54.16
C GLU A 46 -7.13 10.88 53.59
N GLU A 47 -8.31 11.07 54.19
CA GLU A 47 -9.51 10.37 53.73
C GLU A 47 -9.95 10.90 52.37
N LEU A 48 -9.96 12.22 52.21
CA LEU A 48 -10.13 12.78 50.86
C LEU A 48 -9.04 12.31 49.89
N TYR A 49 -7.82 12.19 50.38
CA TYR A 49 -6.71 11.62 49.58
C TYR A 49 -6.97 10.15 49.17
N ASN A 50 -7.53 9.37 50.09
CA ASN A 50 -7.84 7.96 49.79
C ASN A 50 -8.95 7.86 48.76
N LYS A 51 -9.95 8.74 48.84
CA LYS A 51 -11.13 8.69 47.94
C LYS A 51 -10.77 8.93 46.48
N HIS A 52 -9.66 9.67 46.25
CA HIS A 52 -9.27 10.14 44.92
C HIS A 52 -7.99 9.51 44.29
N ILE A 53 -7.50 8.40 44.85
CA ILE A 53 -6.30 7.67 44.32
C ILE A 53 -6.35 7.32 42.82
N HIS A 54 -7.53 6.95 42.34
CA HIS A 54 -7.73 6.55 40.94
C HIS A 54 -8.26 7.66 40.02
N ASP A 55 -8.56 8.84 40.57
CA ASP A 55 -9.21 9.92 39.80
C ASP A 55 -8.35 10.49 38.65
N ASN A 56 -8.67 10.08 37.41
CA ASN A 56 -7.89 10.45 36.22
C ASN A 56 -8.09 11.93 35.95
N ALA A 57 -8.91 12.60 36.78
CA ALA A 57 -9.16 14.04 36.67
C ALA A 57 -8.21 14.96 37.43
N GLU A 58 -7.07 14.47 37.91
CA GLU A 58 -6.13 15.34 38.62
C GLU A 58 -4.79 14.71 38.69
N ARG A 59 -3.76 15.56 38.79
CA ARG A 59 -2.38 15.16 39.04
C ARG A 59 -1.87 16.09 40.11
N ARG A 60 -1.31 15.51 41.17
CA ARG A 60 -0.95 16.26 42.37
C ARG A 60 0.54 16.11 42.67
N PHE A 61 1.25 17.24 42.70
CA PHE A 61 2.68 17.15 42.62
C PHE A 61 3.38 17.73 43.81
N VAL A 62 4.23 16.90 44.40
CA VAL A 62 5.10 17.33 45.44
C VAL A 62 6.35 17.72 44.68
N VAL A 63 6.82 18.94 44.95
CA VAL A 63 8.04 19.43 44.36
C VAL A 63 9.19 19.33 45.39
N GLU A 64 10.34 18.88 44.89
CA GLU A 64 11.53 18.59 45.70
C GLU A 64 12.78 19.21 45.03
N ASP A 65 13.84 19.41 45.82
CA ASP A 65 15.10 19.86 45.24
C ASP A 65 16.04 18.66 44.99
N ALA A 66 17.36 18.90 44.99
CA ALA A 66 18.36 17.85 44.73
C ALA A 66 18.63 16.97 45.94
N GLN A 67 18.29 17.47 47.13
CA GLN A 67 18.53 16.80 48.44
C GLN A 67 17.21 16.34 49.06
N LYS A 68 16.15 16.35 48.22
CA LYS A 68 14.79 15.94 48.61
C LYS A 68 14.22 16.75 49.79
N ASN A 69 14.41 18.06 49.74
CA ASN A 69 13.80 19.02 50.64
C ASN A 69 12.50 19.51 50.03
N LEU A 70 11.39 19.33 50.74
CA LEU A 70 10.05 19.57 50.21
C LEU A 70 9.73 21.07 49.99
N ILE A 71 9.79 21.50 48.74
CA ILE A 71 9.79 22.89 48.31
C ILE A 71 8.41 23.53 48.14
N GLY A 72 7.45 22.78 47.61
CA GLY A 72 6.19 23.32 47.12
C GLY A 72 5.37 22.25 46.44
N LEU A 73 4.14 22.60 46.05
CA LEU A 73 3.20 21.65 45.42
C LEU A 73 2.73 22.19 44.09
N VAL A 74 2.01 21.37 43.35
CA VAL A 74 1.47 21.74 42.05
C VAL A 74 0.31 20.81 41.76
N GLU A 75 -0.87 21.40 41.56
CA GLU A 75 -2.03 20.68 41.10
C GLU A 75 -2.33 21.02 39.67
N LEU A 76 -2.93 20.06 39.00
CA LEU A 76 -3.58 20.30 37.71
C LEU A 76 -4.94 19.67 37.89
N ILE A 77 -6.00 20.45 37.83
CA ILE A 77 -7.29 19.91 38.28
C ILE A 77 -8.39 20.17 37.26
N GLU A 78 -9.46 19.34 37.33
CA GLU A 78 -10.65 19.51 36.50
C GLU A 78 -10.28 19.07 35.08
N ILE A 79 -9.46 18.02 35.03
CA ILE A 79 -8.83 17.59 33.80
C ILE A 79 -9.91 16.99 32.92
N ASN A 80 -10.50 17.82 32.05
CA ASN A 80 -11.54 17.39 31.11
C ASN A 80 -10.93 16.82 29.81
N TYR A 81 -11.38 15.63 29.42
CA TYR A 81 -10.83 14.94 28.25
C TYR A 81 -11.79 14.93 27.08
N ILE A 82 -12.52 16.02 26.94
CA ILE A 82 -13.14 16.35 25.65
C ILE A 82 -12.53 17.64 25.18
N HIS A 83 -12.68 18.66 26.01
CA HIS A 83 -12.20 20.00 25.75
C HIS A 83 -10.68 20.06 25.99
N ARG A 84 -10.12 19.02 26.63
CA ARG A 84 -8.69 18.87 26.97
C ARG A 84 -8.14 20.03 27.77
N SER A 85 -8.94 20.57 28.72
CA SER A 85 -8.48 21.72 29.56
C SER A 85 -8.38 21.37 31.04
N ALA A 86 -7.56 22.14 31.78
CA ALA A 86 -7.39 21.91 33.24
C ALA A 86 -7.16 23.22 33.98
N GLU A 87 -7.30 23.20 35.31
CA GLU A 87 -6.92 24.35 36.13
C GLU A 87 -5.52 24.04 36.69
N PHE A 88 -4.62 25.05 36.75
CA PHE A 88 -3.28 24.82 37.30
C PHE A 88 -3.04 25.77 38.45
N GLN A 89 -2.52 25.24 39.57
CA GLN A 89 -2.24 26.05 40.76
C GLN A 89 -0.95 25.64 41.40
N ILE A 90 -0.46 26.45 42.34
CA ILE A 90 0.88 26.27 42.88
C ILE A 90 1.11 27.02 44.21
N ILE A 91 1.68 26.32 45.16
CA ILE A 91 2.13 26.93 46.40
C ILE A 91 3.60 26.68 46.33
N ILE A 92 4.38 27.58 46.92
CA ILE A 92 5.78 27.30 47.28
C ILE A 92 5.88 27.58 48.77
N ALA A 93 6.13 26.52 49.54
CA ALA A 93 6.35 26.56 50.98
C ALA A 93 7.07 27.78 51.57
N PRO A 94 6.48 28.43 52.58
CA PRO A 94 7.01 29.65 53.17
C PRO A 94 8.53 29.72 53.28
N GLU A 95 9.19 28.57 53.53
CA GLU A 95 10.66 28.51 53.73
C GLU A 95 11.49 28.48 52.43
N HIS A 96 10.82 28.41 51.27
CA HIS A 96 11.49 28.36 49.97
C HIS A 96 10.87 29.32 48.95
N GLN A 97 10.23 30.37 49.44
CA GLN A 97 9.76 31.48 48.59
C GLN A 97 10.84 32.57 48.36
N GLY A 98 10.80 33.23 47.22
CA GLY A 98 11.71 34.33 46.98
C GLY A 98 13.11 33.77 46.78
N LYS A 99 13.20 32.77 45.92
CA LYS A 99 14.50 32.19 45.56
C LYS A 99 14.56 31.97 44.05
N GLY A 100 13.60 32.57 43.34
CA GLY A 100 13.52 32.44 41.89
C GLY A 100 13.10 31.06 41.42
N PHE A 101 12.20 30.41 42.15
CA PHE A 101 11.74 29.08 41.77
C PHE A 101 10.45 28.98 40.98
N ALA A 102 9.47 29.81 41.31
CA ALA A 102 8.19 29.83 40.58
C ALA A 102 8.18 29.54 39.07
N ARG A 103 9.12 30.08 38.30
CA ARG A 103 9.07 29.85 36.84
C ARG A 103 9.37 28.40 36.47
N THR A 104 10.50 27.90 36.96
CA THR A 104 10.80 26.50 36.80
C THR A 104 9.53 25.70 37.08
N LEU A 105 8.91 25.96 38.23
CA LEU A 105 7.71 25.20 38.64
C LEU A 105 6.48 25.38 37.72
N ILE A 106 6.16 26.62 37.35
CA ILE A 106 5.14 26.82 36.32
C ILE A 106 5.54 26.06 35.02
N ASN A 107 6.80 26.13 34.63
CA ASN A 107 7.24 25.54 33.35
C ASN A 107 7.10 24.03 33.32
N ARG A 108 7.67 23.40 34.35
CA ARG A 108 7.58 21.96 34.55
C ARG A 108 6.12 21.50 34.43
N ALA A 109 5.20 22.27 35.01
CA ALA A 109 3.78 21.91 35.03
C ALA A 109 3.19 22.02 33.65
N LEU A 110 3.50 23.13 32.97
CA LEU A 110 3.06 23.33 31.61
C LEU A 110 3.75 22.35 30.68
N ASP A 111 4.94 21.89 31.06
CA ASP A 111 5.59 20.84 30.27
C ASP A 111 4.82 19.52 30.44
N TYR A 112 4.40 19.23 31.68
CA TYR A 112 3.65 18.01 31.99
C TYR A 112 2.28 17.98 31.37
N SER A 113 1.63 19.12 31.31
CA SER A 113 0.27 19.20 30.86
C SER A 113 0.29 19.10 29.37
N PHE A 114 1.32 19.65 28.75
CA PHE A 114 1.37 19.77 27.30
C PHE A 114 2.16 18.68 26.59
N THR A 115 3.23 18.19 27.18
CA THR A 115 4.04 17.19 26.52
C THR A 115 3.70 15.78 26.96
N ILE A 116 2.97 15.67 28.09
CA ILE A 116 2.49 14.39 28.65
C ILE A 116 0.96 14.24 28.72
N LEU A 117 0.30 15.08 29.50
CA LEU A 117 -1.15 15.01 29.59
C LEU A 117 -1.81 15.31 28.26
N ASN A 118 -1.20 16.20 27.47
CA ASN A 118 -1.67 16.48 26.10
C ASN A 118 -2.89 17.40 26.17
N LEU A 119 -2.85 18.34 27.09
CA LEU A 119 -3.98 19.21 27.26
C LEU A 119 -3.91 20.37 26.28
N HIS A 120 -5.08 20.85 25.91
CA HIS A 120 -5.15 21.96 25.01
C HIS A 120 -5.03 23.34 25.71
N LYS A 121 -5.41 23.44 26.98
CA LYS A 121 -5.52 24.72 27.64
C LYS A 121 -5.30 24.57 29.12
N ILE A 122 -4.24 25.18 29.61
CA ILE A 122 -4.00 25.36 31.04
C ILE A 122 -4.32 26.82 31.49
N TYR A 123 -5.21 26.88 32.49
CA TYR A 123 -5.76 28.10 33.01
C TYR A 123 -5.49 28.16 34.50
N LEU A 124 -5.28 29.37 35.01
CA LEU A 124 -5.05 29.68 36.43
C LEU A 124 -5.96 30.84 36.82
N HIS A 125 -6.34 30.91 38.10
CA HIS A 125 -7.20 31.97 38.63
C HIS A 125 -6.33 32.72 39.59
N VAL A 126 -6.12 34.02 39.33
CA VAL A 126 -5.21 34.82 40.14
C VAL A 126 -5.81 36.10 40.69
N ALA A 127 -5.45 36.42 41.95
CA ALA A 127 -5.97 37.62 42.65
C ALA A 127 -5.24 38.89 42.26
N VAL A 128 -6.00 39.97 42.20
CA VAL A 128 -5.49 41.28 41.89
C VAL A 128 -4.53 41.69 42.99
N GLU A 129 -4.89 41.47 44.25
CA GLU A 129 -4.00 41.87 45.38
C GLU A 129 -2.75 41.01 45.58
N ASN A 130 -2.30 40.40 44.49
CA ASN A 130 -1.13 39.56 44.48
C ASN A 130 -0.36 39.89 43.20
N PRO A 131 0.25 41.08 43.15
CA PRO A 131 0.69 41.59 41.85
C PRO A 131 1.86 40.81 41.22
N LYS A 132 2.59 40.04 42.04
CA LYS A 132 3.74 39.23 41.57
C LYS A 132 3.33 37.80 41.19
N ALA A 133 2.11 37.42 41.54
CA ALA A 133 1.48 36.23 40.97
C ALA A 133 1.08 36.51 39.53
N VAL A 134 0.40 37.64 39.30
CA VAL A 134 0.03 38.12 37.95
C VAL A 134 1.26 38.20 37.04
N HIS A 135 2.28 38.88 37.58
CA HIS A 135 3.56 39.09 36.88
C HIS A 135 4.39 37.87 36.40
N LEU A 136 4.86 37.07 37.35
CA LEU A 136 5.40 35.75 37.08
C LEU A 136 4.58 34.96 36.07
N TYR A 137 3.26 35.03 36.17
CA TYR A 137 2.39 34.32 35.25
C TYR A 137 2.50 34.89 33.86
N GLU A 138 2.54 36.20 33.71
CA GLU A 138 2.78 36.79 32.39
C GLU A 138 4.13 36.32 31.82
N GLU A 139 5.21 36.48 32.59
CA GLU A 139 6.54 36.02 32.14
C GLU A 139 6.56 34.60 31.55
N CYS A 140 5.75 33.73 32.12
CA CYS A 140 5.69 32.34 31.71
C CYS A 140 4.84 32.15 30.46
N GLY A 141 4.13 33.22 30.06
CA GLY A 141 3.28 33.23 28.86
C GLY A 141 1.77 33.31 29.02
N PHE A 142 1.23 33.37 30.25
CA PHE A 142 -0.21 33.25 30.44
C PHE A 142 -0.92 34.54 30.03
N VAL A 143 -2.07 34.39 29.40
CA VAL A 143 -2.90 35.52 29.01
C VAL A 143 -4.16 35.68 29.87
N GLU A 144 -4.38 36.87 30.41
CA GLU A 144 -5.69 37.19 30.94
C GLU A 144 -6.82 37.02 29.87
N GLU A 145 -7.90 36.39 30.31
CA GLU A 145 -9.17 36.34 29.55
C GLU A 145 -10.35 36.78 30.45
N GLY A 146 -10.08 37.11 31.71
CA GLY A 146 -11.20 37.50 32.57
C GLY A 146 -10.83 38.27 33.81
N HIS A 147 -11.83 38.96 34.32
CA HIS A 147 -11.74 39.67 35.55
C HIS A 147 -13.07 39.52 36.25
N LEU A 148 -13.05 38.69 37.26
CA LEU A 148 -14.23 38.22 37.89
C LEU A 148 -14.46 39.14 39.13
N VAL A 149 -15.70 39.64 39.24
CA VAL A 149 -16.04 40.70 40.19
C VAL A 149 -16.47 40.11 41.51
N GLU A 150 -15.68 40.40 42.56
CA GLU A 150 -16.00 40.00 43.91
C GLU A 150 -16.40 38.53 43.86
N GLU A 151 -15.57 37.66 43.29
CA GLU A 151 -15.97 36.26 43.00
C GLU A 151 -15.73 35.38 44.22
N PHE A 152 -14.86 35.86 45.10
CA PHE A 152 -14.49 35.10 46.29
C PHE A 152 -14.41 36.07 47.48
N PHE A 153 -15.00 35.73 48.64
CA PHE A 153 -14.73 36.40 49.95
C PHE A 153 -13.41 35.95 50.59
N ILE A 154 -12.48 36.85 50.91
CA ILE A 154 -11.13 36.41 51.29
C ILE A 154 -10.63 36.80 52.70
N ASN A 155 -10.33 38.08 52.92
CA ASN A 155 -9.83 38.53 54.25
C ASN A 155 -10.65 39.71 54.78
N GLY A 156 -11.82 39.40 55.31
CA GLY A 156 -12.79 40.42 55.68
C GLY A 156 -13.76 40.88 54.60
N ARG A 157 -13.39 40.80 53.32
CA ARG A 157 -14.15 41.44 52.21
C ARG A 157 -14.04 40.75 50.82
N TYR A 158 -15.05 41.01 49.96
CA TYR A 158 -15.11 40.44 48.59
C TYR A 158 -14.06 41.01 47.66
N GLN A 159 -13.36 40.13 46.97
CA GLN A 159 -12.27 40.53 46.10
C GLN A 159 -12.47 39.97 44.72
N ASP A 160 -11.92 40.67 43.72
CA ASP A 160 -11.94 40.24 42.33
C ASP A 160 -10.72 39.35 42.13
N VAL A 161 -10.84 38.42 41.19
CA VAL A 161 -9.69 37.66 40.68
C VAL A 161 -9.68 37.67 39.14
N LYS A 162 -8.50 37.52 38.55
CA LYS A 162 -8.35 37.39 37.09
C LYS A 162 -8.26 35.91 36.67
N ARG A 163 -8.57 35.66 35.41
CA ARG A 163 -8.34 34.35 34.77
C ARG A 163 -7.28 34.56 33.68
N MET A 164 -6.34 33.64 33.66
CA MET A 164 -5.23 33.71 32.72
C MET A 164 -4.92 32.32 32.21
N TYR A 165 -4.49 32.27 30.93
CA TYR A 165 -4.39 31.01 30.20
C TYR A 165 -3.24 30.97 29.21
N ILE A 166 -2.70 29.77 28.99
CA ILE A 166 -1.87 29.44 27.81
C ILE A 166 -2.36 28.18 27.13
N LEU A 167 -2.27 28.16 25.81
CA LEU A 167 -2.66 27.00 24.99
C LEU A 167 -1.43 26.13 24.64
N GLN A 168 -1.67 24.83 24.36
CA GLN A 168 -0.57 23.92 23.93
C GLN A 168 0.20 24.55 22.77
N SER A 169 -0.58 25.21 21.92
CA SER A 169 -0.13 25.99 20.78
C SER A 169 1.03 26.91 21.09
N LYS A 170 0.86 27.67 22.15
CA LYS A 170 1.76 28.75 22.51
C LYS A 170 2.97 28.21 23.25
N TYR A 171 2.75 27.20 24.08
CA TYR A 171 3.86 26.68 24.89
C TYR A 171 4.80 25.75 24.08
N LEU A 172 4.27 24.88 23.24
CA LEU A 172 5.19 23.99 22.52
C LEU A 172 6.03 24.69 21.43
N ASN A 173 5.75 25.96 21.15
CA ASN A 173 6.64 26.77 20.28
C ASN A 173 6.98 28.13 20.88
N ARG A 174 7.99 28.12 21.77
CA ARG A 174 8.67 29.33 22.25
C ARG A 174 9.90 28.93 23.05
N ASN B 5 -45.49 33.09 30.56
CA ASN B 5 -46.33 34.11 31.27
C ASN B 5 -46.06 34.12 32.79
N SER B 6 -46.95 34.75 33.56
CA SER B 6 -46.93 34.69 35.01
C SER B 6 -47.32 33.31 35.52
N GLN B 7 -47.99 32.51 34.70
CA GLN B 7 -48.37 31.13 35.06
C GLN B 7 -47.15 30.20 35.33
N LEU B 8 -46.02 30.48 34.70
CA LEU B 8 -44.76 29.69 34.86
C LEU B 8 -44.27 29.52 36.33
N THR B 9 -43.96 28.29 36.72
CA THR B 9 -43.43 28.03 38.07
C THR B 9 -42.19 27.22 37.97
N LEU B 10 -41.43 27.23 39.07
CA LEU B 10 -40.35 26.26 39.28
C LEU B 10 -40.60 25.29 40.46
N ARG B 11 -40.12 24.06 40.26
CA ARG B 11 -40.25 22.99 41.25
C ARG B 11 -39.05 22.01 41.21
N ALA B 12 -38.52 21.69 42.38
CA ALA B 12 -37.53 20.61 42.52
C ALA B 12 -37.79 19.42 41.57
N LEU B 13 -36.74 19.04 40.86
CA LEU B 13 -36.75 17.88 39.96
C LEU B 13 -37.23 16.69 40.74
N GLU B 14 -37.76 15.68 40.04
N GLU B 14 -37.79 15.71 40.03
CA GLU B 14 -38.30 14.48 40.70
CA GLU B 14 -38.35 14.49 40.63
C GLU B 14 -38.21 13.30 39.77
C GLU B 14 -38.01 13.29 39.79
N ARG B 15 -38.17 12.10 40.35
CA ARG B 15 -37.92 10.86 39.60
C ARG B 15 -38.90 10.64 38.45
N GLY B 16 -40.12 11.13 38.64
CA GLY B 16 -41.13 11.12 37.58
C GLY B 16 -40.72 11.95 36.38
N ASP B 17 -40.02 13.05 36.64
CA ASP B 17 -39.48 13.95 35.60
C ASP B 17 -38.27 13.46 34.76
N LEU B 18 -37.77 12.22 34.99
CA LEU B 18 -36.47 11.82 34.42
C LEU B 18 -36.47 11.38 32.94
N ARG B 19 -37.61 11.02 32.34
CA ARG B 19 -37.65 10.87 30.86
C ARG B 19 -37.54 12.25 30.16
N PHE B 20 -38.25 13.26 30.67
CA PHE B 20 -38.24 14.60 30.08
C PHE B 20 -36.82 15.20 30.10
N ILE B 21 -36.06 14.95 31.16
CA ILE B 21 -34.70 15.44 31.28
C ILE B 21 -33.73 14.62 30.41
N HIS B 22 -33.96 13.31 30.35
CA HIS B 22 -33.13 12.45 29.50
C HIS B 22 -33.27 12.87 28.03
N ASN B 23 -34.50 12.95 27.54
CA ASN B 23 -34.76 13.39 26.19
C ASN B 23 -34.00 14.70 25.77
N LEU B 24 -33.76 15.61 26.72
CA LEU B 24 -33.01 16.87 26.49
C LEU B 24 -31.51 16.71 26.59
N ASN B 25 -31.10 15.74 27.40
CA ASN B 25 -29.69 15.39 27.62
C ASN B 25 -29.08 14.60 26.49
N ASN B 26 -29.93 14.07 25.60
CA ASN B 26 -29.47 13.33 24.41
C ASN B 26 -29.68 14.11 23.08
N ASN B 27 -30.09 15.38 23.17
CA ASN B 27 -30.33 16.27 22.01
C ASN B 27 -29.03 16.97 21.78
N ARG B 28 -28.32 16.49 20.76
CA ARG B 28 -27.09 17.06 20.30
C ARG B 28 -27.14 18.59 20.34
N ASN B 29 -28.21 19.17 19.78
CA ASN B 29 -28.31 20.63 19.60
C ASN B 29 -28.77 21.45 20.83
N ILE B 30 -29.73 20.94 21.60
CA ILE B 30 -29.97 21.54 22.92
C ILE B 30 -28.66 21.44 23.72
N MET B 31 -28.08 20.24 23.81
CA MET B 31 -26.84 20.07 24.57
C MET B 31 -25.60 20.78 23.99
N SER B 32 -25.69 21.27 22.75
CA SER B 32 -24.54 21.93 22.09
C SER B 32 -24.12 23.26 22.73
N TYR B 33 -25.06 23.97 23.35
CA TYR B 33 -24.80 25.30 23.90
C TYR B 33 -24.63 25.22 25.40
N TRP B 34 -24.60 23.98 25.90
CA TRP B 34 -24.35 23.65 27.30
C TRP B 34 -22.95 23.02 27.41
N PHE B 35 -22.28 22.82 26.27
CA PHE B 35 -20.86 22.41 26.24
C PHE B 35 -20.68 21.00 26.73
N GLU B 36 -21.75 20.23 26.68
CA GLU B 36 -21.79 18.93 27.36
C GLU B 36 -22.14 17.91 26.28
N GLU B 37 -21.51 16.76 26.38
CA GLU B 37 -21.69 15.68 25.45
C GLU B 37 -23.12 15.14 25.50
N PRO B 38 -23.78 15.06 24.37
CA PRO B 38 -25.08 14.41 24.32
C PRO B 38 -24.99 12.85 24.39
N TYR B 39 -24.68 12.33 25.56
CA TYR B 39 -24.73 10.88 25.77
C TYR B 39 -24.85 10.63 27.23
N GLU B 40 -26.06 10.35 27.62
CA GLU B 40 -26.37 9.89 28.93
C GLU B 40 -27.45 8.82 28.79
N SER B 41 -27.10 7.64 29.24
CA SER B 41 -28.04 6.55 29.39
C SER B 41 -28.97 6.96 30.51
N PHE B 42 -30.21 6.51 30.42
CA PHE B 42 -31.22 6.72 31.43
C PHE B 42 -30.82 5.99 32.71
N ASP B 43 -29.87 5.06 32.60
CA ASP B 43 -29.28 4.41 33.77
C ASP B 43 -28.26 5.30 34.49
N GLU B 44 -27.36 5.91 33.71
CA GLU B 44 -26.32 6.81 34.25
C GLU B 44 -26.93 8.06 34.90
N LEU B 45 -27.90 8.65 34.21
CA LEU B 45 -28.62 9.84 34.67
C LEU B 45 -29.36 9.46 35.95
N GLU B 46 -30.11 8.36 35.89
CA GLU B 46 -30.94 7.99 36.99
C GLU B 46 -30.01 7.91 38.13
N GLU B 47 -28.85 7.27 37.92
CA GLU B 47 -27.94 6.96 39.03
C GLU B 47 -27.20 8.15 39.52
N LEU B 48 -26.92 9.07 38.63
CA LEU B 48 -26.31 10.32 39.02
C LEU B 48 -27.29 11.15 39.86
N TYR B 49 -28.54 11.21 39.42
CA TYR B 49 -29.65 11.75 40.24
C TYR B 49 -29.70 11.21 41.68
N ASN B 50 -29.73 9.89 41.86
CA ASN B 50 -29.74 9.24 43.21
C ASN B 50 -28.53 9.54 44.08
N LYS B 51 -27.35 9.48 43.50
CA LYS B 51 -26.09 9.76 44.18
C LYS B 51 -26.10 11.15 44.75
N HIS B 52 -26.83 12.05 44.07
CA HIS B 52 -26.92 13.49 44.42
C HIS B 52 -28.20 13.95 45.10
N ILE B 53 -29.08 13.04 45.46
CA ILE B 53 -30.29 13.40 46.22
C ILE B 53 -30.04 14.41 47.36
N HIS B 54 -28.95 14.24 48.09
CA HIS B 54 -28.69 15.02 49.32
C HIS B 54 -27.52 16.00 49.22
N ASP B 55 -26.78 15.96 48.08
CA ASP B 55 -25.75 16.94 47.75
C ASP B 55 -26.37 18.30 47.82
N ASN B 56 -26.04 19.05 48.87
CA ASN B 56 -26.53 20.40 49.03
C ASN B 56 -25.91 21.43 48.07
N ALA B 57 -24.93 21.02 47.26
CA ALA B 57 -24.27 21.90 46.26
C ALA B 57 -25.02 22.09 44.92
N GLU B 58 -26.26 21.65 44.85
CA GLU B 58 -27.03 21.91 43.66
C GLU B 58 -28.51 21.98 43.91
N ARG B 59 -29.15 22.77 43.07
CA ARG B 59 -30.59 22.75 42.96
C ARG B 59 -30.93 22.56 41.51
N ARG B 60 -31.67 21.49 41.27
CA ARG B 60 -32.16 21.18 39.96
C ARG B 60 -33.67 21.30 39.95
N PHE B 61 -34.16 22.19 39.08
CA PHE B 61 -35.55 22.64 39.02
C PHE B 61 -36.22 22.29 37.72
N VAL B 62 -37.45 21.83 37.81
CA VAL B 62 -38.17 21.53 36.60
C VAL B 62 -39.12 22.67 36.38
N VAL B 63 -39.24 23.09 35.13
CA VAL B 63 -40.06 24.23 34.80
C VAL B 63 -41.41 23.81 34.21
N GLU B 64 -42.49 24.36 34.79
CA GLU B 64 -43.87 24.00 34.41
C GLU B 64 -44.80 25.19 34.19
N ASP B 65 -45.68 25.04 33.23
CA ASP B 65 -46.81 25.97 33.00
C ASP B 65 -48.03 25.59 33.91
N ALA B 66 -49.24 26.04 33.55
CA ALA B 66 -50.46 25.73 34.32
C ALA B 66 -51.07 24.35 34.01
N GLN B 67 -51.07 23.99 32.72
CA GLN B 67 -51.72 22.77 32.29
C GLN B 67 -50.84 21.53 32.63
N LYS B 68 -49.75 21.79 33.37
CA LYS B 68 -48.75 20.79 33.81
C LYS B 68 -47.87 20.26 32.66
N ASN B 69 -47.54 21.13 31.72
CA ASN B 69 -46.58 20.81 30.67
C ASN B 69 -45.19 21.19 31.15
N LEU B 70 -44.23 20.27 31.00
CA LEU B 70 -42.85 20.53 31.41
C LEU B 70 -42.16 21.36 30.35
N ILE B 71 -41.78 22.55 30.77
CA ILE B 71 -41.30 23.57 29.85
C ILE B 71 -39.80 23.43 29.58
N GLY B 72 -39.05 23.06 30.61
CA GLY B 72 -37.60 23.03 30.51
C GLY B 72 -37.00 22.85 31.88
N LEU B 73 -35.76 23.31 32.04
CA LEU B 73 -34.99 23.09 33.26
C LEU B 73 -34.16 24.30 33.59
N VAL B 74 -34.19 24.70 34.87
CA VAL B 74 -33.25 25.67 35.47
C VAL B 74 -32.35 24.91 36.46
N GLU B 75 -31.04 25.12 36.41
CA GLU B 75 -30.13 24.47 37.35
C GLU B 75 -29.20 25.47 38.03
N LEU B 76 -29.09 25.35 39.36
CA LEU B 76 -27.98 25.93 40.12
C LEU B 76 -26.99 24.84 40.53
N ILE B 77 -25.73 25.02 40.15
CA ILE B 77 -24.65 24.09 40.52
C ILE B 77 -23.51 24.90 41.13
N GLU B 78 -22.53 24.22 41.74
CA GLU B 78 -21.29 24.82 42.30
C GLU B 78 -21.59 25.92 43.38
N ILE B 79 -22.67 25.69 44.13
CA ILE B 79 -23.08 26.56 45.22
C ILE B 79 -21.98 26.46 46.28
N ASN B 80 -21.37 27.61 46.60
CA ASN B 80 -20.35 27.67 47.62
C ASN B 80 -20.82 28.62 48.72
N TYR B 81 -20.96 28.11 49.95
CA TYR B 81 -21.60 28.86 51.02
C TYR B 81 -20.61 29.81 51.73
N ILE B 82 -19.34 29.75 51.30
CA ILE B 82 -18.26 30.56 51.88
C ILE B 82 -18.11 31.89 51.13
N HIS B 83 -18.02 31.80 49.81
CA HIS B 83 -17.95 33.00 48.94
C HIS B 83 -19.35 33.40 48.48
N ARG B 84 -20.35 32.56 48.72
CA ARG B 84 -21.69 32.74 48.17
C ARG B 84 -21.70 33.03 46.65
N SER B 85 -21.53 31.97 45.85
CA SER B 85 -21.55 32.04 44.40
C SER B 85 -22.16 30.76 43.81
N ALA B 86 -22.81 30.87 42.65
CA ALA B 86 -23.37 29.69 41.97
C ALA B 86 -23.43 29.80 40.43
N GLU B 87 -23.31 28.67 39.74
CA GLU B 87 -23.49 28.63 38.28
C GLU B 87 -24.93 28.30 37.87
N PHE B 88 -25.49 29.10 36.95
CA PHE B 88 -26.87 28.89 36.49
C PHE B 88 -26.91 28.41 35.03
N GLN B 89 -27.86 27.52 34.77
CA GLN B 89 -27.98 26.77 33.53
C GLN B 89 -29.47 26.68 33.23
N ILE B 90 -29.85 27.11 32.04
CA ILE B 90 -31.24 27.05 31.63
C ILE B 90 -31.33 26.38 30.25
N ILE B 91 -32.31 25.49 30.13
CA ILE B 91 -32.73 24.89 28.87
C ILE B 91 -34.25 25.02 28.79
N ILE B 92 -34.77 25.67 27.75
CA ILE B 92 -36.19 25.59 27.46
C ILE B 92 -36.31 24.48 26.40
N ALA B 93 -37.38 23.69 26.48
CA ALA B 93 -37.48 22.48 25.66
C ALA B 93 -37.70 22.82 24.17
N PRO B 94 -37.47 21.83 23.29
CA PRO B 94 -37.67 22.04 21.85
C PRO B 94 -39.04 22.62 21.50
N GLU B 95 -40.10 22.04 22.10
CA GLU B 95 -41.51 22.43 21.86
C GLU B 95 -41.99 23.67 22.63
N HIS B 96 -41.10 24.29 23.42
CA HIS B 96 -41.46 25.48 24.27
C HIS B 96 -40.60 26.72 24.02
N GLN B 97 -39.82 26.73 22.94
CA GLN B 97 -38.82 27.76 22.66
C GLN B 97 -39.32 28.82 21.66
N GLY B 98 -38.68 29.99 21.67
CA GLY B 98 -39.16 31.12 20.85
C GLY B 98 -40.58 31.60 21.21
N LYS B 99 -40.94 31.48 22.49
CA LYS B 99 -42.28 31.82 23.00
C LYS B 99 -42.23 32.98 23.99
N GLY B 100 -41.04 33.32 24.49
CA GLY B 100 -40.82 34.54 25.28
C GLY B 100 -40.80 34.29 26.78
N PHE B 101 -40.64 33.01 27.14
CA PHE B 101 -40.53 32.58 28.53
C PHE B 101 -39.11 32.76 29.09
N ALA B 102 -38.09 32.95 28.28
CA ALA B 102 -36.74 33.06 28.85
C ALA B 102 -36.65 34.08 30.02
N ARG B 103 -36.72 35.39 29.74
CA ARG B 103 -36.70 36.42 30.82
C ARG B 103 -37.36 35.89 32.11
N THR B 104 -38.64 35.53 32.03
CA THR B 104 -39.34 35.06 33.22
C THR B 104 -38.52 34.01 33.99
N LEU B 105 -38.20 32.88 33.34
CA LEU B 105 -37.58 31.77 34.02
C LEU B 105 -36.21 32.11 34.60
N ILE B 106 -35.45 32.96 33.91
CA ILE B 106 -34.09 33.30 34.36
C ILE B 106 -34.18 34.07 35.65
N ASN B 107 -35.31 34.77 35.79
CA ASN B 107 -35.53 35.76 36.82
C ASN B 107 -36.05 35.13 38.12
N ARG B 108 -36.48 33.86 38.01
CA ARG B 108 -36.94 33.06 39.16
C ARG B 108 -35.80 32.23 39.78
N ALA B 109 -34.73 31.97 39.00
CA ALA B 109 -33.46 31.41 39.49
C ALA B 109 -32.62 32.44 40.24
N LEU B 110 -32.67 33.70 39.81
CA LEU B 110 -32.15 34.79 40.63
C LEU B 110 -33.05 34.98 41.86
N ASP B 111 -34.34 35.19 41.63
CA ASP B 111 -35.29 35.27 42.73
C ASP B 111 -34.97 34.20 43.76
N TYR B 112 -34.59 33.01 43.30
CA TYR B 112 -34.36 31.87 44.17
C TYR B 112 -33.01 31.89 44.83
N SER B 113 -32.02 32.25 44.03
CA SER B 113 -30.64 32.29 44.46
C SER B 113 -30.54 33.38 45.47
N PHE B 114 -31.29 34.47 45.21
CA PHE B 114 -31.16 35.70 45.94
C PHE B 114 -32.15 35.86 47.07
N THR B 115 -33.41 35.51 46.85
CA THR B 115 -34.42 35.65 47.88
C THR B 115 -34.47 34.42 48.81
N ILE B 116 -33.81 33.30 48.44
CA ILE B 116 -33.89 32.09 49.26
C ILE B 116 -32.55 31.50 49.74
N LEU B 117 -31.61 31.32 48.84
CA LEU B 117 -30.30 30.80 49.22
C LEU B 117 -29.39 31.95 49.76
N ASN B 118 -29.84 33.21 49.56
CA ASN B 118 -29.14 34.37 50.10
C ASN B 118 -27.72 34.40 49.49
N LEU B 119 -27.65 34.10 48.19
CA LEU B 119 -26.37 34.02 47.52
C LEU B 119 -25.90 35.43 47.26
N HIS B 120 -24.59 35.58 47.11
CA HIS B 120 -23.96 36.85 46.78
C HIS B 120 -23.81 36.99 45.26
N LYS B 121 -23.47 35.92 44.52
CA LYS B 121 -23.22 36.09 43.07
C LYS B 121 -23.71 34.91 42.27
N ILE B 122 -24.32 35.18 41.10
CA ILE B 122 -24.64 34.09 40.16
C ILE B 122 -23.88 34.38 38.92
N TYR B 123 -23.21 33.38 38.38
CA TYR B 123 -22.49 33.52 37.11
C TYR B 123 -22.85 32.40 36.16
N LEU B 124 -22.81 32.71 34.87
CA LEU B 124 -23.09 31.74 33.83
C LEU B 124 -21.94 31.67 32.85
N HIS B 125 -22.06 30.78 31.88
CA HIS B 125 -21.12 30.67 30.78
C HIS B 125 -21.93 30.52 29.50
N VAL B 126 -21.58 31.29 28.47
CA VAL B 126 -22.37 31.33 27.23
C VAL B 126 -21.54 31.51 26.00
N ALA B 127 -21.78 30.61 25.04
CA ALA B 127 -21.08 30.66 23.75
C ALA B 127 -21.33 31.99 23.14
N VAL B 128 -20.27 32.73 22.89
CA VAL B 128 -20.27 33.87 21.94
C VAL B 128 -21.02 33.57 20.60
N GLU B 129 -21.09 32.28 20.21
CA GLU B 129 -21.71 31.80 18.94
C GLU B 129 -23.17 31.32 19.17
N ASN B 130 -23.70 31.73 20.31
CA ASN B 130 -25.07 31.55 20.65
C ASN B 130 -25.36 32.94 21.18
N PRO B 131 -25.36 33.95 20.26
CA PRO B 131 -25.36 35.37 20.56
C PRO B 131 -26.77 35.91 20.65
N LYS B 132 -27.66 35.05 21.15
CA LYS B 132 -29.05 35.36 21.39
C LYS B 132 -29.26 35.30 22.92
N ALA B 133 -28.62 34.28 23.51
CA ALA B 133 -28.59 34.01 24.93
C ALA B 133 -27.87 35.12 25.73
N VAL B 134 -26.89 35.77 25.08
CA VAL B 134 -25.99 36.73 25.73
C VAL B 134 -26.72 38.07 25.88
N HIS B 135 -27.70 38.26 25.01
CA HIS B 135 -28.51 39.48 24.99
C HIS B 135 -29.69 39.31 25.94
N LEU B 136 -30.27 38.11 25.91
CA LEU B 136 -31.15 37.59 26.98
C LEU B 136 -30.62 37.82 28.42
N TYR B 137 -29.37 37.41 28.67
CA TYR B 137 -28.76 37.58 30.00
C TYR B 137 -28.48 39.03 30.32
N GLU B 138 -27.91 39.73 29.35
CA GLU B 138 -27.67 41.18 29.47
C GLU B 138 -28.96 41.81 29.90
N GLU B 139 -30.01 41.59 29.11
CA GLU B 139 -31.33 42.17 29.38
C GLU B 139 -31.95 41.74 30.70
N CYS B 140 -31.27 40.85 31.42
CA CYS B 140 -31.63 40.47 32.78
C CYS B 140 -30.70 41.07 33.85
N GLY B 141 -29.64 41.74 33.40
CA GLY B 141 -28.74 42.44 34.30
C GLY B 141 -27.41 41.79 34.51
N PHE B 142 -27.08 40.85 33.63
CA PHE B 142 -25.80 40.14 33.66
C PHE B 142 -24.81 40.93 32.83
N VAL B 143 -23.62 41.11 33.38
CA VAL B 143 -22.49 41.79 32.75
C VAL B 143 -21.38 40.76 32.49
N GLU B 144 -20.56 41.02 31.48
CA GLU B 144 -19.48 40.13 31.02
C GLU B 144 -18.25 40.32 31.84
N GLU B 145 -17.66 39.22 32.33
CA GLU B 145 -16.43 39.30 33.12
C GLU B 145 -15.24 38.45 32.61
N GLY B 146 -15.35 37.85 31.44
CA GLY B 146 -14.22 37.16 30.83
C GLY B 146 -14.59 36.69 29.44
N HIS B 147 -13.61 36.70 28.54
CA HIS B 147 -13.78 36.17 27.16
C HIS B 147 -13.00 34.88 27.05
N LEU B 148 -13.53 33.81 27.61
CA LEU B 148 -12.75 32.59 27.69
C LEU B 148 -12.36 32.15 26.26
N VAL B 149 -11.06 32.04 26.03
CA VAL B 149 -10.56 31.73 24.70
C VAL B 149 -10.37 30.24 24.51
N GLU B 150 -11.16 29.69 23.58
CA GLU B 150 -10.99 28.32 23.13
C GLU B 150 -11.10 27.29 24.28
N GLU B 151 -12.02 27.62 25.20
CA GLU B 151 -12.40 26.83 26.39
C GLU B 151 -12.92 25.40 26.08
N PHE B 152 -14.02 25.32 25.32
CA PHE B 152 -14.85 24.15 25.18
C PHE B 152 -14.93 23.70 23.74
N PHE B 153 -14.53 22.47 23.45
CA PHE B 153 -14.73 21.81 22.12
C PHE B 153 -16.23 21.55 21.81
N ILE B 154 -16.78 22.40 20.95
CA ILE B 154 -18.14 22.28 20.40
C ILE B 154 -18.04 22.08 18.85
N ASN B 155 -18.54 20.94 18.34
CA ASN B 155 -18.90 20.77 16.91
C ASN B 155 -17.77 20.77 15.89
N GLY B 156 -16.58 20.44 16.32
CA GLY B 156 -15.47 20.27 15.40
C GLY B 156 -14.32 21.21 15.65
N ARG B 157 -14.48 22.12 16.63
CA ARG B 157 -13.54 23.17 16.89
C ARG B 157 -13.66 23.73 18.31
N TYR B 158 -12.59 24.37 18.76
CA TYR B 158 -12.55 25.11 20.01
C TYR B 158 -13.30 26.46 19.94
N GLN B 159 -14.32 26.59 20.79
CA GLN B 159 -15.14 27.79 20.81
C GLN B 159 -15.09 28.59 22.13
N ASP B 160 -15.11 29.91 21.93
CA ASP B 160 -14.96 30.92 22.99
C ASP B 160 -16.29 31.11 23.76
N VAL B 161 -16.22 31.58 24.98
CA VAL B 161 -17.45 31.76 25.77
C VAL B 161 -17.35 32.96 26.70
N LYS B 162 -18.48 33.60 27.00
CA LYS B 162 -18.46 34.75 27.91
C LYS B 162 -18.87 34.30 29.28
N ARG B 163 -18.03 34.57 30.28
CA ARG B 163 -18.44 34.41 31.67
C ARG B 163 -19.18 35.70 32.03
N MET B 164 -20.41 35.55 32.50
CA MET B 164 -21.23 36.69 32.84
C MET B 164 -21.67 36.51 34.25
N TYR B 165 -22.32 37.53 34.80
CA TYR B 165 -22.50 37.65 36.26
C TYR B 165 -23.37 38.83 36.69
N ILE B 166 -24.15 38.59 37.76
CA ILE B 166 -24.99 39.60 38.40
C ILE B 166 -24.91 39.35 39.90
N LEU B 167 -24.81 40.44 40.68
CA LEU B 167 -24.61 40.34 42.16
C LEU B 167 -25.91 40.39 42.88
N GLN B 168 -25.87 40.09 44.16
CA GLN B 168 -27.10 39.92 44.88
C GLN B 168 -27.91 41.22 44.98
N SER B 169 -27.37 42.27 45.61
CA SER B 169 -28.13 43.51 45.74
C SER B 169 -28.76 43.80 44.39
N LYS B 170 -27.90 43.93 43.37
CA LYS B 170 -28.29 44.35 42.02
C LYS B 170 -29.62 43.76 41.64
N TYR B 171 -29.76 42.46 41.88
CA TYR B 171 -31.01 41.78 41.61
C TYR B 171 -32.08 42.19 42.63
N LEU B 172 -31.86 41.81 43.89
CA LEU B 172 -32.79 42.15 45.01
C LEU B 172 -33.43 43.56 45.07
N ASN B 173 -32.73 44.60 44.63
CA ASN B 173 -33.14 46.00 44.87
C ASN B 173 -34.09 46.61 43.84
N ASN C 5 23.09 -13.59 30.67
CA ASN C 5 23.67 -14.59 31.63
C ASN C 5 22.64 -15.58 32.19
N SER C 6 23.13 -16.61 32.86
CA SER C 6 22.30 -17.71 33.38
C SER C 6 21.82 -17.53 34.82
N GLN C 7 22.22 -16.42 35.44
CA GLN C 7 21.78 -16.09 36.77
C GLN C 7 20.45 -15.33 36.80
N LEU C 8 19.94 -14.91 35.63
CA LEU C 8 18.68 -14.15 35.56
C LEU C 8 17.48 -15.07 35.56
N THR C 9 16.66 -14.93 36.59
CA THR C 9 15.52 -15.80 36.80
C THR C 9 14.27 -14.96 36.97
N LEU C 10 13.12 -15.44 36.48
CA LEU C 10 11.84 -14.78 36.69
C LEU C 10 11.11 -15.37 37.89
N ARG C 11 10.53 -14.51 38.72
CA ARG C 11 9.59 -14.92 39.76
C ARG C 11 8.44 -13.96 39.79
N ALA C 12 7.28 -14.45 40.16
CA ALA C 12 6.10 -13.62 40.42
C ALA C 12 6.41 -12.30 41.12
N LEU C 13 5.74 -11.24 40.68
CA LEU C 13 5.82 -9.96 41.36
C LEU C 13 5.30 -10.15 42.81
N GLU C 14 5.95 -9.48 43.76
CA GLU C 14 5.53 -9.51 45.17
C GLU C 14 5.36 -8.10 45.77
N ARG C 15 4.49 -8.02 46.77
CA ARG C 15 4.17 -6.78 47.46
C ARG C 15 5.47 -6.11 47.88
N GLY C 16 6.37 -6.88 48.50
CA GLY C 16 7.65 -6.38 48.99
C GLY C 16 8.56 -5.86 47.89
N ASP C 17 8.26 -6.24 46.64
CA ASP C 17 8.91 -5.67 45.44
C ASP C 17 8.24 -4.36 44.93
N LEU C 18 7.04 -4.03 45.39
CA LEU C 18 6.28 -2.98 44.76
C LEU C 18 6.82 -1.57 44.97
N ARG C 19 7.92 -1.41 45.73
CA ARG C 19 8.65 -0.15 45.74
C ARG C 19 9.58 -0.03 44.51
N PHE C 20 10.21 -1.14 44.14
CA PHE C 20 11.03 -1.20 42.96
C PHE C 20 10.17 -0.91 41.74
N ILE C 21 8.94 -1.42 41.78
CA ILE C 21 8.10 -1.20 40.60
C ILE C 21 7.82 0.30 40.57
N HIS C 22 7.39 0.82 41.72
CA HIS C 22 7.11 2.25 41.90
C HIS C 22 8.10 3.21 41.29
N ASN C 23 9.38 2.92 41.44
CA ASN C 23 10.49 3.75 40.92
C ASN C 23 10.60 3.74 39.39
N LEU C 24 10.27 2.61 38.75
CA LEU C 24 10.25 2.55 37.25
C LEU C 24 9.00 3.19 36.60
N ASN C 25 7.84 3.15 37.28
CA ASN C 25 6.58 3.72 36.75
C ASN C 25 6.48 5.28 36.93
N ASN C 26 7.35 5.87 37.75
CA ASN C 26 7.44 7.37 37.99
C ASN C 26 8.70 8.01 37.36
N ASN C 27 9.37 7.22 36.53
CA ASN C 27 10.56 7.61 35.78
C ASN C 27 10.12 7.86 34.33
N ARG C 28 10.36 9.05 33.78
CA ARG C 28 9.95 9.41 32.39
C ARG C 28 10.71 8.78 31.23
N ASN C 29 11.95 8.39 31.47
CA ASN C 29 12.82 7.85 30.41
C ASN C 29 12.29 6.50 29.99
N ILE C 30 11.98 5.70 31.00
CA ILE C 30 11.50 4.32 30.87
C ILE C 30 10.02 4.24 30.50
N MET C 31 9.14 5.00 31.17
CA MET C 31 7.70 4.96 30.84
C MET C 31 7.34 5.56 29.45
N SER C 32 8.23 6.35 28.86
CA SER C 32 7.95 6.85 27.51
C SER C 32 7.93 5.63 26.59
N TYR C 33 8.94 4.81 26.77
CA TYR C 33 9.07 3.55 26.05
C TYR C 33 8.02 2.51 26.47
N TRP C 34 7.05 2.92 27.29
CA TRP C 34 5.92 2.07 27.69
C TRP C 34 4.56 2.71 27.40
N PHE C 35 4.57 3.88 26.76
CA PHE C 35 3.36 4.45 26.17
C PHE C 35 2.35 4.76 27.23
N GLU C 36 2.88 5.20 28.38
CA GLU C 36 2.12 5.22 29.63
C GLU C 36 2.74 6.31 30.46
N GLU C 37 1.93 6.93 31.33
CA GLU C 37 2.29 8.21 31.93
C GLU C 37 3.14 7.98 33.15
N PRO C 38 4.26 8.72 33.29
CA PRO C 38 5.13 8.42 34.40
C PRO C 38 4.64 9.08 35.67
N TYR C 39 3.42 8.75 36.08
CA TYR C 39 2.85 9.23 37.35
C TYR C 39 1.94 8.16 37.95
N GLU C 40 2.34 7.59 39.08
CA GLU C 40 1.52 6.53 39.71
C GLU C 40 1.87 6.35 41.21
N SER C 41 1.04 6.97 42.08
CA SER C 41 1.18 6.84 43.54
C SER C 41 1.36 5.40 44.04
N PHE C 42 2.10 5.28 45.14
CA PHE C 42 2.31 3.96 45.76
C PHE C 42 0.99 3.32 46.12
N ASP C 43 -0.05 4.15 46.26
CA ASP C 43 -1.40 3.70 46.61
C ASP C 43 -2.17 3.22 45.38
N GLU C 44 -2.01 3.89 44.27
CA GLU C 44 -2.60 3.40 43.04
C GLU C 44 -1.98 2.07 42.62
N LEU C 45 -0.66 2.05 42.62
CA LEU C 45 0.12 0.87 42.26
C LEU C 45 -0.33 -0.34 43.10
N GLU C 46 -0.19 -0.21 44.43
CA GLU C 46 -0.58 -1.22 45.40
C GLU C 46 -2.09 -1.50 45.46
N GLU C 47 -2.97 -0.51 45.30
CA GLU C 47 -4.41 -0.84 45.17
C GLU C 47 -4.71 -1.58 43.87
N LEU C 48 -4.04 -1.21 42.77
CA LEU C 48 -4.16 -1.94 41.49
C LEU C 48 -3.72 -3.43 41.59
N TYR C 49 -2.62 -3.65 42.28
CA TYR C 49 -2.15 -4.98 42.56
C TYR C 49 -3.25 -5.83 43.20
N ASN C 50 -3.57 -5.52 44.46
CA ASN C 50 -4.67 -6.18 45.18
C ASN C 50 -5.86 -6.43 44.25
N LYS C 51 -6.25 -5.43 43.45
CA LYS C 51 -7.38 -5.60 42.50
C LYS C 51 -7.23 -6.78 41.49
N HIS C 52 -5.99 -7.07 41.07
CA HIS C 52 -5.71 -8.06 40.01
C HIS C 52 -4.81 -9.24 40.49
N ILE C 53 -5.10 -9.73 41.70
CA ILE C 53 -4.35 -10.82 42.33
C ILE C 53 -4.81 -12.20 41.89
N HIS C 54 -6.09 -12.25 41.52
CA HIS C 54 -6.75 -13.46 41.04
C HIS C 54 -6.98 -13.39 39.54
N ASP C 55 -6.44 -12.38 38.88
CA ASP C 55 -6.84 -12.08 37.53
C ASP C 55 -5.90 -12.92 36.66
N ASN C 56 -6.53 -13.75 35.81
CA ASN C 56 -5.83 -14.82 35.04
C ASN C 56 -5.33 -14.30 33.69
N ALA C 57 -5.62 -13.04 33.36
CA ALA C 57 -5.24 -12.42 32.06
C ALA C 57 -3.91 -11.70 32.13
N GLU C 58 -3.18 -11.83 33.23
CA GLU C 58 -1.84 -11.28 33.32
C GLU C 58 -0.92 -12.10 34.18
N ARG C 59 0.38 -12.08 33.82
CA ARG C 59 1.45 -12.66 34.64
C ARG C 59 2.50 -11.58 34.73
N ARG C 60 2.87 -11.25 35.97
CA ARG C 60 3.72 -10.12 36.27
C ARG C 60 4.97 -10.64 36.92
N PHE C 61 6.08 -10.43 36.24
CA PHE C 61 7.30 -11.06 36.65
C PHE C 61 8.30 -10.01 37.11
N VAL C 62 9.00 -10.30 38.21
CA VAL C 62 10.18 -9.58 38.63
C VAL C 62 11.33 -10.39 38.13
N VAL C 63 12.45 -9.74 37.83
CA VAL C 63 13.64 -10.43 37.35
C VAL C 63 14.80 -10.27 38.31
N GLU C 64 15.29 -11.39 38.86
CA GLU C 64 16.45 -11.42 39.80
C GLU C 64 17.74 -11.96 39.13
N ASP C 65 18.90 -11.47 39.57
CA ASP C 65 20.20 -12.09 39.26
C ASP C 65 20.57 -13.08 40.38
N ALA C 66 21.82 -13.57 40.41
CA ALA C 66 22.22 -14.59 41.41
C ALA C 66 22.23 -14.03 42.84
N GLN C 67 22.70 -12.79 42.99
CA GLN C 67 22.85 -12.09 44.29
C GLN C 67 21.55 -11.45 44.84
N LYS C 68 20.40 -11.79 44.25
CA LYS C 68 19.07 -11.28 44.67
C LYS C 68 18.94 -9.78 44.42
N ASN C 69 19.80 -9.26 43.55
CA ASN C 69 19.59 -7.92 43.09
C ASN C 69 18.35 -7.93 42.19
N LEU C 70 17.69 -6.76 42.17
CA LEU C 70 16.47 -6.60 41.38
C LEU C 70 16.80 -5.91 40.02
N ILE C 71 16.47 -6.64 38.97
CA ILE C 71 16.96 -6.38 37.62
C ILE C 71 15.97 -5.57 36.77
N GLY C 72 14.71 -5.98 36.82
CA GLY C 72 13.77 -5.56 35.82
C GLY C 72 12.38 -6.13 36.05
N LEU C 73 11.57 -5.99 35.01
CA LEU C 73 10.19 -6.38 35.06
C LEU C 73 9.83 -6.94 33.68
N VAL C 74 9.33 -8.16 33.69
CA VAL C 74 8.69 -8.77 32.53
C VAL C 74 7.20 -8.85 32.86
N GLU C 75 6.36 -8.54 31.88
CA GLU C 75 4.92 -8.71 32.04
C GLU C 75 4.31 -9.44 30.83
N LEU C 76 3.30 -10.27 31.10
CA LEU C 76 2.44 -10.79 30.04
C LEU C 76 1.05 -10.31 30.36
N ILE C 77 0.52 -9.52 29.42
CA ILE C 77 -0.78 -8.88 29.61
C ILE C 77 -1.78 -9.25 28.50
N GLU C 78 -3.06 -9.06 28.82
CA GLU C 78 -4.19 -9.44 27.95
C GLU C 78 -4.06 -10.89 27.51
N ILE C 79 -3.68 -11.76 28.43
CA ILE C 79 -3.52 -13.16 28.09
C ILE C 79 -4.98 -13.37 27.70
N ASN C 80 -5.24 -13.38 26.39
CA ASN C 80 -6.47 -13.91 25.82
C ASN C 80 -6.39 -15.44 25.77
N TYR C 81 -7.55 -16.13 25.85
CA TYR C 81 -7.60 -17.58 26.14
C TYR C 81 -8.28 -18.45 25.09
N ILE C 82 -9.08 -17.81 24.25
CA ILE C 82 -9.66 -18.44 23.06
C ILE C 82 -8.58 -18.49 21.97
N HIS C 83 -7.98 -17.32 21.78
CA HIS C 83 -7.06 -17.01 20.69
C HIS C 83 -5.62 -17.31 21.10
N ARG C 84 -5.41 -17.64 22.37
CA ARG C 84 -4.08 -17.95 22.87
C ARG C 84 -3.02 -16.87 22.57
N SER C 85 -3.31 -15.61 22.93
CA SER C 85 -2.34 -14.49 22.72
C SER C 85 -2.09 -13.61 23.94
N ALA C 86 -0.85 -13.14 24.06
CA ALA C 86 -0.51 -12.17 25.10
C ALA C 86 0.33 -11.06 24.50
N GLU C 87 0.39 -9.92 25.18
CA GLU C 87 1.33 -8.90 24.76
C GLU C 87 2.49 -8.95 25.73
N PHE C 88 3.69 -8.80 25.21
CA PHE C 88 4.88 -8.91 26.02
C PHE C 88 5.51 -7.53 26.18
N GLN C 89 5.85 -7.18 27.41
CA GLN C 89 6.47 -5.87 27.74
C GLN C 89 7.55 -6.06 28.78
N ILE C 90 8.47 -5.11 28.84
CA ILE C 90 9.70 -5.31 29.60
C ILE C 90 10.34 -4.00 30.01
N ILE C 91 11.03 -4.02 31.12
CA ILE C 91 11.82 -2.89 31.52
C ILE C 91 13.02 -3.53 32.19
N ILE C 92 14.22 -3.06 31.80
CA ILE C 92 15.50 -3.40 32.46
C ILE C 92 15.97 -2.16 33.20
N ALA C 93 16.11 -2.28 34.52
CA ALA C 93 16.49 -1.11 35.31
C ALA C 93 17.69 -0.32 34.70
N PRO C 94 17.64 1.03 34.77
CA PRO C 94 18.62 1.93 34.18
C PRO C 94 20.08 1.57 34.49
N GLU C 95 20.38 1.49 35.78
CA GLU C 95 21.58 0.86 36.35
C GLU C 95 21.98 -0.50 35.79
N HIS C 96 21.03 -1.21 35.17
CA HIS C 96 21.22 -2.59 34.76
C HIS C 96 21.11 -2.77 33.26
N GLN C 97 21.10 -1.66 32.52
CA GLN C 97 20.98 -1.67 31.08
C GLN C 97 22.31 -1.77 30.32
N GLY C 98 22.22 -2.35 29.14
CA GLY C 98 23.36 -2.43 28.29
C GLY C 98 24.49 -3.28 28.86
N LYS C 99 24.10 -4.38 29.49
CA LYS C 99 25.01 -5.43 29.94
C LYS C 99 24.68 -6.72 29.16
N GLY C 100 23.85 -6.59 28.14
CA GLY C 100 23.38 -7.74 27.42
C GLY C 100 22.57 -8.77 28.21
N PHE C 101 21.71 -8.33 29.15
CA PHE C 101 20.68 -9.21 29.76
C PHE C 101 19.37 -9.27 28.96
N ALA C 102 19.19 -8.38 27.97
CA ALA C 102 17.91 -8.30 27.28
C ALA C 102 17.46 -9.61 26.66
N ARG C 103 18.23 -10.11 25.73
CA ARG C 103 17.87 -11.32 25.03
C ARG C 103 17.51 -12.47 25.97
N THR C 104 18.32 -12.71 26.98
CA THR C 104 18.00 -13.73 27.97
C THR C 104 16.67 -13.47 28.70
N LEU C 105 16.31 -12.20 28.88
CA LEU C 105 15.03 -11.84 29.52
C LEU C 105 13.85 -11.75 28.57
N ILE C 106 14.10 -11.55 27.27
CA ILE C 106 13.04 -11.72 26.28
C ILE C 106 12.88 -13.21 26.05
N ASN C 107 14.02 -13.92 26.07
CA ASN C 107 14.06 -15.39 25.98
C ASN C 107 13.22 -16.03 27.04
N ARG C 108 13.49 -15.72 28.31
CA ARG C 108 12.74 -16.35 29.41
C ARG C 108 11.27 -16.19 29.20
N ALA C 109 10.92 -15.10 28.53
CA ALA C 109 9.55 -14.64 28.44
C ALA C 109 8.82 -15.46 27.40
N LEU C 110 9.47 -15.59 26.24
CA LEU C 110 8.97 -16.46 25.22
C LEU C 110 8.86 -17.93 25.72
N ASP C 111 9.83 -18.37 26.54
CA ASP C 111 9.82 -19.67 27.21
C ASP C 111 8.55 -19.94 28.03
N TYR C 112 8.22 -19.02 28.91
CA TYR C 112 7.07 -19.17 29.77
C TYR C 112 5.86 -19.40 28.87
N SER C 113 5.54 -18.39 28.07
CA SER C 113 4.33 -18.33 27.32
C SER C 113 4.07 -19.61 26.58
N PHE C 114 5.12 -20.08 25.89
CA PHE C 114 5.03 -21.11 24.89
C PHE C 114 5.20 -22.53 25.45
N THR C 115 5.97 -22.66 26.55
CA THR C 115 6.20 -23.98 27.19
C THR C 115 5.32 -24.28 28.40
N ILE C 116 4.83 -23.26 29.08
CA ILE C 116 4.01 -23.45 30.28
C ILE C 116 2.61 -22.94 30.05
N LEU C 117 2.49 -21.78 29.41
CA LEU C 117 1.20 -21.14 29.21
C LEU C 117 0.50 -21.57 27.92
N ASN C 118 1.17 -22.40 27.13
CA ASN C 118 0.58 -22.96 25.92
C ASN C 118 -0.17 -21.87 25.18
N LEU C 119 0.50 -20.72 24.93
CA LEU C 119 -0.02 -19.66 24.02
C LEU C 119 0.55 -19.81 22.63
N HIS C 120 -0.25 -19.47 21.63
CA HIS C 120 0.19 -19.48 20.26
C HIS C 120 0.98 -18.24 19.88
N LYS C 121 0.45 -17.07 20.25
CA LYS C 121 1.07 -15.81 19.82
C LYS C 121 1.55 -14.92 20.97
N ILE C 122 2.83 -14.59 20.90
CA ILE C 122 3.38 -13.42 21.59
C ILE C 122 3.49 -12.20 20.63
N TYR C 123 3.00 -11.07 21.11
CA TYR C 123 3.01 -9.80 20.39
C TYR C 123 3.44 -8.65 21.30
N LEU C 124 4.15 -7.67 20.73
CA LEU C 124 4.50 -6.44 21.39
C LEU C 124 4.28 -5.21 20.48
N HIS C 125 4.47 -4.04 21.09
CA HIS C 125 4.37 -2.78 20.43
C HIS C 125 5.66 -2.05 20.81
N VAL C 126 6.47 -1.67 19.79
CA VAL C 126 7.76 -0.99 20.03
C VAL C 126 7.92 0.33 19.27
N ALA C 127 8.27 1.36 20.03
CA ALA C 127 8.31 2.70 19.51
C ALA C 127 9.34 2.75 18.39
N VAL C 128 8.90 3.24 17.23
CA VAL C 128 9.76 3.26 16.04
C VAL C 128 11.05 4.02 16.32
N GLU C 129 10.99 5.06 17.15
CA GLU C 129 12.15 5.85 17.49
C GLU C 129 12.89 5.29 18.70
N ASN C 130 12.44 4.13 19.15
CA ASN C 130 13.15 3.32 20.14
C ASN C 130 13.61 2.08 19.35
N PRO C 131 14.50 2.28 18.35
CA PRO C 131 14.95 1.16 17.52
C PRO C 131 15.84 0.12 18.22
N LYS C 132 16.50 0.50 19.31
CA LYS C 132 17.30 -0.45 20.07
C LYS C 132 16.33 -1.58 20.42
N ALA C 133 15.17 -1.19 20.92
CA ALA C 133 14.13 -2.12 21.29
C ALA C 133 13.72 -2.99 20.09
N VAL C 134 13.58 -2.33 18.93
CA VAL C 134 13.25 -3.00 17.65
C VAL C 134 14.26 -4.13 17.36
N HIS C 135 15.55 -3.81 17.49
CA HIS C 135 16.61 -4.73 17.07
C HIS C 135 16.86 -5.87 18.06
N LEU C 136 16.37 -5.73 19.27
CA LEU C 136 16.38 -6.83 20.26
C LEU C 136 15.25 -7.80 20.01
N TYR C 137 14.11 -7.32 19.56
CA TYR C 137 13.00 -8.23 19.25
C TYR C 137 13.24 -9.07 17.99
N GLU C 138 13.96 -8.53 17.01
CA GLU C 138 14.15 -9.23 15.74
C GLU C 138 15.10 -10.44 15.79
N GLU C 139 16.05 -10.41 16.71
CA GLU C 139 17.04 -11.50 16.87
C GLU C 139 16.51 -12.65 17.71
N CYS C 140 15.49 -12.35 18.52
CA CYS C 140 14.74 -13.35 19.27
C CYS C 140 13.60 -13.97 18.43
N GLY C 141 13.54 -13.59 17.14
CA GLY C 141 12.59 -14.17 16.19
C GLY C 141 11.30 -13.37 15.92
N PHE C 142 11.16 -12.16 16.49
CA PHE C 142 9.96 -11.35 16.24
C PHE C 142 9.94 -10.82 14.81
N VAL C 143 8.74 -10.64 14.28
CA VAL C 143 8.56 -10.22 12.91
C VAL C 143 7.63 -9.05 13.00
N GLU C 144 7.91 -7.98 12.26
CA GLU C 144 6.97 -6.86 12.16
C GLU C 144 5.65 -7.27 11.45
N GLU C 145 4.52 -6.76 11.94
CA GLU C 145 3.20 -6.98 11.29
C GLU C 145 2.26 -5.76 11.25
N GLY C 146 2.70 -4.61 11.78
CA GLY C 146 1.90 -3.38 11.85
C GLY C 146 2.84 -2.18 12.05
N HIS C 147 2.51 -1.08 11.39
CA HIS C 147 3.20 0.18 11.65
C HIS C 147 2.18 1.20 12.16
N LEU C 148 1.92 1.14 13.48
CA LEU C 148 0.79 1.86 14.02
C LEU C 148 1.05 3.38 13.90
N VAL C 149 0.24 4.06 13.06
CA VAL C 149 0.50 5.45 12.65
C VAL C 149 -0.05 6.50 13.66
N GLU C 150 0.85 7.17 14.40
CA GLU C 150 0.52 8.25 15.34
C GLU C 150 -0.28 7.70 16.49
N GLU C 151 0.20 6.61 17.07
CA GLU C 151 -0.55 5.80 18.04
C GLU C 151 -0.47 6.43 19.40
N PHE C 152 0.74 6.81 19.83
CA PHE C 152 0.92 7.43 21.13
C PHE C 152 1.48 8.87 21.05
N PHE C 153 0.86 9.80 21.78
CA PHE C 153 1.43 11.12 22.06
C PHE C 153 2.44 10.97 23.19
N ILE C 154 3.67 11.37 22.90
CA ILE C 154 4.81 11.17 23.77
C ILE C 154 5.76 12.32 23.53
N ASN C 155 6.45 12.74 24.59
CA ASN C 155 7.32 13.94 24.62
C ASN C 155 6.91 15.01 23.63
N GLY C 156 5.71 15.56 23.80
CA GLY C 156 5.21 16.64 22.98
C GLY C 156 4.68 16.31 21.59
N ARG C 157 4.83 15.06 21.14
CA ARG C 157 4.55 14.68 19.75
C ARG C 157 3.95 13.28 19.68
N TYR C 158 2.99 13.10 18.77
CA TYR C 158 2.44 11.79 18.37
C TYR C 158 3.45 10.95 17.58
N GLN C 159 3.78 9.74 18.04
CA GLN C 159 4.74 8.85 17.32
C GLN C 159 4.11 7.63 16.59
N ASP C 160 4.96 6.87 15.89
CA ASP C 160 4.62 5.54 15.38
C ASP C 160 5.26 4.43 16.24
N VAL C 161 4.60 3.26 16.26
CA VAL C 161 5.15 2.06 16.87
C VAL C 161 5.01 0.88 15.91
N LYS C 162 5.90 -0.09 16.08
CA LYS C 162 5.79 -1.35 15.38
C LYS C 162 5.10 -2.39 16.25
N ARG C 163 4.10 -3.03 15.66
CA ARG C 163 3.63 -4.32 16.10
C ARG C 163 4.69 -5.29 15.60
N MET C 164 5.16 -6.14 16.49
CA MET C 164 5.99 -7.25 16.06
C MET C 164 5.39 -8.46 16.68
N TYR C 165 5.54 -9.64 16.02
CA TYR C 165 5.00 -10.89 16.61
C TYR C 165 5.78 -12.17 16.33
N ILE C 166 5.71 -13.13 17.26
CA ILE C 166 6.38 -14.45 17.16
C ILE C 166 5.40 -15.56 17.56
N LEU C 167 5.44 -16.67 16.83
CA LEU C 167 4.44 -17.77 16.95
C LEU C 167 4.99 -18.98 17.63
N GLN C 168 4.12 -19.75 18.30
CA GLN C 168 4.60 -20.92 19.08
C GLN C 168 5.52 -21.82 18.25
N SER C 169 5.02 -22.23 17.09
CA SER C 169 5.80 -23.07 16.15
C SER C 169 7.27 -22.66 16.06
N LYS C 170 7.45 -21.42 15.64
CA LYS C 170 8.76 -20.88 15.37
C LYS C 170 9.65 -20.90 16.62
N TYR C 171 9.06 -20.85 17.81
CA TYR C 171 9.88 -20.84 19.02
C TYR C 171 10.48 -22.22 19.17
N LEU C 172 9.69 -23.16 19.68
CA LEU C 172 10.20 -24.49 20.02
C LEU C 172 11.06 -25.05 18.89
N ASN C 173 10.49 -25.14 17.70
CA ASN C 173 11.18 -25.77 16.57
C ASN C 173 12.28 -24.87 16.03
N SER D 6 -29.67 8.98 5.77
CA SER D 6 -30.46 10.23 6.08
C SER D 6 -31.46 10.05 7.26
N GLN D 7 -32.21 8.95 7.22
CA GLN D 7 -33.26 8.66 8.22
C GLN D 7 -32.68 7.90 9.41
N LEU D 8 -31.35 7.73 9.45
CA LEU D 8 -30.71 6.85 10.47
C LEU D 8 -30.07 7.63 11.64
N THR D 9 -30.71 7.50 12.80
CA THR D 9 -30.28 8.16 14.05
C THR D 9 -29.38 7.22 14.87
N LEU D 10 -28.60 7.80 15.78
CA LEU D 10 -27.62 7.07 16.58
C LEU D 10 -27.69 7.56 18.01
N ARG D 11 -28.05 6.65 18.93
CA ARG D 11 -28.24 7.02 20.35
C ARG D 11 -27.78 5.95 21.35
N ALA D 12 -27.41 6.42 22.52
CA ALA D 12 -26.92 5.58 23.61
C ALA D 12 -27.75 4.31 23.92
N LEU D 13 -27.08 3.32 24.51
CA LEU D 13 -27.64 2.01 24.81
C LEU D 13 -28.37 2.09 26.15
N GLU D 14 -29.66 1.70 26.13
CA GLU D 14 -30.56 1.76 27.30
C GLU D 14 -30.94 0.32 27.73
N ARG D 15 -31.94 0.18 28.60
CA ARG D 15 -32.25 -1.13 29.19
C ARG D 15 -33.19 -1.97 28.34
N GLY D 16 -34.30 -1.38 27.92
CA GLY D 16 -35.18 -2.05 26.95
C GLY D 16 -34.57 -2.08 25.54
N ASP D 17 -33.27 -1.81 25.45
CA ASP D 17 -32.44 -2.20 24.30
C ASP D 17 -31.81 -3.59 24.45
N LEU D 18 -31.78 -4.15 25.67
CA LEU D 18 -30.90 -5.31 25.93
C LEU D 18 -31.27 -6.67 25.29
N ARG D 19 -32.54 -6.91 24.96
CA ARG D 19 -32.97 -8.11 24.22
C ARG D 19 -32.63 -8.01 22.71
N PHE D 20 -32.45 -6.78 22.20
CA PHE D 20 -31.86 -6.57 20.84
C PHE D 20 -30.46 -7.16 20.91
N ILE D 21 -29.65 -6.57 21.78
CA ILE D 21 -28.22 -6.84 21.92
C ILE D 21 -27.90 -8.32 22.18
N HIS D 22 -28.55 -8.87 23.19
CA HIS D 22 -28.43 -10.30 23.55
C HIS D 22 -28.61 -11.26 22.35
N ASN D 23 -29.71 -11.06 21.63
CA ASN D 23 -29.99 -11.74 20.38
C ASN D 23 -28.81 -11.79 19.45
N LEU D 24 -28.32 -10.60 19.04
CA LEU D 24 -27.16 -10.51 18.10
C LEU D 24 -25.91 -11.09 18.76
N ASN D 25 -25.79 -10.91 20.06
CA ASN D 25 -24.64 -11.37 20.83
C ASN D 25 -24.52 -12.88 20.92
N ASN D 26 -25.62 -13.61 20.66
CA ASN D 26 -25.63 -15.10 20.55
C ASN D 26 -25.75 -15.61 19.09
N ASN D 27 -25.27 -14.81 18.12
CA ASN D 27 -25.29 -15.22 16.72
C ASN D 27 -23.88 -15.43 16.19
N ARG D 28 -23.69 -16.61 15.63
CA ARG D 28 -22.38 -17.02 15.18
C ARG D 28 -21.95 -16.13 14.02
N ASN D 29 -22.72 -16.16 12.93
CA ASN D 29 -22.39 -15.46 11.66
C ASN D 29 -22.24 -13.93 11.77
N ILE D 30 -22.58 -13.37 12.93
CA ILE D 30 -22.42 -11.95 13.18
C ILE D 30 -21.29 -11.70 14.19
N MET D 31 -21.26 -12.47 15.26
CA MET D 31 -20.21 -12.34 16.25
C MET D 31 -18.80 -12.66 15.71
N SER D 32 -18.68 -13.68 14.86
CA SER D 32 -17.38 -14.06 14.33
C SER D 32 -16.65 -12.86 13.71
N TYR D 33 -17.42 -12.03 13.01
CA TYR D 33 -16.89 -10.82 12.36
C TYR D 33 -16.36 -9.81 13.40
N TRP D 34 -16.90 -9.90 14.61
CA TRP D 34 -16.33 -9.28 15.81
C TRP D 34 -15.27 -10.18 16.52
N PHE D 35 -15.04 -11.39 16.01
CA PHE D 35 -14.02 -12.33 16.54
C PHE D 35 -14.46 -12.97 17.84
N GLU D 36 -15.31 -12.25 18.55
CA GLU D 36 -15.89 -12.69 19.81
C GLU D 36 -16.55 -14.05 19.85
N GLU D 37 -16.85 -14.47 21.06
CA GLU D 37 -17.47 -15.75 21.25
C GLU D 37 -18.98 -15.52 21.25
N PRO D 38 -19.74 -16.36 20.50
CA PRO D 38 -21.19 -16.25 20.44
C PRO D 38 -21.87 -16.91 21.65
N TYR D 39 -21.41 -16.53 22.84
CA TYR D 39 -22.05 -16.99 24.09
C TYR D 39 -22.12 -15.88 25.08
N GLU D 40 -23.30 -15.32 25.22
CA GLU D 40 -23.53 -14.44 26.32
C GLU D 40 -25.01 -14.45 26.64
N SER D 41 -25.31 -14.98 27.83
CA SER D 41 -26.62 -14.86 28.46
C SER D 41 -26.91 -13.40 28.89
N PHE D 42 -28.20 -13.13 29.09
CA PHE D 42 -28.74 -11.83 29.48
C PHE D 42 -28.25 -11.39 30.84
N ASP D 43 -28.13 -12.34 31.75
CA ASP D 43 -27.61 -12.07 33.09
C ASP D 43 -26.22 -11.48 33.02
N GLU D 44 -25.34 -12.17 32.33
CA GLU D 44 -24.03 -11.64 31.97
C GLU D 44 -24.12 -10.30 31.27
N LEU D 45 -24.97 -10.24 30.25
CA LEU D 45 -25.11 -9.00 29.50
C LEU D 45 -25.61 -7.86 30.42
N GLU D 46 -26.65 -8.14 31.21
CA GLU D 46 -27.30 -7.10 31.99
C GLU D 46 -26.26 -6.68 33.00
N GLU D 47 -25.71 -7.64 33.73
CA GLU D 47 -24.82 -7.30 34.85
C GLU D 47 -23.57 -6.58 34.37
N LEU D 48 -22.91 -7.05 33.32
CA LEU D 48 -21.77 -6.28 32.73
C LEU D 48 -22.15 -4.88 32.26
N TYR D 49 -23.37 -4.75 31.72
CA TYR D 49 -23.90 -3.41 31.43
C TYR D 49 -23.91 -2.61 32.74
N ASN D 50 -24.65 -3.04 33.74
CA ASN D 50 -24.72 -2.33 35.02
C ASN D 50 -23.38 -1.94 35.67
N LYS D 51 -22.24 -2.46 35.20
CA LYS D 51 -20.94 -2.22 35.88
C LYS D 51 -20.11 -1.17 35.17
N HIS D 52 -20.33 -1.05 33.85
CA HIS D 52 -19.75 0.03 33.02
C HIS D 52 -20.63 1.28 32.79
N ILE D 53 -21.85 1.29 33.34
CA ILE D 53 -22.76 2.42 33.20
C ILE D 53 -22.12 3.84 33.31
N HIS D 54 -21.04 3.95 34.07
CA HIS D 54 -20.31 5.21 34.27
C HIS D 54 -18.88 5.18 33.65
N ASP D 55 -18.48 4.00 33.15
CA ASP D 55 -17.17 3.84 32.54
C ASP D 55 -17.13 4.82 31.42
N ASN D 56 -16.24 5.79 31.54
CA ASN D 56 -16.11 6.83 30.57
C ASN D 56 -15.13 6.48 29.45
N ALA D 57 -14.73 5.20 29.38
CA ALA D 57 -13.91 4.64 28.28
C ALA D 57 -14.67 4.00 27.13
N GLU D 58 -16.01 4.07 27.15
CA GLU D 58 -16.76 3.54 25.98
C GLU D 58 -18.05 4.21 25.70
N ARG D 59 -18.39 4.33 24.42
CA ARG D 59 -19.71 4.81 23.98
C ARG D 59 -20.47 3.78 23.13
N ARG D 60 -21.49 3.19 23.76
CA ARG D 60 -22.25 2.13 23.13
C ARG D 60 -23.52 2.74 22.55
N PHE D 61 -23.64 2.69 21.22
CA PHE D 61 -24.73 3.37 20.51
C PHE D 61 -25.69 2.40 19.87
N VAL D 62 -26.97 2.76 19.83
CA VAL D 62 -27.96 1.99 19.11
C VAL D 62 -28.39 2.70 17.83
N VAL D 63 -28.30 1.97 16.71
CA VAL D 63 -28.80 2.50 15.44
C VAL D 63 -30.33 2.30 15.26
N GLU D 64 -31.06 3.40 15.06
CA GLU D 64 -32.52 3.39 14.79
C GLU D 64 -32.78 4.04 13.45
N ASP D 65 -33.91 3.70 12.81
CA ASP D 65 -34.51 4.45 11.71
C ASP D 65 -35.58 5.44 12.18
N ALA D 66 -36.32 6.04 11.23
CA ALA D 66 -37.38 7.02 11.52
C ALA D 66 -38.63 6.33 12.06
N GLN D 67 -39.04 5.27 11.37
CA GLN D 67 -39.95 4.28 11.94
C GLN D 67 -39.47 3.70 13.32
N LYS D 68 -38.25 4.05 13.75
CA LYS D 68 -37.71 3.72 15.11
C LYS D 68 -37.43 2.24 15.34
N ASN D 69 -37.30 1.46 14.26
CA ASN D 69 -36.96 0.03 14.32
C ASN D 69 -35.45 -0.19 14.50
N LEU D 70 -35.05 -1.13 15.37
CA LEU D 70 -33.63 -1.31 15.80
C LEU D 70 -32.69 -1.80 14.71
N ILE D 71 -31.93 -0.88 14.13
CA ILE D 71 -31.19 -1.12 12.87
C ILE D 71 -29.85 -1.82 13.11
N GLY D 72 -29.19 -1.51 14.23
CA GLY D 72 -27.87 -2.09 14.51
C GLY D 72 -27.29 -1.48 15.74
N LEU D 73 -26.03 -1.75 16.01
CA LEU D 73 -25.31 -1.03 17.06
C LEU D 73 -23.92 -0.65 16.55
N VAL D 74 -23.35 0.36 17.20
CA VAL D 74 -21.99 0.83 16.95
C VAL D 74 -21.28 1.17 18.29
N GLU D 75 -20.00 0.78 18.42
CA GLU D 75 -19.29 0.92 19.70
C GLU D 75 -18.01 1.71 19.51
N LEU D 76 -17.71 2.58 20.49
CA LEU D 76 -16.41 3.24 20.57
C LEU D 76 -15.73 2.79 21.84
N ILE D 77 -14.94 1.72 21.78
CA ILE D 77 -14.36 1.09 22.97
C ILE D 77 -12.88 1.44 23.09
N GLU D 78 -12.28 1.15 24.25
CA GLU D 78 -10.89 1.56 24.56
C GLU D 78 -10.61 3.07 24.21
N ILE D 79 -11.54 3.99 24.49
CA ILE D 79 -11.25 5.45 24.44
C ILE D 79 -10.17 5.85 25.48
N ASN D 80 -8.95 6.13 25.02
CA ASN D 80 -7.85 6.60 25.88
C ASN D 80 -7.62 8.11 25.79
N TYR D 81 -7.84 8.83 26.89
CA TYR D 81 -7.92 10.30 26.81
C TYR D 81 -6.58 11.08 26.75
N ILE D 82 -5.46 10.36 26.82
CA ILE D 82 -4.11 10.92 26.57
C ILE D 82 -3.73 10.94 25.07
N HIS D 83 -3.78 9.77 24.44
CA HIS D 83 -3.43 9.53 23.02
C HIS D 83 -4.66 9.74 22.13
N ARG D 84 -5.82 9.89 22.77
CA ARG D 84 -7.08 10.17 22.11
C ARG D 84 -7.36 9.20 21.01
N SER D 85 -6.98 7.93 21.22
CA SER D 85 -7.32 6.85 20.29
C SER D 85 -8.63 6.11 20.67
N ALA D 86 -9.46 5.78 19.68
CA ALA D 86 -10.59 4.84 19.90
C ALA D 86 -10.82 3.79 18.80
N GLU D 87 -11.14 2.56 19.23
CA GLU D 87 -11.55 1.50 18.32
C GLU D 87 -13.02 1.62 17.87
N PHE D 88 -13.36 1.10 16.70
CA PHE D 88 -14.78 1.19 16.27
C PHE D 88 -15.33 -0.10 15.70
N GLN D 89 -16.25 -0.70 16.43
CA GLN D 89 -16.92 -1.90 15.94
C GLN D 89 -18.32 -1.55 15.56
N ILE D 90 -18.85 -2.31 14.61
CA ILE D 90 -20.12 -2.06 13.96
C ILE D 90 -20.79 -3.39 13.56
N ILE D 91 -22.12 -3.39 13.68
CA ILE D 91 -23.00 -4.54 13.49
C ILE D 91 -24.30 -3.94 12.91
N ILE D 92 -24.75 -4.49 11.79
CA ILE D 92 -26.09 -4.29 11.31
C ILE D 92 -26.82 -5.65 11.38
N ALA D 93 -28.00 -5.64 11.99
CA ALA D 93 -28.79 -6.88 12.15
C ALA D 93 -29.02 -7.44 10.77
N PRO D 94 -28.95 -8.77 10.62
CA PRO D 94 -28.92 -9.38 9.29
C PRO D 94 -30.12 -8.97 8.46
N GLU D 95 -31.14 -8.46 9.17
CA GLU D 95 -32.46 -8.10 8.63
C GLU D 95 -32.51 -6.66 8.16
N HIS D 96 -31.40 -5.96 8.34
CA HIS D 96 -31.20 -4.63 7.77
C HIS D 96 -29.88 -4.56 6.98
N GLN D 97 -29.30 -5.73 6.67
CA GLN D 97 -28.14 -5.80 5.79
C GLN D 97 -28.50 -5.58 4.34
N GLY D 98 -27.48 -5.27 3.56
CA GLY D 98 -27.64 -5.04 2.13
C GLY D 98 -28.75 -4.04 1.84
N LYS D 99 -28.82 -2.98 2.63
CA LYS D 99 -29.74 -1.87 2.35
C LYS D 99 -29.01 -0.59 2.00
N GLY D 100 -27.70 -0.58 2.26
CA GLY D 100 -26.82 0.52 1.90
C GLY D 100 -26.71 1.44 3.08
N PHE D 101 -26.64 0.82 4.26
CA PHE D 101 -26.58 1.51 5.53
C PHE D 101 -25.15 1.61 6.05
N ALA D 102 -24.21 0.84 5.49
CA ALA D 102 -22.85 0.83 6.04
C ALA D 102 -22.15 2.21 6.06
N ARG D 103 -22.07 2.92 4.94
CA ARG D 103 -21.36 4.23 4.89
C ARG D 103 -21.91 5.32 5.84
N THR D 104 -23.23 5.43 5.90
CA THR D 104 -23.89 6.46 6.68
C THR D 104 -23.56 6.33 8.16
N LEU D 105 -23.56 5.08 8.61
CA LEU D 105 -23.45 4.75 10.03
C LEU D 105 -22.00 4.78 10.50
N ILE D 106 -21.08 4.73 9.56
CA ILE D 106 -19.69 4.71 9.90
C ILE D 106 -19.24 6.14 10.00
N ASN D 107 -19.92 7.04 9.28
CA ASN D 107 -19.54 8.46 9.23
C ASN D 107 -20.05 9.21 10.45
N ARG D 108 -21.24 8.80 10.96
CA ARG D 108 -21.81 9.32 12.20
C ARG D 108 -20.95 8.92 13.36
N ALA D 109 -20.29 7.78 13.22
CA ALA D 109 -19.42 7.28 14.27
C ALA D 109 -18.13 8.08 14.28
N LEU D 110 -17.60 8.39 13.09
CA LEU D 110 -16.41 9.26 12.98
C LEU D 110 -16.82 10.72 13.27
N ASP D 111 -18.08 11.05 13.09
CA ASP D 111 -18.59 12.39 13.42
C ASP D 111 -18.77 12.61 14.93
N TYR D 112 -19.13 11.54 15.64
CA TYR D 112 -19.16 11.57 17.11
C TYR D 112 -17.76 11.59 17.75
N SER D 113 -16.82 10.92 17.11
CA SER D 113 -15.48 10.72 17.69
C SER D 113 -14.65 11.95 17.50
N PHE D 114 -14.79 12.60 16.35
CA PHE D 114 -13.93 13.67 15.92
C PHE D 114 -14.50 15.05 16.26
N THR D 115 -15.81 15.21 16.10
CA THR D 115 -16.46 16.48 16.39
C THR D 115 -17.09 16.58 17.78
N ILE D 116 -17.25 15.49 18.53
CA ILE D 116 -17.77 15.63 19.91
C ILE D 116 -16.72 15.25 20.94
N LEU D 117 -16.10 14.11 20.74
CA LEU D 117 -15.13 13.58 21.71
C LEU D 117 -13.77 14.23 21.55
N ASN D 118 -13.53 14.84 20.38
CA ASN D 118 -12.23 15.45 20.11
C ASN D 118 -11.10 14.38 20.09
N LEU D 119 -11.29 13.36 19.28
CA LEU D 119 -10.32 12.27 19.22
C LEU D 119 -9.34 12.48 18.07
N HIS D 120 -8.20 11.82 18.21
CA HIS D 120 -7.14 11.89 17.26
C HIS D 120 -7.21 10.72 16.32
N LYS D 121 -7.42 9.51 16.84
CA LYS D 121 -7.40 8.31 15.99
C LYS D 121 -8.65 7.47 16.12
N ILE D 122 -9.05 6.82 15.04
CA ILE D 122 -10.04 5.77 15.12
C ILE D 122 -9.48 4.58 14.44
N TYR D 123 -9.58 3.44 15.10
CA TYR D 123 -9.06 2.21 14.56
C TYR D 123 -9.97 0.98 14.70
N LEU D 124 -9.99 0.17 13.63
CA LEU D 124 -10.83 -1.00 13.56
C LEU D 124 -10.04 -2.18 13.15
N HIS D 125 -10.50 -3.36 13.58
CA HIS D 125 -9.96 -4.64 13.12
C HIS D 125 -11.00 -5.36 12.26
N VAL D 126 -10.60 -5.82 11.08
CA VAL D 126 -11.53 -6.50 10.15
C VAL D 126 -10.98 -7.79 9.49
N ALA D 127 -11.73 -8.88 9.61
CA ALA D 127 -11.35 -10.17 8.98
C ALA D 127 -10.83 -9.98 7.55
N VAL D 128 -9.81 -10.73 7.19
CA VAL D 128 -9.18 -10.58 5.88
C VAL D 128 -10.10 -11.21 4.84
N GLU D 129 -10.71 -12.33 5.23
CA GLU D 129 -11.71 -13.01 4.41
C GLU D 129 -13.01 -12.20 4.26
N ASN D 130 -13.00 -10.94 4.65
CA ASN D 130 -14.17 -10.12 4.52
C ASN D 130 -13.94 -9.10 3.40
N PRO D 131 -13.80 -9.58 2.16
CA PRO D 131 -13.18 -8.81 1.11
C PRO D 131 -14.05 -7.68 0.60
N LYS D 132 -15.36 -7.78 0.81
CA LYS D 132 -16.30 -6.70 0.49
C LYS D 132 -16.62 -5.88 1.74
N ALA D 133 -15.63 -5.68 2.62
CA ALA D 133 -15.81 -4.91 3.87
C ALA D 133 -14.61 -4.02 4.16
N VAL D 134 -13.40 -4.58 4.02
CA VAL D 134 -12.14 -3.84 4.12
C VAL D 134 -12.16 -2.67 3.12
N HIS D 135 -12.74 -2.95 1.96
CA HIS D 135 -13.02 -1.92 0.93
C HIS D 135 -13.89 -0.79 1.51
N LEU D 136 -15.01 -1.16 2.10
CA LEU D 136 -15.94 -0.23 2.73
C LEU D 136 -15.20 0.83 3.54
N TYR D 137 -14.41 0.36 4.52
CA TYR D 137 -13.66 1.25 5.42
C TYR D 137 -12.56 1.98 4.65
N GLU D 138 -11.86 1.29 3.76
CA GLU D 138 -10.90 1.97 2.85
C GLU D 138 -11.66 3.10 2.19
N GLU D 139 -12.84 2.78 1.69
CA GLU D 139 -13.71 3.70 0.96
C GLU D 139 -14.25 4.86 1.83
N CYS D 140 -14.18 4.67 3.15
CA CYS D 140 -14.50 5.71 4.14
C CYS D 140 -13.26 6.44 4.70
N GLY D 141 -12.07 6.15 4.17
CA GLY D 141 -10.85 6.92 4.47
C GLY D 141 -9.90 6.22 5.41
N PHE D 142 -10.29 5.01 5.80
CA PHE D 142 -9.44 4.12 6.57
C PHE D 142 -8.35 3.53 5.68
N VAL D 143 -7.20 3.24 6.28
CA VAL D 143 -6.08 2.63 5.58
C VAL D 143 -5.51 1.58 6.52
N GLU D 144 -5.37 0.35 6.01
CA GLU D 144 -4.59 -0.71 6.64
C GLU D 144 -3.27 -0.15 7.11
N GLU D 145 -3.00 -0.34 8.39
CA GLU D 145 -1.61 -0.27 8.90
C GLU D 145 -1.10 -1.65 9.38
N GLY D 146 -1.95 -2.69 9.40
CA GLY D 146 -1.64 -3.98 10.04
C GLY D 146 -2.19 -5.23 9.33
N HIS D 147 -1.29 -6.19 9.12
CA HIS D 147 -1.71 -7.53 8.75
C HIS D 147 -1.37 -8.42 9.92
N LEU D 148 -2.40 -8.74 10.68
CA LEU D 148 -2.23 -9.41 11.92
C LEU D 148 -2.26 -10.91 11.62
N VAL D 149 -1.11 -11.56 11.83
CA VAL D 149 -0.98 -12.94 11.43
C VAL D 149 -1.52 -13.78 12.56
N GLU D 150 -2.64 -14.40 12.28
CA GLU D 150 -3.20 -15.39 13.16
C GLU D 150 -3.49 -14.70 14.50
N GLU D 151 -4.25 -13.62 14.43
CA GLU D 151 -4.66 -12.94 15.65
C GLU D 151 -5.76 -13.76 16.29
N PHE D 152 -6.80 -14.03 15.51
CA PHE D 152 -8.04 -14.52 16.06
C PHE D 152 -8.21 -15.93 15.53
N PHE D 153 -8.61 -16.83 16.43
CA PHE D 153 -9.11 -18.18 16.09
C PHE D 153 -10.62 -18.13 15.95
N ILE D 154 -11.06 -18.40 14.72
CA ILE D 154 -12.46 -18.26 14.33
C ILE D 154 -12.84 -19.30 13.26
N ASN D 155 -13.89 -20.06 13.52
CA ASN D 155 -14.37 -21.00 12.53
C ASN D 155 -13.34 -22.04 12.13
N GLY D 156 -12.60 -22.49 13.13
CA GLY D 156 -11.80 -23.71 13.04
C GLY D 156 -10.32 -23.49 12.90
N ARG D 157 -9.93 -22.26 12.67
CA ARG D 157 -8.56 -22.01 12.22
C ARG D 157 -8.05 -20.63 12.58
N TYR D 158 -6.74 -20.52 12.57
CA TYR D 158 -6.09 -19.27 12.82
C TYR D 158 -6.16 -18.47 11.56
N GLN D 159 -6.53 -17.20 11.76
CA GLN D 159 -6.91 -16.23 10.73
C GLN D 159 -6.36 -14.81 10.98
N ASP D 160 -6.35 -14.05 9.93
CA ASP D 160 -5.67 -12.79 9.86
C ASP D 160 -6.69 -11.67 9.77
N VAL D 161 -6.37 -10.55 10.36
CA VAL D 161 -7.25 -9.42 10.27
C VAL D 161 -6.42 -8.20 9.99
N LYS D 162 -7.09 -7.18 9.47
CA LYS D 162 -6.42 -5.97 9.19
C LYS D 162 -6.58 -5.01 10.37
N ARG D 163 -5.54 -4.24 10.65
CA ARG D 163 -5.69 -3.04 11.48
C ARG D 163 -5.74 -1.80 10.58
N MET D 164 -6.89 -1.14 10.56
CA MET D 164 -7.08 0.03 9.71
C MET D 164 -7.25 1.21 10.63
N TYR D 165 -7.08 2.41 10.09
CA TYR D 165 -6.98 3.62 10.90
C TYR D 165 -7.39 4.86 10.09
N ILE D 166 -7.91 5.86 10.79
CA ILE D 166 -8.31 7.11 10.21
C ILE D 166 -8.24 8.22 11.23
N LEU D 167 -7.67 9.37 10.84
CA LEU D 167 -7.48 10.47 11.79
C LEU D 167 -8.47 11.59 11.56
N GLN D 168 -8.79 12.21 12.69
CA GLN D 168 -9.43 13.50 12.73
C GLN D 168 -8.92 14.50 11.69
N SER D 169 -7.61 14.49 11.45
CA SER D 169 -6.96 15.35 10.45
C SER D 169 -7.46 15.12 9.02
N LYS D 170 -7.85 13.89 8.69
CA LYS D 170 -8.29 13.53 7.33
C LYS D 170 -9.83 13.41 7.18
N TYR D 171 -10.53 13.13 8.28
CA TYR D 171 -11.98 13.06 8.27
C TYR D 171 -12.56 14.45 8.42
N LEU D 172 -11.92 15.29 9.26
CA LEU D 172 -12.31 16.71 9.32
C LEU D 172 -11.73 17.51 8.13
N ASN D 173 -10.56 17.08 7.62
CA ASN D 173 -9.90 17.70 6.44
C ASN D 173 -9.64 16.67 5.34
N ASN E 5 29.66 -26.80 0.32
CA ASN E 5 30.00 -25.59 -0.46
C ASN E 5 29.67 -25.79 -1.96
N SER E 6 30.65 -25.53 -2.82
CA SER E 6 30.55 -25.80 -4.25
C SER E 6 31.18 -27.17 -4.52
N GLN E 7 31.40 -27.91 -3.43
CA GLN E 7 31.95 -29.26 -3.45
C GLN E 7 30.94 -30.26 -3.97
N LEU E 8 29.70 -30.05 -3.55
CA LEU E 8 28.71 -31.13 -3.50
C LEU E 8 28.15 -31.32 -4.89
N THR E 9 28.20 -32.57 -5.39
CA THR E 9 27.84 -32.88 -6.79
C THR E 9 26.80 -33.98 -6.86
N LEU E 10 26.01 -33.93 -7.93
CA LEU E 10 24.80 -34.72 -8.08
C LEU E 10 25.10 -35.58 -9.29
N ARG E 11 25.00 -36.90 -9.10
CA ARG E 11 25.15 -37.87 -10.16
C ARG E 11 24.10 -38.93 -10.03
N ALA E 12 23.83 -39.54 -11.16
CA ALA E 12 22.90 -40.67 -11.21
C ALA E 12 23.09 -41.62 -10.01
N LEU E 13 22.00 -42.20 -9.54
CA LEU E 13 22.06 -43.30 -8.54
C LEU E 13 22.63 -44.52 -9.25
N GLU E 14 23.64 -45.17 -8.66
CA GLU E 14 24.23 -46.43 -9.20
C GLU E 14 24.01 -47.61 -8.27
N ARG E 15 24.22 -48.81 -8.83
CA ARG E 15 24.13 -50.09 -8.10
C ARG E 15 24.99 -50.06 -6.83
N GLY E 16 26.29 -49.79 -6.96
CA GLY E 16 27.21 -49.70 -5.80
C GLY E 16 26.88 -48.57 -4.84
N ASP E 17 25.84 -47.79 -5.12
CA ASP E 17 25.24 -46.92 -4.10
C ASP E 17 24.03 -47.60 -3.37
N LEU E 18 23.68 -48.81 -3.74
CA LEU E 18 22.43 -49.41 -3.22
C LEU E 18 22.56 -49.86 -1.78
N ARG E 19 23.76 -49.79 -1.21
CA ARG E 19 23.93 -50.02 0.21
C ARG E 19 23.65 -48.78 1.07
N PHE E 20 23.99 -47.61 0.57
CA PHE E 20 23.72 -46.33 1.21
C PHE E 20 22.23 -46.06 1.20
N ILE E 21 21.59 -46.26 0.06
CA ILE E 21 20.15 -46.02 -0.06
C ILE E 21 19.45 -46.89 0.99
N HIS E 22 19.81 -48.18 0.95
CA HIS E 22 19.23 -49.18 1.82
C HIS E 22 19.27 -48.70 3.26
N ASN E 23 20.42 -48.13 3.63
CA ASN E 23 20.71 -47.66 4.98
C ASN E 23 19.83 -46.46 5.40
N LEU E 24 19.56 -45.54 4.48
CA LEU E 24 18.62 -44.44 4.73
C LEU E 24 17.19 -44.91 4.76
N ASN E 25 16.86 -45.91 3.94
CA ASN E 25 15.48 -46.38 3.71
C ASN E 25 14.95 -47.27 4.83
N ASN E 26 15.89 -47.88 5.58
CA ASN E 26 15.55 -48.62 6.82
C ASN E 26 15.83 -47.80 8.13
N ASN E 27 15.81 -46.45 8.04
CA ASN E 27 16.06 -45.53 9.19
C ASN E 27 14.81 -44.73 9.45
N ARG E 28 14.13 -45.06 10.56
CA ARG E 28 12.89 -44.39 11.00
C ARG E 28 13.04 -42.88 11.19
N ASN E 29 14.10 -42.48 11.88
CA ASN E 29 14.32 -41.04 12.10
C ASN E 29 14.18 -40.25 10.78
N ILE E 30 14.82 -40.75 9.71
CA ILE E 30 14.67 -40.13 8.40
C ILE E 30 13.41 -40.51 7.63
N MET E 31 13.12 -41.80 7.51
CA MET E 31 12.04 -42.26 6.65
C MET E 31 10.67 -41.84 7.09
N SER E 32 10.52 -41.43 8.35
CA SER E 32 9.25 -40.84 8.79
C SER E 32 9.07 -39.47 8.09
N TYR E 33 10.14 -38.73 7.93
CA TYR E 33 10.00 -37.43 7.26
C TYR E 33 9.81 -37.59 5.77
N TRP E 34 9.71 -38.84 5.33
CA TRP E 34 9.36 -39.12 3.94
C TRP E 34 8.07 -39.93 3.78
N PHE E 35 7.27 -39.96 4.84
CA PHE E 35 5.91 -40.47 4.80
C PHE E 35 5.91 -41.93 4.37
N GLU E 36 7.03 -42.63 4.61
CA GLU E 36 7.21 -43.97 4.02
C GLU E 36 7.52 -44.96 5.14
N GLU E 37 7.30 -46.25 4.89
CA GLU E 37 7.53 -47.26 5.94
C GLU E 37 9.02 -47.63 6.12
N PRO E 38 9.59 -47.54 7.33
CA PRO E 38 11.04 -47.73 7.52
C PRO E 38 11.49 -49.19 7.41
N TYR E 39 11.07 -49.85 6.35
CA TYR E 39 11.40 -51.22 6.16
C TYR E 39 11.47 -51.57 4.69
N GLU E 40 12.64 -51.99 4.23
CA GLU E 40 12.81 -52.37 2.82
C GLU E 40 14.07 -53.24 2.59
N SER E 41 13.87 -54.55 2.53
CA SER E 41 14.96 -55.46 2.24
C SER E 41 15.88 -54.97 1.09
N PHE E 42 17.16 -55.24 1.22
CA PHE E 42 18.10 -54.97 0.16
C PHE E 42 17.51 -55.47 -1.14
N ASP E 43 16.88 -56.63 -1.06
CA ASP E 43 16.36 -57.28 -2.24
C ASP E 43 15.17 -56.52 -2.80
N GLU E 44 14.34 -55.93 -1.94
CA GLU E 44 13.25 -55.09 -2.45
C GLU E 44 13.84 -53.87 -3.16
N LEU E 45 14.76 -53.18 -2.50
CA LEU E 45 15.42 -52.07 -3.13
C LEU E 45 15.94 -52.43 -4.56
N GLU E 46 16.84 -53.41 -4.67
CA GLU E 46 17.52 -53.69 -5.94
C GLU E 46 16.60 -54.17 -7.05
N GLU E 47 15.55 -54.89 -6.74
CA GLU E 47 14.66 -55.32 -7.81
C GLU E 47 13.76 -54.19 -8.25
N LEU E 48 13.46 -53.25 -7.37
CA LEU E 48 12.77 -52.07 -7.79
C LEU E 48 13.74 -51.17 -8.55
N TYR E 49 14.99 -51.12 -8.10
CA TYR E 49 16.03 -50.51 -8.90
C TYR E 49 15.93 -51.03 -10.33
N ASN E 50 16.23 -52.33 -10.54
CA ASN E 50 16.21 -52.93 -11.89
C ASN E 50 14.89 -52.67 -12.61
N LYS E 51 13.77 -52.76 -11.93
CA LYS E 51 12.50 -52.56 -12.65
C LYS E 51 12.45 -51.16 -13.34
N HIS E 52 13.03 -50.12 -12.69
CA HIS E 52 12.87 -48.69 -13.10
C HIS E 52 14.06 -48.05 -13.81
N ILE E 53 14.87 -48.86 -14.47
CA ILE E 53 16.07 -48.34 -15.07
C ILE E 53 15.85 -47.70 -16.41
N HIS E 54 14.83 -48.15 -17.11
CA HIS E 54 14.45 -47.51 -18.35
C HIS E 54 13.27 -46.54 -18.19
N ASP E 55 12.66 -46.52 -17.00
CA ASP E 55 11.55 -45.62 -16.65
C ASP E 55 11.98 -44.16 -16.62
N ASN E 56 11.27 -43.32 -17.37
CA ASN E 56 11.63 -41.92 -17.65
C ASN E 56 11.00 -40.90 -16.69
N ALA E 57 10.15 -41.39 -15.78
CA ALA E 57 9.35 -40.57 -14.86
C ALA E 57 10.09 -40.21 -13.58
N GLU E 58 11.34 -40.64 -13.49
CA GLU E 58 12.14 -40.29 -12.34
C GLU E 58 13.60 -40.19 -12.66
N ARG E 59 14.24 -39.25 -11.96
CA ARG E 59 15.69 -39.11 -11.90
C ARG E 59 16.08 -39.26 -10.41
N ARG E 60 16.91 -40.27 -10.20
CA ARG E 60 17.41 -40.62 -8.93
C ARG E 60 18.86 -40.14 -8.81
N PHE E 61 19.13 -39.26 -7.84
CA PHE E 61 20.48 -38.65 -7.65
C PHE E 61 21.14 -39.02 -6.32
N VAL E 62 22.43 -39.32 -6.38
CA VAL E 62 23.28 -39.48 -5.18
C VAL E 62 24.07 -38.23 -5.03
N VAL E 63 24.17 -37.75 -3.80
CA VAL E 63 24.94 -36.51 -3.55
C VAL E 63 26.38 -36.77 -3.08
N GLU E 64 27.37 -36.20 -3.78
CA GLU E 64 28.79 -36.34 -3.38
C GLU E 64 29.55 -35.02 -3.09
N ASP E 65 30.54 -35.10 -2.19
CA ASP E 65 31.54 -34.02 -1.96
C ASP E 65 32.81 -34.28 -2.78
N ALA E 66 33.87 -33.51 -2.56
CA ALA E 66 35.11 -33.61 -3.39
C ALA E 66 35.93 -34.89 -3.19
N GLN E 67 35.90 -35.45 -1.97
CA GLN E 67 36.55 -36.75 -1.67
C GLN E 67 35.58 -37.87 -1.98
N LYS E 68 34.36 -37.48 -2.37
CA LYS E 68 33.31 -38.38 -2.84
C LYS E 68 32.75 -39.23 -1.67
N ASN E 69 32.41 -38.53 -0.60
CA ASN E 69 31.48 -39.06 0.40
C ASN E 69 30.02 -39.03 -0.09
N LEU E 70 29.29 -40.07 0.29
CA LEU E 70 27.90 -40.19 -0.02
C LEU E 70 27.23 -39.26 0.96
N ILE E 71 26.87 -38.10 0.45
CA ILE E 71 26.27 -37.05 1.24
C ILE E 71 24.80 -37.33 1.45
N GLY E 72 24.11 -37.84 0.45
CA GLY E 72 22.63 -37.85 0.49
C GLY E 72 21.89 -38.12 -0.79
N LEU E 73 20.61 -37.75 -0.81
CA LEU E 73 19.70 -38.15 -1.92
C LEU E 73 18.87 -37.04 -2.51
N VAL E 74 19.10 -36.63 -3.74
CA VAL E 74 18.06 -35.81 -4.45
C VAL E 74 17.23 -36.69 -5.37
N GLU E 75 15.91 -36.51 -5.41
CA GLU E 75 15.11 -37.26 -6.40
C GLU E 75 14.06 -36.41 -7.06
N LEU E 76 13.53 -36.94 -8.18
CA LEU E 76 12.47 -36.28 -8.94
C LEU E 76 11.52 -37.37 -9.42
N ILE E 77 10.28 -37.31 -8.98
CA ILE E 77 9.35 -38.35 -9.28
C ILE E 77 8.13 -37.74 -9.91
N GLU E 78 7.17 -38.58 -10.28
CA GLU E 78 6.00 -38.15 -11.06
C GLU E 78 6.29 -37.06 -12.12
N ILE E 79 7.40 -37.21 -12.83
CA ILE E 79 7.74 -36.25 -13.89
C ILE E 79 6.68 -36.42 -14.97
N ASN E 80 5.67 -35.56 -15.00
CA ASN E 80 4.68 -35.62 -16.06
C ASN E 80 5.15 -34.72 -17.17
N TYR E 81 5.06 -35.24 -18.39
CA TYR E 81 5.76 -34.68 -19.54
C TYR E 81 4.89 -33.74 -20.37
N ILE E 82 3.56 -33.89 -20.25
CA ILE E 82 2.62 -32.89 -20.79
C ILE E 82 2.57 -31.61 -19.94
N HIS E 83 2.20 -31.78 -18.68
CA HIS E 83 2.06 -30.67 -17.73
C HIS E 83 3.43 -30.20 -17.19
N ARG E 84 4.52 -30.82 -17.67
CA ARG E 84 5.88 -30.47 -17.27
C ARG E 84 6.02 -30.16 -15.79
N SER E 85 5.60 -31.12 -14.97
CA SER E 85 5.76 -31.02 -13.52
C SER E 85 6.53 -32.21 -12.92
N ALA E 86 7.03 -32.04 -11.70
CA ALA E 86 7.63 -33.17 -10.96
C ALA E 86 7.77 -32.89 -9.48
N GLU E 87 8.04 -33.94 -8.72
CA GLU E 87 8.12 -33.81 -7.27
C GLU E 87 9.57 -33.90 -6.82
N PHE E 88 10.00 -32.95 -6.02
CA PHE E 88 11.35 -32.97 -5.47
C PHE E 88 11.23 -33.49 -4.05
N GLN E 89 12.08 -34.46 -3.73
CA GLN E 89 12.31 -35.05 -2.40
C GLN E 89 13.83 -35.08 -2.08
N ILE E 90 14.17 -35.07 -0.82
CA ILE E 90 15.55 -34.96 -0.39
C ILE E 90 15.77 -35.50 1.04
N ILE E 91 16.83 -36.29 1.16
CA ILE E 91 17.39 -36.71 2.42
C ILE E 91 18.91 -36.40 2.37
N ILE E 92 19.45 -35.81 3.43
CA ILE E 92 20.91 -35.85 3.68
C ILE E 92 21.22 -36.82 4.84
N ALA E 93 22.28 -37.60 4.65
CA ALA E 93 22.65 -38.60 5.64
C ALA E 93 22.77 -37.98 7.03
N PRO E 94 22.40 -38.74 8.08
CA PRO E 94 22.49 -38.17 9.40
C PRO E 94 23.87 -37.60 9.66
N GLU E 95 24.91 -38.40 9.44
CA GLU E 95 26.32 -38.01 9.58
C GLU E 95 26.65 -36.66 9.02
N HIS E 96 25.83 -36.23 8.05
CA HIS E 96 26.05 -34.98 7.32
C HIS E 96 25.06 -33.84 7.60
N GLN E 97 23.91 -34.10 8.20
CA GLN E 97 23.01 -32.98 8.58
C GLN E 97 23.62 -31.87 9.45
N GLY E 98 23.08 -30.66 9.30
CA GLY E 98 23.47 -29.48 10.06
C GLY E 98 24.70 -28.70 9.62
N LYS E 99 25.02 -28.80 8.35
CA LYS E 99 26.29 -28.23 7.88
C LYS E 99 26.14 -27.10 6.86
N GLY E 100 24.94 -26.73 6.45
CA GLY E 100 24.82 -25.69 5.42
C GLY E 100 24.58 -26.20 4.01
N PHE E 101 24.31 -27.50 3.88
CA PHE E 101 24.20 -28.13 2.61
C PHE E 101 22.81 -28.00 1.98
N ALA E 102 21.74 -27.99 2.78
CA ALA E 102 20.37 -28.07 2.21
C ALA E 102 19.93 -26.94 1.24
N ARG E 103 20.59 -25.80 1.23
CA ARG E 103 20.24 -24.84 0.20
C ARG E 103 20.81 -25.32 -1.14
N THR E 104 22.12 -25.58 -1.16
CA THR E 104 22.83 -26.03 -2.37
C THR E 104 22.11 -27.17 -3.09
N LEU E 105 21.87 -28.26 -2.37
CA LEU E 105 21.35 -29.49 -3.00
C LEU E 105 19.85 -29.38 -3.37
N ILE E 106 19.23 -28.26 -2.99
CA ILE E 106 17.87 -27.96 -3.41
C ILE E 106 17.88 -27.09 -4.65
N ASN E 107 18.79 -26.13 -4.63
CA ASN E 107 19.17 -25.38 -5.83
C ASN E 107 19.66 -26.25 -7.00
N ARG E 108 20.44 -27.31 -6.74
CA ARG E 108 20.88 -28.20 -7.81
C ARG E 108 19.69 -28.98 -8.36
N ALA E 109 18.70 -29.28 -7.56
CA ALA E 109 17.57 -30.06 -8.04
C ALA E 109 16.61 -29.15 -8.79
N LEU E 110 16.46 -27.91 -8.33
CA LEU E 110 15.70 -26.91 -9.07
C LEU E 110 16.43 -26.56 -10.37
N ASP E 111 17.73 -26.34 -10.28
CA ASP E 111 18.60 -26.21 -11.44
C ASP E 111 18.34 -27.35 -12.45
N TYR E 112 18.73 -28.55 -12.10
CA TYR E 112 18.51 -29.66 -12.99
C TYR E 112 17.23 -29.55 -13.80
N SER E 113 16.10 -29.46 -13.10
CA SER E 113 14.79 -29.57 -13.71
C SER E 113 14.49 -28.42 -14.67
N PHE E 114 15.12 -27.28 -14.44
CA PHE E 114 14.69 -26.00 -15.07
C PHE E 114 15.62 -25.53 -16.21
N THR E 115 16.85 -26.03 -16.17
CA THR E 115 17.85 -25.81 -17.18
C THR E 115 18.16 -27.08 -17.97
N ILE E 116 17.90 -28.27 -17.42
CA ILE E 116 18.10 -29.54 -18.19
C ILE E 116 16.80 -30.24 -18.63
N LEU E 117 15.82 -30.36 -17.75
CA LEU E 117 14.64 -31.15 -18.08
C LEU E 117 13.51 -30.29 -18.59
N ASN E 118 13.76 -28.98 -18.67
CA ASN E 118 12.81 -27.99 -19.21
C ASN E 118 11.43 -28.29 -18.65
N LEU E 119 11.38 -28.49 -17.33
CA LEU E 119 10.15 -28.61 -16.56
C LEU E 119 9.67 -27.21 -16.22
N HIS E 120 8.38 -27.08 -15.99
CA HIS E 120 7.75 -25.85 -15.64
C HIS E 120 7.60 -25.66 -14.14
N LYS E 121 7.16 -26.72 -13.47
CA LYS E 121 6.79 -26.68 -12.06
C LYS E 121 7.42 -27.82 -11.24
N ILE E 122 7.81 -27.53 -10.00
CA ILE E 122 8.48 -28.46 -9.10
C ILE E 122 7.72 -28.35 -7.81
N TYR E 123 7.01 -29.41 -7.43
CA TYR E 123 6.17 -29.33 -6.25
C TYR E 123 6.73 -30.33 -5.25
N LEU E 124 6.54 -30.06 -3.95
CA LEU E 124 6.95 -30.97 -2.87
C LEU E 124 5.84 -31.13 -1.85
N HIS E 125 6.15 -31.89 -0.79
CA HIS E 125 5.30 -32.15 0.34
C HIS E 125 6.20 -32.21 1.61
N VAL E 126 5.84 -31.45 2.66
CA VAL E 126 6.63 -31.35 3.86
C VAL E 126 5.74 -31.63 5.03
N ALA E 127 6.25 -32.41 5.97
CA ALA E 127 5.47 -32.63 7.17
C ALA E 127 5.37 -31.27 7.82
N VAL E 128 4.16 -30.92 8.26
CA VAL E 128 3.94 -29.66 8.96
C VAL E 128 4.79 -29.68 10.22
N GLU E 129 5.23 -30.88 10.64
CA GLU E 129 6.07 -31.05 11.84
C GLU E 129 7.49 -31.50 11.47
N ASN E 130 7.88 -31.11 10.27
CA ASN E 130 9.25 -31.09 9.86
C ASN E 130 9.64 -29.66 9.42
N PRO E 131 9.34 -28.66 10.26
CA PRO E 131 9.39 -27.26 9.80
C PRO E 131 10.78 -26.80 9.33
N LYS E 132 11.82 -27.32 9.98
CA LYS E 132 13.21 -27.09 9.59
C LYS E 132 13.34 -27.27 8.06
N ALA E 133 12.62 -28.28 7.56
CA ALA E 133 12.42 -28.45 6.14
C ALA E 133 11.54 -27.36 5.48
N VAL E 134 10.44 -26.98 6.12
CA VAL E 134 9.60 -25.93 5.53
C VAL E 134 10.42 -24.65 5.33
N HIS E 135 11.32 -24.43 6.28
CA HIS E 135 12.17 -23.24 6.32
C HIS E 135 13.20 -23.16 5.17
N LEU E 136 13.76 -24.29 4.78
CA LEU E 136 14.73 -24.28 3.70
C LEU E 136 14.06 -24.19 2.31
N TYR E 137 12.87 -24.73 2.16
CA TYR E 137 12.18 -24.58 0.87
C TYR E 137 11.74 -23.14 0.66
N GLU E 138 11.22 -22.49 1.69
CA GLU E 138 10.70 -21.13 1.55
C GLU E 138 11.78 -20.16 1.01
N GLU E 139 13.02 -20.30 1.48
CA GLU E 139 14.13 -19.40 1.06
C GLU E 139 14.53 -19.61 -0.39
N CYS E 140 14.64 -20.88 -0.78
CA CYS E 140 14.98 -21.31 -2.13
C CYS E 140 13.90 -20.96 -3.18
N GLY E 141 12.77 -20.44 -2.68
CA GLY E 141 11.75 -19.75 -3.48
C GLY E 141 10.37 -20.38 -3.45
N PHE E 142 10.24 -21.55 -2.80
CA PHE E 142 8.97 -22.29 -2.70
C PHE E 142 7.89 -21.49 -1.99
N VAL E 143 6.64 -21.64 -2.41
CA VAL E 143 5.54 -21.05 -1.69
C VAL E 143 4.55 -22.13 -1.48
N GLU E 144 3.72 -21.97 -0.45
CA GLU E 144 2.58 -22.84 -0.12
C GLU E 144 1.36 -22.70 -1.08
N GLU E 145 0.82 -23.86 -1.46
CA GLU E 145 -0.40 -23.97 -2.26
C GLU E 145 -1.38 -25.10 -1.80
N GLY E 146 -1.05 -25.81 -0.70
CA GLY E 146 -1.98 -26.72 -0.02
C GLY E 146 -1.50 -27.02 1.42
N HIS E 147 -2.44 -27.16 2.35
CA HIS E 147 -2.19 -27.72 3.70
C HIS E 147 -3.07 -28.96 3.82
N LEU E 148 -2.40 -30.10 3.64
CA LEU E 148 -3.07 -31.36 3.32
C LEU E 148 -3.52 -32.06 4.61
N VAL E 149 -4.83 -32.07 4.82
CA VAL E 149 -5.35 -32.34 6.13
C VAL E 149 -5.40 -33.85 6.31
N GLU E 150 -4.62 -34.31 7.31
CA GLU E 150 -4.60 -35.68 7.81
C GLU E 150 -4.15 -36.66 6.76
N GLU E 151 -3.09 -36.28 6.07
CA GLU E 151 -2.64 -37.00 4.86
C GLU E 151 -1.89 -38.26 5.19
N PHE E 152 -1.03 -38.23 6.19
CA PHE E 152 -0.10 -39.30 6.39
C PHE E 152 -0.04 -39.68 7.82
N PHE E 153 -0.51 -40.88 8.16
CA PHE E 153 -0.34 -41.51 9.46
C PHE E 153 1.12 -41.76 9.78
N ILE E 154 1.59 -41.16 10.87
CA ILE E 154 3.01 -41.21 11.21
C ILE E 154 3.20 -41.24 12.74
N ASN E 155 4.08 -42.14 13.16
CA ASN E 155 4.44 -42.22 14.56
C ASN E 155 3.19 -42.15 15.47
N GLY E 156 2.18 -42.95 15.13
CA GLY E 156 1.05 -43.17 16.01
C GLY E 156 -0.23 -42.41 15.73
N ARG E 157 -0.14 -41.30 15.00
CA ARG E 157 -1.31 -40.47 14.73
C ARG E 157 -1.18 -39.84 13.35
N TYR E 158 -2.34 -39.53 12.73
CA TYR E 158 -2.43 -38.72 11.50
C TYR E 158 -1.83 -37.29 11.62
N GLN E 159 -1.19 -36.83 10.53
CA GLN E 159 -0.49 -35.53 10.47
C GLN E 159 -0.61 -34.94 9.08
N ASP E 160 -0.43 -33.60 9.02
CA ASP E 160 -0.68 -32.77 7.84
C ASP E 160 0.64 -32.32 7.20
N VAL E 161 0.64 -32.26 5.87
CA VAL E 161 1.80 -31.78 5.12
C VAL E 161 1.41 -30.54 4.31
N LYS E 162 2.42 -29.78 3.88
CA LYS E 162 2.23 -28.59 3.06
C LYS E 162 2.66 -28.94 1.70
N ARG E 163 1.84 -28.57 0.72
CA ARG E 163 2.32 -28.58 -0.62
C ARG E 163 2.96 -27.22 -0.82
N MET E 164 4.09 -27.25 -1.52
CA MET E 164 4.81 -26.04 -1.87
C MET E 164 5.36 -26.24 -3.24
N TYR E 165 5.61 -25.13 -3.94
CA TYR E 165 5.97 -25.17 -5.33
C TYR E 165 6.81 -23.96 -5.69
N ILE E 166 7.59 -24.13 -6.76
CA ILE E 166 8.38 -23.09 -7.35
C ILE E 166 8.33 -23.30 -8.86
N LEU E 167 8.32 -22.20 -9.62
CA LEU E 167 8.02 -22.21 -11.09
C LEU E 167 9.21 -21.80 -11.93
N GLN E 168 9.27 -22.33 -13.17
CA GLN E 168 10.45 -22.13 -14.03
C GLN E 168 10.80 -20.63 -14.13
N SER E 169 9.85 -19.83 -14.64
CA SER E 169 9.98 -18.34 -14.70
C SER E 169 10.69 -17.70 -13.49
N LYS E 170 10.27 -18.06 -12.29
CA LYS E 170 10.84 -17.54 -11.05
C LYS E 170 12.29 -18.05 -10.72
N TYR E 171 12.60 -19.31 -11.01
CA TYR E 171 13.95 -19.84 -10.75
C TYR E 171 15.04 -19.20 -11.64
N LEU E 172 14.68 -18.85 -12.85
CA LEU E 172 15.64 -18.27 -13.77
C LEU E 172 15.93 -16.79 -13.42
N ASN E 173 14.88 -16.05 -13.05
CA ASN E 173 14.94 -14.56 -12.93
C ASN E 173 15.01 -14.01 -11.46
N ARG E 174 15.58 -14.80 -10.55
CA ARG E 174 15.56 -14.52 -9.10
C ARG E 174 16.57 -15.47 -8.49
N ASN F 5 -32.54 -41.78 -8.95
CA ASN F 5 -32.38 -41.81 -7.46
C ASN F 5 -31.84 -43.19 -7.04
N SER F 6 -32.54 -43.92 -6.19
CA SER F 6 -32.08 -45.23 -5.68
C SER F 6 -31.84 -46.27 -6.78
N GLN F 7 -32.14 -45.86 -8.01
CA GLN F 7 -32.13 -46.74 -9.15
C GLN F 7 -30.71 -46.99 -9.63
N LEU F 8 -29.76 -46.16 -9.21
CA LEU F 8 -28.41 -46.19 -9.80
C LEU F 8 -27.42 -47.02 -9.00
N THR F 9 -26.94 -48.10 -9.65
CA THR F 9 -26.00 -49.07 -9.06
C THR F 9 -24.58 -48.86 -9.58
N LEU F 10 -23.61 -49.33 -8.79
CA LEU F 10 -22.20 -49.36 -9.13
C LEU F 10 -21.79 -50.82 -9.10
N ARG F 11 -20.94 -51.17 -10.06
CA ARG F 11 -20.36 -52.51 -10.15
C ARG F 11 -19.01 -52.49 -10.88
N ALA F 12 -18.35 -53.62 -10.78
CA ALA F 12 -17.01 -53.79 -11.26
C ALA F 12 -16.98 -53.47 -12.70
N LEU F 13 -15.88 -52.90 -13.17
CA LEU F 13 -15.68 -52.69 -14.59
C LEU F 13 -15.19 -54.03 -15.10
N GLU F 14 -15.88 -54.47 -16.16
CA GLU F 14 -15.62 -55.73 -16.82
C GLU F 14 -15.29 -55.46 -18.29
N ARG F 15 -15.11 -56.56 -19.03
CA ARG F 15 -14.54 -56.57 -20.35
C ARG F 15 -15.52 -56.01 -21.35
N GLY F 16 -16.75 -56.48 -21.27
CA GLY F 16 -17.78 -56.03 -22.19
C GLY F 16 -18.19 -54.59 -22.01
N ASP F 17 -17.63 -53.90 -21.02
CA ASP F 17 -17.91 -52.45 -20.85
C ASP F 17 -16.87 -51.58 -21.52
N LEU F 18 -15.75 -52.18 -21.93
CA LEU F 18 -14.57 -51.42 -22.34
C LEU F 18 -14.74 -50.49 -23.57
N ARG F 19 -15.65 -50.83 -24.51
CA ARG F 19 -16.01 -49.90 -25.61
C ARG F 19 -16.58 -48.55 -25.13
N PHE F 20 -17.54 -48.63 -24.21
CA PHE F 20 -18.10 -47.45 -23.54
C PHE F 20 -17.02 -46.61 -22.88
N ILE F 21 -16.11 -47.28 -22.16
CA ILE F 21 -15.02 -46.60 -21.45
C ILE F 21 -14.05 -45.96 -22.45
N HIS F 22 -13.77 -46.64 -23.55
CA HIS F 22 -12.80 -46.13 -24.50
C HIS F 22 -13.36 -44.90 -25.22
N ASN F 23 -14.67 -44.90 -25.36
CA ASN F 23 -15.43 -43.81 -25.88
C ASN F 23 -15.34 -42.50 -25.03
N LEU F 24 -15.36 -42.62 -23.71
CA LEU F 24 -15.12 -41.43 -22.86
C LEU F 24 -13.64 -41.00 -22.76
N ASN F 25 -12.69 -41.91 -23.00
CA ASN F 25 -11.24 -41.56 -22.91
C ASN F 25 -10.74 -40.81 -24.13
N ASN F 26 -11.53 -40.80 -25.20
CA ASN F 26 -11.17 -40.20 -26.49
C ASN F 26 -12.02 -38.97 -26.87
N ASN F 27 -12.90 -38.57 -25.97
CA ASN F 27 -13.69 -37.34 -26.10
C ASN F 27 -12.90 -36.22 -25.42
N ARG F 28 -12.44 -35.30 -26.25
CA ARG F 28 -11.80 -34.08 -25.79
C ARG F 28 -12.60 -33.27 -24.74
N ASN F 29 -13.93 -33.31 -24.76
CA ASN F 29 -14.72 -32.52 -23.81
C ASN F 29 -14.61 -33.03 -22.37
N ILE F 30 -14.74 -34.35 -22.23
CA ILE F 30 -14.83 -34.95 -20.92
C ILE F 30 -13.44 -35.01 -20.31
N MET F 31 -12.43 -35.39 -21.09
CA MET F 31 -11.11 -35.64 -20.49
C MET F 31 -10.33 -34.41 -20.09
N SER F 32 -10.68 -33.24 -20.64
CA SER F 32 -10.00 -31.98 -20.25
C SER F 32 -10.24 -31.66 -18.78
N TYR F 33 -11.39 -32.08 -18.27
CA TYR F 33 -11.75 -31.98 -16.85
C TYR F 33 -10.90 -32.90 -15.95
N TRP F 34 -10.53 -34.08 -16.47
CA TRP F 34 -9.73 -35.11 -15.76
C TRP F 34 -8.24 -34.88 -15.95
N PHE F 35 -7.87 -33.90 -16.78
CA PHE F 35 -6.50 -33.41 -16.92
C PHE F 35 -5.64 -34.34 -17.75
N GLU F 36 -6.25 -35.42 -18.20
CA GLU F 36 -5.54 -36.50 -18.85
C GLU F 36 -5.49 -36.20 -20.36
N GLU F 37 -4.97 -37.12 -21.17
CA GLU F 37 -5.04 -36.93 -22.60
C GLU F 37 -6.22 -37.70 -23.28
N PRO F 38 -6.89 -37.04 -24.27
CA PRO F 38 -7.99 -37.63 -25.00
C PRO F 38 -7.48 -38.42 -26.21
N TYR F 39 -6.50 -39.27 -25.91
CA TYR F 39 -6.01 -40.31 -26.83
C TYR F 39 -5.70 -41.56 -26.01
N GLU F 40 -6.47 -42.63 -26.24
CA GLU F 40 -6.07 -43.97 -25.78
C GLU F 40 -6.73 -44.97 -26.69
N SER F 41 -5.93 -45.66 -27.49
CA SER F 41 -6.41 -46.73 -28.34
C SER F 41 -7.11 -47.81 -27.51
N PHE F 42 -7.98 -48.58 -28.15
CA PHE F 42 -8.66 -49.67 -27.48
C PHE F 42 -7.72 -50.78 -27.07
N ASP F 43 -6.57 -50.85 -27.73
CA ASP F 43 -5.54 -51.81 -27.38
C ASP F 43 -4.78 -51.32 -26.17
N GLU F 44 -4.44 -50.03 -26.14
CA GLU F 44 -3.86 -49.50 -24.91
C GLU F 44 -4.73 -49.78 -23.72
N LEU F 45 -6.01 -49.43 -23.83
CA LEU F 45 -6.93 -49.47 -22.70
C LEU F 45 -7.04 -50.86 -22.17
N GLU F 46 -7.11 -51.80 -23.09
CA GLU F 46 -7.52 -53.13 -22.75
C GLU F 46 -6.31 -53.86 -22.24
N GLU F 47 -5.15 -53.64 -22.85
CA GLU F 47 -3.91 -54.22 -22.30
C GLU F 47 -3.72 -53.68 -20.93
N LEU F 48 -3.83 -52.36 -20.77
CA LEU F 48 -3.77 -51.79 -19.41
C LEU F 48 -4.76 -52.44 -18.44
N TYR F 49 -5.98 -52.69 -18.83
CA TYR F 49 -6.89 -53.37 -17.97
C TYR F 49 -6.28 -54.78 -17.61
N ASN F 50 -5.80 -55.52 -18.62
CA ASN F 50 -5.17 -56.85 -18.39
C ASN F 50 -3.89 -56.71 -17.61
N LYS F 51 -3.39 -55.50 -17.39
CA LYS F 51 -2.20 -55.39 -16.55
C LYS F 51 -2.59 -55.37 -15.09
N HIS F 52 -3.65 -54.61 -14.77
CA HIS F 52 -4.08 -54.26 -13.40
C HIS F 52 -5.22 -55.10 -12.84
N ILE F 53 -5.62 -56.13 -13.59
CA ILE F 53 -6.67 -57.05 -13.13
C ILE F 53 -6.64 -57.33 -11.62
N HIS F 54 -5.44 -57.56 -11.05
CA HIS F 54 -5.21 -57.90 -9.60
C HIS F 54 -4.64 -56.82 -8.68
N ASP F 55 -4.71 -55.56 -9.10
CA ASP F 55 -4.18 -54.43 -8.35
C ASP F 55 -5.16 -54.10 -7.21
N ASN F 56 -4.75 -54.37 -5.97
CA ASN F 56 -5.46 -53.83 -4.82
C ASN F 56 -5.46 -52.32 -4.74
N ALA F 57 -4.74 -51.62 -5.62
CA ALA F 57 -4.63 -50.15 -5.53
C ALA F 57 -5.67 -49.36 -6.37
N GLU F 58 -6.53 -50.06 -7.07
CA GLU F 58 -7.65 -49.37 -7.73
C GLU F 58 -8.92 -50.18 -7.69
N ARG F 59 -10.04 -49.46 -7.63
CA ARG F 59 -11.36 -50.05 -7.84
C ARG F 59 -12.07 -49.20 -8.88
N ARG F 60 -12.61 -49.89 -9.88
CA ARG F 60 -13.22 -49.20 -11.01
C ARG F 60 -14.64 -49.70 -11.20
N PHE F 61 -15.55 -48.73 -11.23
CA PHE F 61 -16.94 -48.98 -11.26
C PHE F 61 -17.56 -48.44 -12.54
N VAL F 62 -18.43 -49.23 -13.12
CA VAL F 62 -19.40 -48.72 -14.03
C VAL F 62 -20.68 -48.45 -13.28
N VAL F 63 -21.27 -47.32 -13.60
CA VAL F 63 -22.52 -46.91 -13.00
C VAL F 63 -23.58 -47.39 -13.95
N GLU F 64 -24.47 -48.23 -13.40
CA GLU F 64 -25.69 -48.68 -14.09
C GLU F 64 -26.98 -48.12 -13.48
N ASP F 65 -28.00 -47.99 -14.31
CA ASP F 65 -29.35 -47.66 -13.87
C ASP F 65 -30.21 -48.91 -13.83
N ALA F 66 -31.48 -48.77 -13.47
CA ALA F 66 -32.43 -49.87 -13.45
C ALA F 66 -32.52 -50.65 -14.76
N GLN F 67 -32.84 -49.96 -15.85
CA GLN F 67 -32.75 -50.55 -17.19
C GLN F 67 -31.33 -51.02 -17.60
N LYS F 68 -30.35 -50.88 -16.68
CA LYS F 68 -28.93 -51.29 -16.87
C LYS F 68 -28.19 -50.50 -17.96
N ASN F 69 -28.68 -49.31 -18.31
CA ASN F 69 -27.98 -48.35 -19.18
C ASN F 69 -26.66 -47.83 -18.55
N LEU F 70 -25.63 -47.74 -19.38
CA LEU F 70 -24.33 -47.20 -18.96
C LEU F 70 -24.42 -45.67 -18.81
N ILE F 71 -24.11 -45.24 -17.60
CA ILE F 71 -24.41 -43.90 -17.13
C ILE F 71 -23.08 -43.18 -16.98
N GLY F 72 -22.03 -43.95 -16.64
CA GLY F 72 -20.81 -43.34 -16.12
C GLY F 72 -19.83 -44.28 -15.47
N LEU F 73 -18.71 -43.71 -15.02
CA LEU F 73 -17.52 -44.43 -14.53
C LEU F 73 -17.03 -43.71 -13.30
N VAL F 74 -16.66 -44.45 -12.29
CA VAL F 74 -16.15 -43.90 -11.06
C VAL F 74 -14.88 -44.72 -10.83
N GLU F 75 -13.99 -44.22 -9.96
CA GLU F 75 -12.67 -44.84 -9.77
C GLU F 75 -12.12 -44.40 -8.45
N LEU F 76 -11.67 -45.35 -7.66
CA LEU F 76 -10.93 -44.99 -6.47
C LEU F 76 -9.55 -45.45 -6.82
N ILE F 77 -8.60 -44.52 -6.90
CA ILE F 77 -7.25 -44.83 -7.42
C ILE F 77 -6.21 -44.44 -6.37
N GLU F 78 -4.97 -44.86 -6.59
CA GLU F 78 -3.85 -44.68 -5.63
C GLU F 78 -4.29 -45.04 -4.22
N ILE F 79 -4.93 -46.19 -4.07
CA ILE F 79 -5.37 -46.61 -2.72
C ILE F 79 -4.12 -46.98 -1.92
N ASN F 80 -3.98 -46.34 -0.77
CA ASN F 80 -2.94 -46.70 0.15
C ASN F 80 -3.51 -47.43 1.37
N TYR F 81 -2.76 -48.41 1.86
CA TYR F 81 -3.28 -49.30 2.88
C TYR F 81 -2.59 -49.09 4.26
N ILE F 82 -1.65 -48.16 4.31
CA ILE F 82 -1.15 -47.61 5.60
C ILE F 82 -1.98 -46.37 6.01
N HIS F 83 -1.76 -45.28 5.27
CA HIS F 83 -2.43 -43.99 5.38
C HIS F 83 -3.96 -44.06 5.05
N ARG F 84 -4.38 -45.06 4.30
CA ARG F 84 -5.80 -45.33 4.03
C ARG F 84 -6.49 -44.19 3.27
N SER F 85 -5.77 -43.70 2.26
CA SER F 85 -6.28 -42.61 1.42
C SER F 85 -6.51 -43.10 0.00
N ALA F 86 -7.43 -42.45 -0.71
CA ALA F 86 -7.65 -42.77 -2.11
C ALA F 86 -8.14 -41.54 -2.85
N GLU F 87 -7.87 -41.47 -4.16
CA GLU F 87 -8.41 -40.39 -5.01
C GLU F 87 -9.78 -40.78 -5.56
N PHE F 88 -10.72 -39.85 -5.55
CA PHE F 88 -12.05 -40.08 -6.16
C PHE F 88 -12.22 -39.22 -7.44
N GLN F 89 -12.53 -39.89 -8.54
CA GLN F 89 -12.88 -39.16 -9.74
C GLN F 89 -14.08 -39.84 -10.39
N ILE F 90 -14.70 -39.11 -11.29
CA ILE F 90 -16.00 -39.48 -11.83
C ILE F 90 -16.24 -38.74 -13.15
N ILE F 91 -16.91 -39.46 -14.03
CA ILE F 91 -17.35 -39.02 -15.34
C ILE F 91 -18.79 -39.41 -15.47
N ILE F 92 -19.66 -38.50 -15.85
CA ILE F 92 -21.03 -38.92 -16.26
C ILE F 92 -21.08 -38.75 -17.77
N ALA F 93 -21.37 -39.84 -18.48
CA ALA F 93 -21.51 -39.84 -19.90
C ALA F 93 -22.36 -38.63 -20.24
N PRO F 94 -22.09 -37.99 -21.40
CA PRO F 94 -22.86 -36.82 -21.81
C PRO F 94 -24.36 -37.04 -21.91
N GLU F 95 -24.74 -38.06 -22.67
CA GLU F 95 -26.14 -38.50 -22.78
C GLU F 95 -26.87 -38.52 -21.43
N HIS F 96 -26.16 -38.64 -20.30
CA HIS F 96 -26.83 -38.62 -18.97
C HIS F 96 -26.46 -37.48 -18.02
N GLN F 97 -25.88 -36.41 -18.56
CA GLN F 97 -25.50 -35.24 -17.79
C GLN F 97 -26.71 -34.32 -17.59
N GLY F 98 -26.65 -33.53 -16.52
CA GLY F 98 -27.71 -32.56 -16.24
C GLY F 98 -28.96 -33.19 -15.65
N LYS F 99 -28.88 -34.43 -15.22
CA LYS F 99 -30.04 -35.12 -14.65
C LYS F 99 -30.11 -35.18 -13.14
N GLY F 100 -29.08 -34.70 -12.44
CA GLY F 100 -29.07 -34.61 -10.97
C GLY F 100 -28.41 -35.79 -10.28
N PHE F 101 -27.72 -36.62 -11.08
CA PHE F 101 -27.12 -37.88 -10.63
C PHE F 101 -25.80 -37.70 -9.90
N ALA F 102 -25.18 -36.56 -10.02
CA ALA F 102 -23.88 -36.42 -9.42
C ALA F 102 -23.90 -36.81 -7.98
N ARG F 103 -24.69 -36.14 -7.14
CA ARG F 103 -24.65 -36.44 -5.68
C ARG F 103 -24.76 -37.92 -5.39
N THR F 104 -25.71 -38.59 -6.02
CA THR F 104 -25.95 -40.02 -5.75
C THR F 104 -24.73 -40.91 -5.97
N LEU F 105 -23.97 -40.62 -7.01
CA LEU F 105 -22.85 -41.45 -7.37
C LEU F 105 -21.60 -41.05 -6.58
N ILE F 106 -21.57 -39.81 -6.08
CA ILE F 106 -20.42 -39.36 -5.30
C ILE F 106 -20.57 -39.97 -3.92
N ASN F 107 -21.81 -40.02 -3.45
CA ASN F 107 -22.14 -40.64 -2.20
C ASN F 107 -21.88 -42.13 -2.25
N ARG F 108 -22.18 -42.72 -3.41
CA ARG F 108 -21.98 -44.16 -3.61
C ARG F 108 -20.54 -44.51 -3.36
N ALA F 109 -19.66 -43.73 -3.98
CA ALA F 109 -18.23 -43.98 -3.95
C ALA F 109 -17.62 -43.69 -2.56
N LEU F 110 -18.23 -42.75 -1.85
CA LEU F 110 -17.90 -42.51 -0.45
C LEU F 110 -18.45 -43.62 0.42
N ASP F 111 -19.63 -44.09 0.09
CA ASP F 111 -20.17 -45.22 0.83
C ASP F 111 -19.23 -46.43 0.78
N TYR F 112 -18.57 -46.64 -0.35
CA TYR F 112 -17.73 -47.79 -0.59
C TYR F 112 -16.38 -47.67 0.13
N SER F 113 -15.82 -46.46 0.16
CA SER F 113 -14.53 -46.25 0.80
C SER F 113 -14.66 -46.24 2.31
N PHE F 114 -15.69 -45.57 2.80
CA PHE F 114 -15.83 -45.40 4.23
C PHE F 114 -16.49 -46.59 4.91
N THR F 115 -17.50 -47.21 4.28
CA THR F 115 -18.20 -48.39 4.79
C THR F 115 -17.72 -49.78 4.32
N ILE F 116 -16.99 -49.90 3.21
CA ILE F 116 -16.38 -51.21 2.86
C ILE F 116 -14.83 -51.26 2.82
N LEU F 117 -14.21 -50.20 2.34
CA LEU F 117 -12.80 -50.26 2.05
C LEU F 117 -11.99 -49.98 3.32
N ASN F 118 -12.73 -49.44 4.29
CA ASN F 118 -12.20 -48.91 5.57
C ASN F 118 -11.39 -47.66 5.42
N LEU F 119 -11.47 -46.97 4.29
CA LEU F 119 -10.49 -45.90 4.07
C LEU F 119 -10.72 -44.81 5.00
N HIS F 120 -9.67 -44.05 5.32
CA HIS F 120 -9.74 -42.96 6.25
C HIS F 120 -10.00 -41.63 5.57
N LYS F 121 -9.27 -41.35 4.49
CA LYS F 121 -9.48 -40.11 3.68
C LYS F 121 -9.85 -40.35 2.23
N ILE F 122 -10.65 -39.46 1.67
CA ILE F 122 -10.87 -39.40 0.22
C ILE F 122 -10.59 -37.96 -0.23
N TYR F 123 -9.74 -37.82 -1.27
CA TYR F 123 -9.36 -36.51 -1.85
C TYR F 123 -9.51 -36.56 -3.35
N LEU F 124 -9.85 -35.40 -3.91
CA LEU F 124 -10.06 -35.28 -5.34
C LEU F 124 -9.50 -33.95 -5.81
N HIS F 125 -9.16 -33.88 -7.08
CA HIS F 125 -8.70 -32.67 -7.71
C HIS F 125 -9.81 -32.19 -8.64
N VAL F 126 -10.07 -30.88 -8.59
CA VAL F 126 -11.11 -30.23 -9.41
C VAL F 126 -10.62 -28.87 -9.98
N ALA F 127 -10.73 -28.75 -11.31
CA ALA F 127 -10.35 -27.54 -12.02
C ALA F 127 -11.08 -26.38 -11.42
N VAL F 128 -10.31 -25.35 -11.08
CA VAL F 128 -10.81 -24.08 -10.55
C VAL F 128 -11.85 -23.45 -11.48
N GLU F 129 -11.85 -23.90 -12.73
CA GLU F 129 -12.75 -23.41 -13.76
C GLU F 129 -13.97 -24.29 -14.00
N ASN F 130 -13.93 -25.53 -13.54
CA ASN F 130 -15.09 -26.41 -13.58
C ASN F 130 -15.85 -26.02 -12.30
N PRO F 131 -16.76 -25.02 -12.36
CA PRO F 131 -17.41 -24.58 -11.11
C PRO F 131 -18.53 -25.52 -10.64
N LYS F 132 -19.28 -26.10 -11.56
CA LYS F 132 -20.38 -27.00 -11.18
C LYS F 132 -19.94 -28.44 -10.81
N ALA F 133 -18.64 -28.73 -10.88
CA ALA F 133 -18.06 -29.83 -10.11
C ALA F 133 -17.70 -29.41 -8.68
N VAL F 134 -17.24 -28.17 -8.49
CA VAL F 134 -16.79 -27.68 -7.18
C VAL F 134 -17.96 -27.66 -6.20
N HIS F 135 -19.02 -26.95 -6.64
CA HIS F 135 -20.35 -26.94 -6.02
C HIS F 135 -20.93 -28.32 -5.67
N LEU F 136 -20.80 -29.25 -6.60
CA LEU F 136 -21.21 -30.66 -6.38
C LEU F 136 -20.49 -31.31 -5.18
N TYR F 137 -19.18 -31.47 -5.29
CA TYR F 137 -18.40 -32.01 -4.19
C TYR F 137 -18.67 -31.23 -2.94
N GLU F 138 -18.52 -29.90 -2.97
CA GLU F 138 -18.66 -29.11 -1.75
C GLU F 138 -19.93 -29.48 -1.02
N GLU F 139 -21.04 -29.55 -1.71
CA GLU F 139 -22.27 -29.97 -1.08
C GLU F 139 -22.24 -31.43 -0.60
N CYS F 140 -21.55 -32.32 -1.31
CA CYS F 140 -21.45 -33.71 -0.78
C CYS F 140 -20.46 -33.86 0.37
N GLY F 141 -19.99 -32.73 0.92
CA GLY F 141 -19.18 -32.76 2.13
C GLY F 141 -17.71 -32.52 1.97
N PHE F 142 -17.24 -32.40 0.71
CA PHE F 142 -15.81 -32.19 0.43
C PHE F 142 -15.41 -30.79 0.89
N VAL F 143 -14.14 -30.59 1.26
CA VAL F 143 -13.59 -29.24 1.61
C VAL F 143 -12.24 -29.00 0.95
N GLU F 144 -11.99 -27.79 0.48
CA GLU F 144 -10.69 -27.45 -0.11
C GLU F 144 -9.54 -27.49 0.94
N GLU F 145 -8.48 -28.22 0.62
CA GLU F 145 -7.27 -28.17 1.46
C GLU F 145 -6.09 -27.55 0.68
N GLY F 146 -6.20 -27.40 -0.65
CA GLY F 146 -5.15 -26.73 -1.40
C GLY F 146 -5.61 -26.09 -2.69
N HIS F 147 -4.90 -25.05 -3.11
CA HIS F 147 -5.10 -24.38 -4.43
C HIS F 147 -3.81 -24.51 -5.26
N LEU F 148 -3.81 -25.43 -6.22
CA LEU F 148 -2.58 -25.78 -6.87
C LEU F 148 -2.42 -24.88 -8.06
N VAL F 149 -1.29 -24.19 -8.10
CA VAL F 149 -1.03 -23.16 -9.07
C VAL F 149 -0.36 -23.83 -10.29
N GLU F 150 -1.00 -23.69 -11.45
CA GLU F 150 -0.48 -24.16 -12.73
C GLU F 150 -0.10 -25.64 -12.64
N GLU F 151 -0.97 -26.42 -12.01
CA GLU F 151 -0.78 -27.87 -11.91
C GLU F 151 -0.89 -28.52 -13.28
N PHE F 152 -1.89 -28.12 -14.05
CA PHE F 152 -2.15 -28.85 -15.28
C PHE F 152 -2.24 -27.90 -16.46
N PHE F 153 -1.75 -28.36 -17.62
CA PHE F 153 -1.82 -27.65 -18.91
C PHE F 153 -3.02 -28.17 -19.75
N ILE F 154 -3.97 -27.29 -20.03
CA ILE F 154 -5.33 -27.69 -20.49
C ILE F 154 -5.91 -26.71 -21.51
N ASN F 155 -6.22 -27.26 -22.69
CA ASN F 155 -6.84 -26.50 -23.77
C ASN F 155 -6.09 -25.18 -24.13
N GLY F 156 -4.77 -25.21 -24.01
CA GLY F 156 -3.93 -24.09 -24.46
C GLY F 156 -3.02 -23.45 -23.42
N ARG F 157 -3.18 -23.80 -22.14
CA ARG F 157 -2.62 -23.02 -21.05
C ARG F 157 -2.69 -23.77 -19.71
N TYR F 158 -1.64 -23.60 -18.91
CA TYR F 158 -1.58 -23.98 -17.53
C TYR F 158 -2.72 -23.38 -16.72
N GLN F 159 -3.48 -24.25 -16.05
CA GLN F 159 -4.60 -23.91 -15.18
C GLN F 159 -4.44 -24.49 -13.79
N ASP F 160 -5.11 -23.82 -12.83
CA ASP F 160 -5.08 -24.18 -11.43
C ASP F 160 -6.20 -25.18 -11.13
N VAL F 161 -5.97 -26.03 -10.11
CA VAL F 161 -7.02 -26.95 -9.63
C VAL F 161 -7.16 -26.88 -8.11
N LYS F 162 -8.33 -27.28 -7.62
CA LYS F 162 -8.63 -27.40 -6.19
C LYS F 162 -8.54 -28.82 -5.66
N ARG F 163 -7.69 -29.06 -4.66
CA ARG F 163 -7.60 -30.40 -4.04
C ARG F 163 -8.49 -30.40 -2.81
N MET F 164 -9.56 -31.21 -2.85
CA MET F 164 -10.58 -31.20 -1.83
C MET F 164 -10.63 -32.53 -1.17
N TYR F 165 -11.15 -32.58 0.06
CA TYR F 165 -11.02 -33.79 0.92
C TYR F 165 -12.21 -33.95 1.86
N ILE F 166 -12.51 -35.19 2.22
CA ILE F 166 -13.50 -35.50 3.18
C ILE F 166 -13.05 -36.74 3.91
N LEU F 167 -13.40 -36.87 5.19
CA LEU F 167 -12.85 -37.88 6.09
C LEU F 167 -13.89 -38.86 6.56
N GLN F 168 -13.41 -40.02 6.95
CA GLN F 168 -14.32 -41.13 7.29
C GLN F 168 -15.25 -40.73 8.44
N SER F 169 -14.77 -39.96 9.41
CA SER F 169 -15.61 -39.54 10.53
C SER F 169 -16.84 -38.74 10.07
N LYS F 170 -16.54 -37.62 9.42
CA LYS F 170 -17.51 -36.70 8.81
C LYS F 170 -18.55 -37.31 7.83
N TYR F 171 -18.18 -38.29 7.00
CA TYR F 171 -19.21 -38.97 6.16
C TYR F 171 -19.97 -39.98 7.01
N LEU F 172 -19.27 -40.84 7.75
CA LEU F 172 -19.96 -41.86 8.54
C LEU F 172 -21.04 -41.15 9.39
N ASN F 173 -20.62 -40.18 10.18
CA ASN F 173 -21.52 -39.33 10.99
C ASN F 173 -22.08 -38.12 10.22
N ASN G 5 47.35 -35.92 -36.49
CA ASN G 5 48.43 -36.96 -36.33
C ASN G 5 47.94 -38.38 -36.60
N SER G 6 48.90 -39.28 -36.84
CA SER G 6 48.63 -40.59 -37.45
C SER G 6 48.62 -41.82 -36.50
N GLN G 7 49.00 -41.61 -35.25
CA GLN G 7 48.91 -42.65 -34.24
C GLN G 7 47.43 -43.03 -33.96
N LEU G 8 46.52 -42.15 -34.29
CA LEU G 8 45.14 -42.31 -33.85
C LEU G 8 44.31 -43.23 -34.72
N THR G 9 43.51 -44.08 -34.06
CA THR G 9 42.64 -45.04 -34.75
C THR G 9 41.32 -45.27 -34.07
N LEU G 10 40.37 -45.78 -34.86
CA LEU G 10 39.09 -46.19 -34.33
C LEU G 10 39.11 -47.70 -34.20
N ARG G 11 38.29 -48.18 -33.27
CA ARG G 11 37.93 -49.57 -33.22
C ARG G 11 36.49 -49.65 -32.70
N ALA G 12 35.86 -50.83 -32.91
CA ALA G 12 34.52 -51.19 -32.33
C ALA G 12 34.45 -51.08 -30.81
N LEU G 13 33.37 -50.49 -30.32
CA LEU G 13 33.13 -50.34 -28.88
C LEU G 13 32.91 -51.71 -28.28
N GLU G 14 33.62 -51.93 -27.18
CA GLU G 14 33.57 -53.15 -26.38
C GLU G 14 33.06 -52.85 -24.97
N ARG G 15 32.60 -53.91 -24.32
CA ARG G 15 32.07 -53.84 -22.97
C ARG G 15 33.07 -53.14 -22.06
N GLY G 16 34.33 -53.58 -22.13
CA GLY G 16 35.36 -53.02 -21.27
C GLY G 16 35.67 -51.54 -21.47
N ASP G 17 34.98 -50.88 -22.42
CA ASP G 17 35.08 -49.42 -22.56
C ASP G 17 33.95 -48.66 -21.85
N LEU G 18 32.80 -49.30 -21.64
CA LEU G 18 31.62 -48.66 -21.07
C LEU G 18 31.90 -47.72 -19.88
N ARG G 19 32.89 -48.06 -19.03
CA ARG G 19 33.27 -47.20 -17.89
C ARG G 19 33.82 -45.86 -18.30
N PHE G 20 34.44 -45.82 -19.47
CA PHE G 20 34.92 -44.60 -20.08
C PHE G 20 33.70 -43.90 -20.57
N ILE G 21 32.86 -44.64 -21.33
CA ILE G 21 31.70 -44.05 -22.04
C ILE G 21 30.81 -43.43 -20.99
N HIS G 22 30.50 -44.19 -19.93
CA HIS G 22 29.64 -43.75 -18.80
C HIS G 22 30.06 -42.39 -18.31
N ASN G 23 31.39 -42.20 -18.20
CA ASN G 23 31.97 -41.04 -17.54
C ASN G 23 31.91 -39.79 -18.38
N LEU G 24 31.69 -39.93 -19.71
CA LEU G 24 31.38 -38.79 -20.56
C LEU G 24 29.89 -38.57 -20.64
N ASN G 25 29.07 -39.63 -20.56
CA ASN G 25 27.61 -39.48 -20.73
C ASN G 25 26.96 -38.82 -19.49
N ASN G 26 27.71 -38.78 -18.38
CA ASN G 26 27.28 -38.08 -17.15
C ASN G 26 28.02 -36.69 -16.92
N ASN G 27 28.73 -36.29 -17.94
CA ASN G 27 29.45 -35.03 -17.96
C ASN G 27 28.56 -33.99 -18.67
N ARG G 28 27.94 -33.10 -17.89
CA ARG G 28 27.05 -32.00 -18.38
C ARG G 28 27.61 -31.15 -19.50
N ASN G 29 28.86 -30.74 -19.38
N ASN G 29 28.85 -30.72 -19.31
CA ASN G 29 29.43 -29.84 -20.38
CA ASN G 29 29.51 -29.90 -20.30
C ASN G 29 30.01 -30.54 -21.62
C ASN G 29 29.59 -30.64 -21.64
N ILE G 30 30.10 -31.87 -21.56
CA ILE G 30 30.43 -32.66 -22.73
C ILE G 30 29.13 -33.05 -23.44
N MET G 31 28.09 -33.33 -22.65
CA MET G 31 26.83 -33.84 -23.23
C MET G 31 25.93 -32.77 -23.80
N SER G 32 26.11 -31.55 -23.35
CA SER G 32 25.34 -30.42 -23.85
C SER G 32 25.73 -30.23 -25.31
N TYR G 33 26.90 -30.74 -25.66
CA TYR G 33 27.38 -30.70 -27.03
C TYR G 33 26.63 -31.57 -27.99
N TRP G 34 25.94 -32.57 -27.45
CA TRP G 34 25.29 -33.62 -28.21
C TRP G 34 23.78 -33.56 -28.00
N PHE G 35 23.32 -32.56 -27.24
CA PHE G 35 21.91 -32.23 -27.16
C PHE G 35 21.20 -33.33 -26.46
N GLU G 36 21.88 -33.90 -25.47
CA GLU G 36 21.38 -35.02 -24.67
C GLU G 36 21.56 -34.72 -23.19
N GLU G 37 20.68 -35.28 -22.39
CA GLU G 37 20.75 -35.33 -20.94
C GLU G 37 22.01 -35.99 -20.43
N PRO G 38 22.73 -35.30 -19.53
CA PRO G 38 23.80 -35.85 -18.73
C PRO G 38 23.27 -36.64 -17.53
N TYR G 39 22.66 -37.78 -17.79
CA TYR G 39 22.36 -38.73 -16.74
C TYR G 39 22.24 -40.03 -17.48
N GLU G 40 22.99 -41.01 -17.02
CA GLU G 40 22.81 -42.38 -17.46
C GLU G 40 23.43 -43.25 -16.43
N SER G 41 22.59 -44.12 -15.94
CA SER G 41 22.97 -45.15 -15.06
C SER G 41 23.93 -46.10 -15.81
N PHE G 42 24.87 -46.69 -15.10
CA PHE G 42 25.76 -47.65 -15.75
C PHE G 42 24.92 -48.79 -16.32
N ASP G 43 23.86 -49.10 -15.59
CA ASP G 43 22.98 -50.22 -15.93
C ASP G 43 22.12 -49.91 -17.19
N GLU G 44 21.41 -48.80 -17.24
CA GLU G 44 20.76 -48.43 -18.48
C GLU G 44 21.73 -48.44 -19.71
N LEU G 45 22.91 -47.85 -19.55
CA LEU G 45 23.90 -47.75 -20.65
C LEU G 45 24.12 -49.14 -21.21
N GLU G 46 24.34 -50.05 -20.24
CA GLU G 46 24.84 -51.38 -20.52
C GLU G 46 23.72 -52.27 -21.03
N GLU G 47 22.54 -52.16 -20.44
CA GLU G 47 21.39 -52.86 -20.97
C GLU G 47 21.15 -52.42 -22.40
N LEU G 48 20.95 -51.11 -22.60
CA LEU G 48 20.90 -50.51 -23.94
C LEU G 48 22.06 -50.96 -24.84
N TYR G 49 23.28 -51.08 -24.31
CA TYR G 49 24.41 -51.64 -25.11
C TYR G 49 24.23 -53.13 -25.47
N ASN G 50 23.61 -53.91 -24.57
CA ASN G 50 23.21 -55.29 -24.91
C ASN G 50 22.03 -55.35 -25.89
N LYS G 51 21.22 -54.32 -25.99
CA LYS G 51 20.04 -54.47 -26.85
C LYS G 51 20.40 -54.16 -28.27
N HIS G 52 21.51 -53.42 -28.47
CA HIS G 52 21.94 -52.89 -29.79
C HIS G 52 23.22 -53.50 -30.42
N ILE G 53 23.59 -54.70 -29.97
CA ILE G 53 24.75 -55.46 -30.51
C ILE G 53 24.58 -55.94 -31.97
N HIS G 54 23.37 -56.20 -32.40
CA HIS G 54 23.15 -56.67 -33.78
C HIS G 54 22.58 -55.56 -34.69
N ASP G 55 22.22 -54.42 -34.06
CA ASP G 55 21.59 -53.31 -34.71
C ASP G 55 22.47 -52.78 -35.85
N ASN G 56 22.00 -52.96 -37.07
CA ASN G 56 22.81 -52.79 -38.25
C ASN G 56 22.92 -51.33 -38.57
N ALA G 57 22.08 -50.53 -37.90
CA ALA G 57 21.90 -49.13 -38.18
C ALA G 57 22.83 -48.26 -37.33
N GLU G 58 23.83 -48.85 -36.66
CA GLU G 58 24.92 -48.05 -36.05
C GLU G 58 26.24 -48.77 -36.09
N ARG G 59 27.29 -47.94 -36.09
CA ARG G 59 28.65 -48.33 -35.81
C ARG G 59 29.14 -47.29 -34.83
N ARG G 60 29.40 -47.73 -33.61
CA ARG G 60 29.91 -46.89 -32.57
C ARG G 60 31.33 -47.33 -32.27
N PHE G 61 32.22 -46.35 -32.20
CA PHE G 61 33.66 -46.56 -32.10
C PHE G 61 34.25 -45.82 -30.95
N VAL G 62 35.36 -46.35 -30.52
CA VAL G 62 36.23 -45.75 -29.53
C VAL G 62 37.50 -45.35 -30.28
N VAL G 63 37.97 -44.12 -30.03
CA VAL G 63 39.24 -43.63 -30.57
C VAL G 63 40.38 -43.95 -29.59
N GLU G 64 41.58 -44.18 -30.13
CA GLU G 64 42.73 -44.56 -29.33
C GLU G 64 43.99 -43.99 -29.95
N ASP G 65 45.00 -43.77 -29.13
CA ASP G 65 46.33 -43.38 -29.58
C ASP G 65 47.25 -44.61 -29.69
N ALA G 66 48.58 -44.38 -29.77
CA ALA G 66 49.57 -45.47 -29.95
C ALA G 66 49.70 -46.35 -28.72
N GLN G 67 49.71 -45.69 -27.56
CA GLN G 67 49.86 -46.34 -26.26
C GLN G 67 48.49 -46.74 -25.66
N LYS G 68 47.41 -46.58 -26.45
CA LYS G 68 46.11 -47.24 -26.24
C LYS G 68 45.18 -46.51 -25.28
N ASN G 69 45.60 -45.32 -24.87
CA ASN G 69 44.75 -44.44 -24.09
C ASN G 69 43.47 -44.20 -24.84
N LEU G 70 42.43 -43.88 -24.09
CA LEU G 70 41.09 -43.76 -24.66
C LEU G 70 40.96 -42.31 -24.86
N ILE G 71 40.93 -41.92 -26.12
CA ILE G 71 40.93 -40.53 -26.55
C ILE G 71 39.52 -40.06 -26.75
N GLY G 72 38.63 -40.91 -27.23
CA GLY G 72 37.33 -40.38 -27.60
C GLY G 72 36.35 -41.36 -28.14
N LEU G 73 35.13 -40.88 -28.33
CA LEU G 73 34.02 -41.64 -28.86
C LEU G 73 33.59 -41.08 -30.21
N VAL G 74 33.31 -41.97 -31.18
CA VAL G 74 32.59 -41.61 -32.42
C VAL G 74 31.39 -42.50 -32.82
N GLU G 75 30.30 -41.87 -33.23
CA GLU G 75 29.09 -42.58 -33.63
C GLU G 75 28.77 -42.27 -35.09
N LEU G 76 28.27 -43.27 -35.78
CA LEU G 76 27.47 -43.04 -37.00
C LEU G 76 26.11 -43.60 -36.62
N ILE G 77 25.01 -42.92 -36.90
CA ILE G 77 23.68 -43.49 -36.51
C ILE G 77 22.57 -43.20 -37.53
N GLU G 78 21.42 -43.86 -37.39
CA GLU G 78 20.33 -43.73 -38.37
C GLU G 78 20.89 -43.99 -39.79
N ILE G 79 21.65 -45.09 -39.91
CA ILE G 79 22.20 -45.56 -41.17
C ILE G 79 21.06 -46.19 -42.01
N ASN G 80 20.27 -45.35 -42.68
CA ASN G 80 19.14 -45.79 -43.52
C ASN G 80 19.58 -46.48 -44.81
N TYR G 81 19.29 -47.76 -44.92
CA TYR G 81 20.01 -48.52 -45.90
C TYR G 81 19.51 -48.32 -47.34
N ILE G 82 18.44 -47.55 -47.56
CA ILE G 82 18.01 -47.19 -48.92
C ILE G 82 18.60 -45.86 -49.43
N HIS G 83 18.29 -44.81 -48.69
CA HIS G 83 18.78 -43.48 -49.01
C HIS G 83 20.30 -43.42 -48.73
N ARG G 84 20.81 -44.32 -47.86
CA ARG G 84 22.25 -44.43 -47.56
C ARG G 84 22.88 -43.18 -46.90
N SER G 85 22.16 -42.65 -45.91
CA SER G 85 22.61 -41.54 -45.12
C SER G 85 22.93 -42.00 -43.69
N ALA G 86 23.69 -41.17 -42.94
CA ALA G 86 23.89 -41.38 -41.50
C ALA G 86 24.40 -40.11 -40.82
N GLU G 87 24.19 -39.99 -39.49
CA GLU G 87 24.57 -38.81 -38.71
C GLU G 87 25.89 -39.12 -38.08
N PHE G 88 26.88 -38.27 -38.21
CA PHE G 88 28.16 -38.44 -37.49
C PHE G 88 28.15 -37.54 -36.28
N GLN G 89 28.60 -38.10 -35.16
CA GLN G 89 28.75 -37.35 -33.93
C GLN G 89 30.05 -37.73 -33.29
N ILE G 90 30.65 -36.81 -32.54
CA ILE G 90 32.04 -36.92 -31.99
C ILE G 90 32.22 -36.11 -30.69
N ILE G 91 32.82 -36.77 -29.71
CA ILE G 91 33.27 -36.17 -28.47
C ILE G 91 34.73 -36.66 -28.32
N ILE G 92 35.66 -35.73 -28.13
CA ILE G 92 36.99 -36.09 -27.65
C ILE G 92 36.98 -35.85 -26.14
N ALA G 93 37.40 -36.86 -25.38
CA ALA G 93 37.29 -36.82 -23.93
C ALA G 93 37.85 -35.48 -23.50
N PRO G 94 37.43 -34.95 -22.34
CA PRO G 94 37.99 -33.72 -21.79
C PRO G 94 39.51 -33.65 -21.67
N GLU G 95 40.16 -34.73 -21.21
CA GLU G 95 41.61 -34.67 -21.06
C GLU G 95 42.40 -34.85 -22.38
N HIS G 96 41.71 -34.85 -23.54
CA HIS G 96 42.44 -34.81 -24.84
C HIS G 96 42.04 -33.74 -25.83
N GLN G 97 41.22 -32.79 -25.39
CA GLN G 97 40.84 -31.60 -26.22
C GLN G 97 41.98 -30.64 -26.36
N GLY G 98 41.98 -29.83 -27.41
CA GLY G 98 43.01 -28.78 -27.54
C GLY G 98 44.30 -29.25 -28.17
N LYS G 99 44.23 -30.42 -28.78
CA LYS G 99 45.40 -31.14 -29.27
C LYS G 99 45.52 -31.21 -30.77
N GLY G 100 44.46 -30.84 -31.48
CA GLY G 100 44.42 -30.96 -32.95
C GLY G 100 43.93 -32.29 -33.53
N PHE G 101 43.23 -33.07 -32.70
CA PHE G 101 42.71 -34.37 -33.11
C PHE G 101 41.40 -34.32 -33.93
N ALA G 102 40.43 -33.50 -33.53
CA ALA G 102 39.11 -33.43 -34.23
C ALA G 102 39.18 -33.58 -35.78
N ARG G 103 40.13 -32.92 -36.44
CA ARG G 103 40.19 -33.10 -37.88
C ARG G 103 40.38 -34.59 -38.29
N THR G 104 41.38 -35.26 -37.72
CA THR G 104 41.69 -36.64 -38.06
C THR G 104 40.46 -37.46 -37.83
N LEU G 105 40.03 -37.47 -36.58
CA LEU G 105 38.92 -38.31 -36.21
C LEU G 105 37.88 -38.13 -37.31
N ILE G 106 37.28 -36.96 -37.36
CA ILE G 106 36.23 -36.66 -38.33
C ILE G 106 36.55 -37.28 -39.66
N ASN G 107 37.78 -37.07 -40.13
CA ASN G 107 38.17 -37.64 -41.43
C ASN G 107 38.17 -39.16 -41.39
N ARG G 108 38.83 -39.77 -40.41
CA ARG G 108 38.68 -41.21 -40.17
C ARG G 108 37.23 -41.65 -40.37
N ALA G 109 36.30 -40.92 -39.78
CA ALA G 109 34.88 -41.27 -39.85
C ALA G 109 34.25 -41.11 -41.23
N LEU G 110 34.48 -40.00 -41.91
CA LEU G 110 34.15 -39.95 -43.32
C LEU G 110 34.96 -40.99 -44.16
N ASP G 111 36.15 -41.42 -43.74
CA ASP G 111 36.85 -42.52 -44.47
C ASP G 111 36.02 -43.82 -44.37
N TYR G 112 35.56 -44.08 -43.17
CA TYR G 112 34.78 -45.24 -42.84
C TYR G 112 33.35 -45.22 -43.38
N SER G 113 32.71 -44.06 -43.37
CA SER G 113 31.38 -44.00 -43.96
C SER G 113 31.40 -44.17 -45.47
N PHE G 114 32.50 -43.78 -46.09
CA PHE G 114 32.52 -43.65 -47.53
C PHE G 114 33.23 -44.79 -48.23
N THR G 115 34.32 -45.25 -47.65
CA THR G 115 35.10 -46.31 -48.21
C THR G 115 34.64 -47.67 -47.72
N ILE G 116 33.92 -47.75 -46.57
CA ILE G 116 33.47 -49.05 -46.02
C ILE G 116 31.97 -49.31 -45.97
N LEU G 117 31.22 -48.41 -45.31
CA LEU G 117 29.76 -48.52 -45.28
C LEU G 117 29.11 -48.18 -46.64
N ASN G 118 29.88 -47.53 -47.51
CA ASN G 118 29.38 -47.12 -48.82
C ASN G 118 28.15 -46.16 -48.72
N LEU G 119 28.15 -45.26 -47.73
CA LEU G 119 27.07 -44.28 -47.58
C LEU G 119 27.14 -43.11 -48.59
N HIS G 120 25.99 -42.60 -48.99
CA HIS G 120 25.92 -41.49 -49.92
C HIS G 120 26.04 -40.13 -49.19
N LYS G 121 25.62 -40.09 -47.91
CA LYS G 121 25.46 -38.82 -47.21
C LYS G 121 25.61 -38.89 -45.69
N ILE G 122 26.82 -38.65 -45.24
CA ILE G 122 27.10 -38.23 -43.90
C ILE G 122 26.62 -36.78 -43.65
N TYR G 123 25.72 -36.66 -42.67
CA TYR G 123 25.37 -35.36 -42.06
C TYR G 123 25.54 -35.28 -40.53
N LEU G 124 25.75 -34.07 -40.01
CA LEU G 124 25.86 -33.85 -38.56
C LEU G 124 24.95 -32.72 -38.10
N HIS G 125 24.80 -32.52 -36.81
CA HIS G 125 24.14 -31.35 -36.25
C HIS G 125 25.19 -30.70 -35.38
N VAL G 126 25.14 -29.34 -35.23
CA VAL G 126 26.12 -28.62 -34.43
C VAL G 126 25.67 -27.22 -33.93
N ALA G 127 25.91 -26.96 -32.64
CA ALA G 127 25.42 -25.73 -31.97
C ALA G 127 25.87 -24.52 -32.69
N VAL G 128 24.92 -23.66 -32.94
CA VAL G 128 25.20 -22.37 -33.55
C VAL G 128 26.13 -21.50 -32.68
N GLU G 129 26.15 -21.73 -31.35
CA GLU G 129 26.98 -20.99 -30.40
C GLU G 129 28.35 -21.66 -30.21
N ASN G 130 28.60 -22.71 -31.00
CA ASN G 130 29.88 -23.39 -31.05
C ASN G 130 30.53 -23.13 -32.43
N PRO G 131 30.88 -21.85 -32.75
CA PRO G 131 31.50 -21.49 -34.04
C PRO G 131 32.91 -22.08 -34.22
N LYS G 132 33.45 -22.71 -33.19
CA LYS G 132 34.68 -23.49 -33.37
C LYS G 132 34.39 -24.77 -34.15
N ALA G 133 33.42 -25.56 -33.71
CA ALA G 133 33.11 -26.81 -34.37
C ALA G 133 32.64 -26.56 -35.80
N VAL G 134 31.74 -25.58 -35.93
CA VAL G 134 31.18 -25.16 -37.24
C VAL G 134 32.27 -25.01 -38.29
N HIS G 135 33.26 -24.21 -37.94
CA HIS G 135 34.34 -23.77 -38.82
C HIS G 135 35.29 -24.93 -39.07
N LEU G 136 35.48 -25.76 -38.04
CA LEU G 136 36.26 -27.02 -38.13
C LEU G 136 35.65 -27.97 -39.18
N TYR G 137 34.34 -28.13 -39.15
CA TYR G 137 33.64 -28.97 -40.12
C TYR G 137 33.77 -28.44 -41.51
N GLU G 138 33.34 -27.20 -41.71
CA GLU G 138 33.50 -26.52 -42.99
C GLU G 138 34.82 -26.89 -43.67
N GLU G 139 35.89 -26.84 -42.87
CA GLU G 139 37.25 -27.19 -43.29
C GLU G 139 37.51 -28.68 -43.66
N CYS G 140 36.83 -29.61 -42.97
CA CYS G 140 36.86 -31.04 -43.33
C CYS G 140 35.89 -31.28 -44.50
N GLY G 141 34.97 -30.31 -44.71
CA GLY G 141 34.24 -30.17 -46.00
C GLY G 141 32.74 -30.11 -45.95
N PHE G 142 32.20 -29.96 -44.75
CA PHE G 142 30.78 -29.90 -44.53
C PHE G 142 30.17 -28.57 -44.98
N VAL G 143 29.00 -28.64 -45.58
CA VAL G 143 28.27 -27.45 -45.94
C VAL G 143 27.03 -27.48 -45.08
N GLU G 144 26.63 -26.30 -44.62
CA GLU G 144 25.36 -26.13 -43.97
C GLU G 144 24.28 -26.25 -45.05
N GLU G 145 23.25 -27.02 -44.73
CA GLU G 145 22.00 -27.17 -45.48
C GLU G 145 20.74 -26.77 -44.62
N GLY G 146 20.92 -26.39 -43.36
CA GLY G 146 19.81 -25.85 -42.55
C GLY G 146 20.26 -25.16 -41.26
N HIS G 147 19.34 -24.36 -40.70
CA HIS G 147 19.52 -23.63 -39.45
C HIS G 147 18.24 -23.84 -38.64
N LEU G 148 18.37 -24.59 -37.55
CA LEU G 148 17.25 -25.27 -36.91
C LEU G 148 16.84 -24.44 -35.70
N VAL G 149 15.63 -23.93 -35.75
CA VAL G 149 15.29 -22.84 -34.91
C VAL G 149 14.77 -23.39 -33.63
N GLU G 150 15.49 -23.13 -32.55
CA GLU G 150 15.04 -23.51 -31.24
C GLU G 150 14.76 -25.00 -31.15
N GLU G 151 15.47 -25.79 -31.96
CA GLU G 151 15.32 -27.25 -31.98
C GLU G 151 15.44 -27.79 -30.58
N PHE G 152 16.60 -27.57 -29.95
CA PHE G 152 16.97 -28.08 -28.62
C PHE G 152 17.02 -27.04 -27.49
N PHE G 153 16.71 -27.53 -26.31
CA PHE G 153 16.67 -26.76 -25.06
C PHE G 153 17.93 -27.14 -24.30
N ILE G 154 18.81 -26.15 -24.09
CA ILE G 154 20.14 -26.41 -23.54
C ILE G 154 20.62 -25.30 -22.65
N ASN G 155 21.28 -25.70 -21.59
CA ASN G 155 21.73 -24.79 -20.56
C ASN G 155 20.68 -23.67 -20.37
N GLY G 156 19.42 -24.09 -20.28
CA GLY G 156 18.34 -23.22 -19.83
C GLY G 156 17.56 -22.55 -20.93
N ARG G 157 18.16 -22.39 -22.13
CA ARG G 157 17.48 -21.68 -23.22
C ARG G 157 17.30 -22.58 -24.38
N TYR G 158 16.16 -22.49 -25.07
CA TYR G 158 16.03 -23.00 -26.41
C TYR G 158 17.15 -22.37 -27.26
N GLN G 159 17.84 -23.19 -28.03
CA GLN G 159 18.94 -22.76 -28.86
C GLN G 159 18.74 -23.31 -30.25
N ASP G 160 19.48 -22.74 -31.19
CA ASP G 160 19.38 -23.05 -32.59
C ASP G 160 20.53 -23.97 -32.79
N VAL G 161 20.45 -24.81 -33.81
CA VAL G 161 21.62 -25.59 -34.27
C VAL G 161 21.73 -25.53 -35.80
N LYS G 162 22.95 -25.67 -36.31
CA LYS G 162 23.16 -25.94 -37.75
C LYS G 162 22.93 -27.43 -38.11
N ARG G 163 22.87 -27.67 -39.40
CA ARG G 163 22.70 -29.00 -39.97
C ARG G 163 23.66 -29.05 -41.17
N MET G 164 24.72 -29.84 -41.08
CA MET G 164 25.75 -29.78 -42.13
C MET G 164 25.87 -31.14 -42.85
N TYR G 165 26.52 -31.17 -44.01
CA TYR G 165 26.63 -32.41 -44.77
C TYR G 165 27.86 -32.50 -45.66
N ILE G 166 28.28 -33.73 -45.95
CA ILE G 166 29.21 -34.02 -47.04
C ILE G 166 28.77 -35.29 -47.76
N LEU G 167 28.72 -35.18 -49.08
CA LEU G 167 28.29 -36.28 -49.92
C LEU G 167 29.51 -37.15 -50.26
N GLN G 168 29.24 -38.42 -50.56
CA GLN G 168 30.30 -39.37 -50.92
C GLN G 168 31.07 -38.84 -52.12
N SER G 169 30.37 -38.49 -53.21
CA SER G 169 31.01 -37.89 -54.40
C SER G 169 32.13 -36.85 -54.06
N LYS G 170 31.90 -36.11 -52.98
CA LYS G 170 32.72 -34.97 -52.60
C LYS G 170 33.91 -35.29 -51.70
N TYR G 171 33.79 -36.31 -50.84
CA TYR G 171 34.87 -36.65 -49.90
C TYR G 171 35.96 -37.43 -50.62
N LEU G 172 35.56 -38.30 -51.53
CA LEU G 172 36.55 -39.14 -52.23
C LEU G 172 37.48 -38.29 -53.09
N ASN G 173 36.94 -37.24 -53.70
CA ASN G 173 37.77 -36.23 -54.38
C ASN G 173 38.46 -35.30 -53.37
N ARG G 174 39.49 -35.84 -52.68
CA ARG G 174 40.16 -35.16 -51.55
C ARG G 174 40.57 -33.72 -51.89
N ASN H 5 -17.09 -30.02 -45.14
CA ASN H 5 -16.72 -28.66 -44.61
C ASN H 5 -15.68 -28.68 -43.45
N SER H 6 -16.11 -28.45 -42.19
CA SER H 6 -15.22 -28.45 -41.00
C SER H 6 -15.73 -29.45 -39.96
N GLN H 7 -16.21 -30.58 -40.45
CA GLN H 7 -16.76 -31.65 -39.63
C GLN H 7 -15.78 -32.81 -39.62
N LEU H 8 -14.52 -32.56 -40.00
CA LEU H 8 -13.43 -33.56 -39.96
C LEU H 8 -12.90 -33.74 -38.53
N THR H 9 -12.61 -35.00 -38.13
CA THR H 9 -12.04 -35.30 -36.80
C THR H 9 -10.77 -36.13 -36.84
N LEU H 10 -10.02 -36.07 -35.76
CA LEU H 10 -8.89 -36.97 -35.48
C LEU H 10 -9.28 -37.82 -34.26
N ARG H 11 -9.13 -39.13 -34.43
CA ARG H 11 -9.24 -40.12 -33.36
C ARG H 11 -8.05 -41.07 -33.49
N ALA H 12 -7.57 -41.54 -32.34
CA ALA H 12 -6.54 -42.58 -32.29
C ALA H 12 -6.76 -43.63 -33.39
N LEU H 13 -5.67 -44.02 -34.06
CA LEU H 13 -5.67 -45.12 -35.03
C LEU H 13 -5.99 -46.34 -34.24
N GLU H 14 -6.63 -47.29 -34.89
CA GLU H 14 -7.04 -48.48 -34.21
C GLU H 14 -6.92 -49.70 -35.07
N ARG H 15 -6.96 -50.86 -34.42
CA ARG H 15 -6.76 -52.17 -35.08
C ARG H 15 -7.83 -52.46 -36.14
N GLY H 16 -8.97 -51.77 -36.10
CA GLY H 16 -9.97 -51.94 -37.16
C GLY H 16 -9.64 -51.04 -38.33
N ASP H 17 -8.69 -50.12 -38.17
CA ASP H 17 -8.29 -49.20 -39.27
C ASP H 17 -7.06 -49.65 -40.05
N LEU H 18 -6.59 -50.88 -39.82
CA LEU H 18 -5.27 -51.25 -40.35
C LEU H 18 -5.21 -51.68 -41.82
N ARG H 19 -6.31 -52.09 -42.42
CA ARG H 19 -6.35 -52.34 -43.84
C ARG H 19 -6.17 -50.98 -44.52
N PHE H 20 -6.85 -49.98 -43.96
CA PHE H 20 -6.93 -48.70 -44.58
C PHE H 20 -5.51 -48.17 -44.61
N ILE H 21 -4.86 -48.23 -43.45
CA ILE H 21 -3.48 -47.83 -43.41
C ILE H 21 -2.75 -48.60 -44.47
N HIS H 22 -2.81 -49.93 -44.34
CA HIS H 22 -2.10 -50.85 -45.22
C HIS H 22 -2.19 -50.43 -46.67
N ASN H 23 -3.42 -50.24 -47.20
CA ASN H 23 -3.69 -49.83 -48.62
C ASN H 23 -2.90 -48.60 -49.04
N LEU H 24 -2.75 -47.66 -48.10
CA LEU H 24 -1.95 -46.44 -48.31
C LEU H 24 -0.41 -46.61 -48.26
N ASN H 25 0.09 -47.57 -47.48
CA ASN H 25 1.55 -47.82 -47.33
C ASN H 25 2.12 -48.74 -48.42
N ASN H 26 1.24 -49.31 -49.24
CA ASN H 26 1.69 -50.17 -50.33
C ASN H 26 1.42 -49.45 -51.65
N ASN H 27 1.04 -48.18 -51.50
CA ASN H 27 0.66 -47.32 -52.61
C ASN H 27 1.85 -46.48 -52.97
N ARG H 28 2.51 -46.85 -54.04
CA ARG H 28 3.72 -46.17 -54.46
C ARG H 28 3.54 -44.64 -54.60
N ASN H 29 2.40 -44.16 -55.10
CA ASN H 29 2.26 -42.70 -55.27
C ASN H 29 1.93 -41.91 -53.99
N ILE H 30 1.32 -42.55 -53.01
CA ILE H 30 1.27 -42.00 -51.65
C ILE H 30 2.70 -41.94 -51.04
N MET H 31 3.37 -43.08 -50.98
CA MET H 31 4.58 -43.22 -50.15
C MET H 31 5.83 -42.61 -50.77
N SER H 32 5.76 -42.22 -52.04
CA SER H 32 6.87 -41.60 -52.74
C SER H 32 7.10 -40.15 -52.32
N TYR H 33 6.25 -39.65 -51.43
CA TYR H 33 6.37 -38.30 -50.90
C TYR H 33 6.77 -38.33 -49.42
N TRP H 34 6.48 -39.47 -48.78
CA TRP H 34 6.86 -39.75 -47.37
C TRP H 34 8.26 -40.41 -47.31
N PHE H 35 8.98 -40.43 -48.43
CA PHE H 35 10.38 -40.85 -48.46
C PHE H 35 10.57 -42.25 -47.89
N GLU H 36 9.52 -43.03 -48.01
CA GLU H 36 9.43 -44.29 -47.30
C GLU H 36 8.97 -45.33 -48.31
N GLU H 37 9.68 -46.48 -48.33
CA GLU H 37 9.40 -47.60 -49.25
C GLU H 37 7.98 -48.21 -49.17
N PRO H 38 7.32 -48.34 -50.31
CA PRO H 38 5.93 -48.84 -50.23
C PRO H 38 5.85 -50.36 -50.36
N TYR H 39 6.02 -51.04 -49.23
CA TYR H 39 5.97 -52.50 -49.16
C TYR H 39 5.90 -52.85 -47.67
N GLU H 40 4.74 -53.31 -47.19
CA GLU H 40 4.59 -53.55 -45.75
C GLU H 40 3.47 -54.53 -45.48
N SER H 41 3.81 -55.82 -45.53
CA SER H 41 2.81 -56.90 -45.36
C SER H 41 1.86 -56.59 -44.18
N PHE H 42 0.62 -57.10 -44.21
CA PHE H 42 -0.30 -56.82 -43.13
C PHE H 42 0.32 -57.21 -41.79
N ASP H 43 1.08 -58.29 -41.86
CA ASP H 43 1.68 -58.90 -40.70
C ASP H 43 2.76 -58.01 -40.09
N GLU H 44 3.56 -57.32 -40.92
CA GLU H 44 4.61 -56.42 -40.41
C GLU H 44 3.98 -55.20 -39.75
N LEU H 45 3.18 -54.47 -40.51
CA LEU H 45 2.35 -53.39 -39.99
C LEU H 45 1.74 -53.82 -38.71
N GLU H 46 0.86 -54.82 -38.76
CA GLU H 46 0.07 -55.18 -37.59
C GLU H 46 0.99 -55.34 -36.41
N GLU H 47 2.13 -56.00 -36.61
CA GLU H 47 3.02 -56.30 -35.49
C GLU H 47 3.86 -55.09 -35.08
N LEU H 48 4.00 -54.10 -35.96
CA LEU H 48 4.72 -52.88 -35.58
C LEU H 48 3.77 -52.04 -34.74
N TYR H 49 2.50 -52.06 -35.11
CA TYR H 49 1.46 -51.45 -34.30
C TYR H 49 1.33 -52.06 -32.88
N ASN H 50 1.31 -53.38 -32.74
CA ASN H 50 1.40 -54.03 -31.43
C ASN H 50 2.73 -53.70 -30.70
N LYS H 51 3.87 -53.60 -31.40
CA LYS H 51 5.13 -53.20 -30.75
C LYS H 51 4.99 -51.80 -30.14
N HIS H 52 4.24 -50.91 -30.83
CA HIS H 52 4.07 -49.52 -30.37
C HIS H 52 2.77 -49.07 -29.69
N ILE H 53 1.86 -49.98 -29.31
CA ILE H 53 0.60 -49.57 -28.57
C ILE H 53 0.84 -48.70 -27.33
N HIS H 54 1.96 -48.94 -26.64
CA HIS H 54 2.36 -48.21 -25.43
C HIS H 54 3.47 -47.17 -25.60
N ASP H 55 3.93 -46.90 -26.83
CA ASP H 55 4.97 -45.90 -27.03
C ASP H 55 4.40 -44.52 -26.88
N ASN H 56 4.76 -43.84 -25.79
CA ASN H 56 4.40 -42.43 -25.62
C ASN H 56 5.06 -41.52 -26.67
N ALA H 57 6.06 -42.00 -27.41
CA ALA H 57 6.80 -41.10 -28.33
C ALA H 57 6.17 -40.93 -29.71
N GLU H 58 4.87 -41.25 -29.79
CA GLU H 58 4.16 -41.24 -31.05
C GLU H 58 2.65 -41.21 -30.87
N ARG H 59 2.00 -40.32 -31.61
CA ARG H 59 0.55 -40.21 -31.62
C ARG H 59 0.21 -40.42 -33.07
N ARG H 60 -0.53 -41.52 -33.34
CA ARG H 60 -1.06 -41.87 -34.67
C ARG H 60 -2.60 -41.78 -34.72
N PHE H 61 -3.10 -40.98 -35.69
CA PHE H 61 -4.52 -40.63 -35.80
C PHE H 61 -5.11 -40.97 -37.15
N VAL H 62 -6.41 -41.21 -37.15
CA VAL H 62 -7.15 -41.49 -38.39
C VAL H 62 -8.22 -40.43 -38.57
N VAL H 63 -8.32 -39.93 -39.80
CA VAL H 63 -9.17 -38.83 -40.12
C VAL H 63 -10.42 -39.38 -40.81
N GLU H 64 -11.52 -38.66 -40.57
CA GLU H 64 -12.88 -39.12 -40.75
C GLU H 64 -13.77 -37.90 -40.87
N ASP H 65 -14.92 -38.13 -41.50
CA ASP H 65 -16.00 -37.15 -41.61
C ASP H 65 -17.22 -37.50 -40.70
N ALA H 66 -18.43 -37.29 -41.21
CA ALA H 66 -19.69 -37.55 -40.51
C ALA H 66 -20.29 -38.94 -40.79
N GLN H 67 -20.03 -39.51 -41.97
CA GLN H 67 -20.43 -40.91 -42.27
C GLN H 67 -19.36 -41.90 -41.91
N LYS H 68 -18.27 -41.38 -41.33
CA LYS H 68 -17.12 -42.18 -40.88
C LYS H 68 -16.44 -42.88 -42.05
N ASN H 69 -16.36 -42.15 -43.16
CA ASN H 69 -15.45 -42.50 -44.19
C ASN H 69 -14.06 -42.09 -43.67
N LEU H 70 -13.08 -42.95 -43.89
CA LEU H 70 -11.71 -42.67 -43.52
C LEU H 70 -11.02 -41.77 -44.59
N ILE H 71 -10.78 -40.53 -44.19
CA ILE H 71 -10.26 -39.47 -45.03
C ILE H 71 -8.78 -39.68 -45.19
N GLY H 72 -8.09 -40.10 -44.14
CA GLY H 72 -6.61 -40.15 -44.19
C GLY H 72 -5.91 -40.40 -42.88
N LEU H 73 -4.70 -39.87 -42.75
CA LEU H 73 -3.71 -40.26 -41.69
C LEU H 73 -2.87 -39.07 -41.31
N VAL H 74 -2.74 -38.86 -39.99
CA VAL H 74 -1.90 -37.83 -39.40
C VAL H 74 -1.05 -38.56 -38.33
N GLU H 75 0.26 -38.28 -38.28
CA GLU H 75 1.19 -38.96 -37.37
C GLU H 75 2.10 -37.91 -36.79
N LEU H 76 2.15 -37.84 -35.46
CA LEU H 76 3.11 -37.00 -34.79
C LEU H 76 4.22 -37.90 -34.24
N ILE H 77 5.44 -37.71 -34.71
CA ILE H 77 6.50 -38.71 -34.35
C ILE H 77 7.79 -38.08 -33.81
N GLU H 78 8.62 -38.94 -33.23
CA GLU H 78 9.79 -38.47 -32.55
C GLU H 78 9.47 -37.40 -31.48
N ILE H 79 8.47 -37.67 -30.64
CA ILE H 79 8.06 -36.68 -29.65
C ILE H 79 9.08 -36.77 -28.52
N ASN H 80 9.69 -35.62 -28.20
CA ASN H 80 10.77 -35.57 -27.22
C ASN H 80 10.46 -34.69 -26.06
N TYR H 81 10.42 -35.26 -24.88
CA TYR H 81 9.76 -34.63 -23.76
C TYR H 81 10.62 -33.61 -22.99
N ILE H 82 11.84 -33.38 -23.48
CA ILE H 82 12.73 -32.30 -22.98
C ILE H 82 12.65 -31.04 -23.84
N HIS H 83 13.02 -31.19 -25.11
CA HIS H 83 12.97 -30.14 -26.13
C HIS H 83 11.50 -29.92 -26.66
N ARG H 84 10.66 -30.92 -26.46
CA ARG H 84 9.30 -30.80 -26.80
C ARG H 84 9.13 -30.37 -28.28
N SER H 85 9.65 -31.19 -29.18
CA SER H 85 9.33 -31.10 -30.61
C SER H 85 8.89 -32.46 -31.11
N ALA H 86 7.94 -32.45 -32.03
CA ALA H 86 7.54 -33.66 -32.72
C ALA H 86 7.80 -33.49 -34.22
N GLU H 87 7.80 -34.57 -34.98
CA GLU H 87 7.68 -34.47 -36.42
C GLU H 87 6.26 -34.73 -36.84
N PHE H 88 5.77 -33.91 -37.78
CA PHE H 88 4.45 -34.02 -38.38
C PHE H 88 4.43 -34.63 -39.83
N GLN H 89 3.45 -35.50 -40.05
CA GLN H 89 3.31 -36.16 -41.33
C GLN H 89 1.85 -36.17 -41.69
N ILE H 90 1.52 -36.14 -42.95
CA ILE H 90 0.11 -36.24 -43.26
C ILE H 90 -0.07 -36.90 -44.64
N ILE H 91 -1.11 -37.74 -44.74
CA ILE H 91 -1.59 -38.27 -46.00
C ILE H 91 -3.11 -38.05 -46.02
N ILE H 92 -3.62 -37.58 -47.13
CA ILE H 92 -5.01 -37.73 -47.44
C ILE H 92 -5.09 -38.75 -48.59
N ALA H 93 -6.16 -39.55 -48.58
CA ALA H 93 -6.33 -40.65 -49.51
C ALA H 93 -6.82 -40.07 -50.84
N PRO H 94 -6.39 -40.69 -51.98
CA PRO H 94 -6.49 -40.11 -53.32
C PRO H 94 -7.92 -39.73 -53.63
N GLU H 95 -8.82 -40.68 -53.39
CA GLU H 95 -10.24 -40.45 -53.52
C GLU H 95 -10.78 -39.22 -52.74
N HIS H 96 -10.05 -38.78 -51.67
CA HIS H 96 -10.39 -37.55 -50.89
C HIS H 96 -9.41 -36.38 -50.99
N GLN H 97 -8.54 -36.40 -51.99
CA GLN H 97 -7.69 -35.24 -52.31
C GLN H 97 -8.40 -34.26 -53.24
N GLY H 98 -7.88 -33.03 -53.28
CA GLY H 98 -8.41 -32.00 -54.12
C GLY H 98 -9.74 -31.45 -53.60
N LYS H 99 -10.00 -31.65 -52.32
CA LYS H 99 -11.25 -31.22 -51.73
C LYS H 99 -11.01 -30.11 -50.73
N GLY H 100 -9.76 -29.70 -50.55
CA GLY H 100 -9.37 -28.60 -49.67
C GLY H 100 -9.35 -28.88 -48.16
N PHE H 101 -9.22 -30.16 -47.78
CA PHE H 101 -9.23 -30.53 -46.36
C PHE H 101 -7.90 -30.21 -45.64
N ALA H 102 -6.78 -30.32 -46.36
CA ALA H 102 -5.45 -30.12 -45.81
C ALA H 102 -5.33 -29.09 -44.75
N ARG H 103 -5.70 -27.85 -45.05
CA ARG H 103 -5.53 -26.76 -44.08
C ARG H 103 -6.18 -27.19 -42.78
N THR H 104 -7.46 -27.55 -42.83
CA THR H 104 -8.17 -28.05 -41.59
C THR H 104 -7.43 -29.13 -40.81
N LEU H 105 -6.88 -30.10 -41.54
CA LEU H 105 -6.25 -31.25 -40.94
C LEU H 105 -4.84 -31.03 -40.36
N ILE H 106 -4.06 -30.17 -41.02
CA ILE H 106 -2.81 -29.68 -40.46
C ILE H 106 -3.00 -28.83 -39.19
N ASN H 107 -4.00 -27.94 -39.21
CA ASN H 107 -4.42 -27.22 -37.99
C ASN H 107 -4.80 -28.16 -36.84
N ARG H 108 -5.52 -29.25 -37.15
CA ARG H 108 -5.91 -30.17 -36.09
C ARG H 108 -4.70 -30.77 -35.41
N ALA H 109 -3.65 -31.00 -36.18
CA ALA H 109 -2.44 -31.61 -35.69
C ALA H 109 -1.70 -30.58 -34.85
N LEU H 110 -1.54 -29.38 -35.39
CA LEU H 110 -0.93 -28.30 -34.61
C LEU H 110 -1.79 -27.99 -33.38
N ASP H 111 -3.11 -27.94 -33.53
CA ASP H 111 -3.96 -27.74 -32.36
C ASP H 111 -3.57 -28.75 -31.29
N TYR H 112 -3.54 -30.04 -31.70
CA TYR H 112 -3.32 -31.14 -30.81
C TYR H 112 -1.97 -30.97 -30.21
N SER H 113 -0.97 -30.76 -31.08
CA SER H 113 0.41 -30.75 -30.65
C SER H 113 0.70 -29.65 -29.64
N PHE H 114 -0.06 -28.56 -29.71
CA PHE H 114 0.19 -27.34 -28.92
C PHE H 114 -0.83 -27.00 -27.76
N THR H 115 -2.09 -27.40 -27.92
CA THR H 115 -3.16 -27.15 -26.94
C THR H 115 -3.40 -28.41 -26.04
N ILE H 116 -2.76 -29.54 -26.39
CA ILE H 116 -2.87 -30.80 -25.65
C ILE H 116 -1.49 -31.36 -25.26
N LEU H 117 -0.61 -31.63 -26.22
CA LEU H 117 0.70 -32.17 -25.87
C LEU H 117 1.72 -31.18 -25.31
N ASN H 118 1.39 -29.88 -25.35
CA ASN H 118 2.24 -28.83 -24.75
C ASN H 118 3.64 -28.86 -25.31
N LEU H 119 3.68 -29.14 -26.61
CA LEU H 119 4.89 -29.21 -27.39
C LEU H 119 5.32 -27.81 -27.76
N HIS H 120 6.61 -27.65 -28.05
CA HIS H 120 7.18 -26.35 -28.40
C HIS H 120 7.43 -26.24 -29.89
N LYS H 121 7.93 -27.27 -30.55
CA LYS H 121 8.26 -27.13 -31.99
C LYS H 121 7.76 -28.27 -32.87
N ILE H 122 6.77 -28.04 -33.72
CA ILE H 122 6.41 -29.03 -34.73
C ILE H 122 7.25 -28.67 -35.94
N TYR H 123 7.84 -29.69 -36.57
CA TYR H 123 8.58 -29.51 -37.80
C TYR H 123 8.18 -30.64 -38.73
N LEU H 124 8.40 -30.48 -40.04
CA LEU H 124 8.18 -31.53 -41.06
C LEU H 124 9.29 -31.44 -42.13
N HIS H 125 9.30 -32.38 -43.08
CA HIS H 125 10.23 -32.45 -44.19
C HIS H 125 9.33 -32.55 -45.43
N VAL H 126 9.59 -31.71 -46.43
CA VAL H 126 8.79 -31.69 -47.65
C VAL H 126 9.74 -31.76 -48.79
N ALA H 127 9.48 -32.72 -49.68
CA ALA H 127 10.10 -32.81 -50.98
C ALA H 127 9.96 -31.47 -51.70
N VAL H 128 11.09 -30.86 -51.98
CA VAL H 128 11.15 -29.66 -52.82
C VAL H 128 10.27 -29.80 -54.07
N GLU H 129 10.18 -31.03 -54.63
CA GLU H 129 9.41 -31.36 -55.84
C GLU H 129 7.99 -31.86 -55.62
N ASN H 130 7.39 -31.44 -54.51
CA ASN H 130 5.99 -31.64 -54.15
C ASN H 130 5.41 -30.25 -53.83
N PRO H 131 5.45 -29.30 -54.80
CA PRO H 131 5.17 -27.87 -54.55
C PRO H 131 3.85 -27.56 -53.83
N LYS H 132 2.80 -28.31 -54.10
CA LYS H 132 1.51 -28.11 -53.41
C LYS H 132 1.58 -28.31 -51.88
N ALA H 133 2.45 -29.19 -51.40
CA ALA H 133 2.62 -29.34 -49.93
C ALA H 133 3.39 -28.13 -49.37
N VAL H 134 4.50 -27.75 -50.00
CA VAL H 134 5.26 -26.55 -49.68
C VAL H 134 4.33 -25.37 -49.42
N HIS H 135 3.35 -25.24 -50.33
CA HIS H 135 2.36 -24.16 -50.34
C HIS H 135 1.31 -24.27 -49.21
N LEU H 136 0.89 -25.51 -48.94
CA LEU H 136 0.01 -25.83 -47.81
C LEU H 136 0.62 -25.54 -46.46
N TYR H 137 1.90 -25.90 -46.31
CA TYR H 137 2.64 -25.64 -45.07
C TYR H 137 2.91 -24.17 -44.83
N GLU H 138 3.34 -23.46 -45.86
CA GLU H 138 3.46 -21.99 -45.73
C GLU H 138 2.15 -21.45 -45.20
N GLU H 139 1.07 -21.84 -45.84
CA GLU H 139 -0.25 -21.24 -45.63
C GLU H 139 -0.77 -21.44 -44.18
N CYS H 140 -0.29 -22.47 -43.50
CA CYS H 140 -0.66 -22.80 -42.10
C CYS H 140 0.36 -22.30 -41.09
N GLY H 141 1.40 -21.63 -41.55
CA GLY H 141 2.28 -20.91 -40.63
C GLY H 141 3.65 -21.47 -40.49
N PHE H 142 3.95 -22.58 -41.19
CA PHE H 142 5.28 -23.19 -41.19
C PHE H 142 6.24 -22.45 -42.11
N VAL H 143 7.46 -22.38 -41.63
CA VAL H 143 8.59 -21.68 -42.23
C VAL H 143 9.66 -22.74 -42.41
N GLU H 144 10.51 -22.46 -43.41
CA GLU H 144 11.67 -23.27 -43.77
C GLU H 144 12.96 -22.92 -42.94
N GLU H 145 13.55 -23.96 -42.36
CA GLU H 145 14.78 -23.85 -41.56
C GLU H 145 15.91 -24.70 -42.19
N GLY H 146 15.62 -25.41 -43.28
CA GLY H 146 16.62 -26.27 -43.90
C GLY H 146 16.29 -26.67 -45.33
N HIS H 147 17.36 -26.81 -46.12
CA HIS H 147 17.27 -27.28 -47.50
C HIS H 147 18.14 -28.49 -47.57
N LEU H 148 17.60 -29.65 -47.29
CA LEU H 148 18.48 -30.77 -47.15
C LEU H 148 18.79 -31.21 -48.57
N VAL H 149 20.07 -31.45 -48.83
CA VAL H 149 20.56 -31.74 -50.15
C VAL H 149 20.72 -33.24 -50.33
N GLU H 150 20.01 -33.77 -51.34
CA GLU H 150 20.12 -35.17 -51.81
C GLU H 150 19.96 -36.14 -50.67
N GLU H 151 18.89 -35.90 -49.90
CA GLU H 151 18.65 -36.54 -48.63
C GLU H 151 18.01 -37.93 -48.84
N PHE H 152 16.96 -37.98 -49.66
CA PHE H 152 16.27 -39.22 -50.00
C PHE H 152 16.45 -39.61 -51.46
N PHE H 153 16.70 -40.90 -51.72
CA PHE H 153 16.44 -41.55 -53.02
C PHE H 153 14.92 -41.66 -53.14
N ILE H 154 14.37 -41.10 -54.22
CA ILE H 154 12.93 -41.09 -54.50
C ILE H 154 12.79 -41.30 -56.01
N ASN H 155 12.53 -42.54 -56.41
CA ASN H 155 12.26 -42.86 -57.82
C ASN H 155 13.43 -42.58 -58.76
N GLY H 156 14.41 -43.45 -58.66
CA GLY H 156 15.54 -43.45 -59.57
C GLY H 156 16.65 -42.47 -59.26
N ARG H 157 16.52 -41.69 -58.18
CA ARG H 157 17.48 -40.59 -57.88
C ARG H 157 17.29 -39.92 -56.52
N TYR H 158 18.35 -39.24 -56.10
CA TYR H 158 18.34 -38.47 -54.88
C TYR H 158 17.63 -37.15 -55.05
N GLN H 159 16.89 -36.76 -54.03
CA GLN H 159 16.14 -35.54 -54.07
C GLN H 159 16.34 -34.72 -52.78
N ASP H 160 16.19 -33.40 -52.91
CA ASP H 160 16.28 -32.43 -51.82
C ASP H 160 14.93 -32.28 -51.06
N VAL H 161 14.97 -31.76 -49.84
CA VAL H 161 13.69 -31.60 -49.07
C VAL H 161 13.83 -30.41 -48.14
N LYS H 162 12.75 -29.65 -47.94
CA LYS H 162 12.76 -28.59 -46.91
C LYS H 162 12.42 -29.15 -45.50
N ARG H 163 13.21 -28.86 -44.48
CA ARG H 163 12.66 -28.94 -43.11
C ARG H 163 11.85 -27.67 -42.92
N MET H 164 10.63 -27.81 -42.43
CA MET H 164 9.83 -26.65 -42.11
C MET H 164 9.27 -26.80 -40.72
N TYR H 165 8.97 -25.68 -40.07
CA TYR H 165 8.69 -25.70 -38.64
C TYR H 165 7.83 -24.52 -38.27
N ILE H 166 7.03 -24.75 -37.23
CA ILE H 166 6.24 -23.73 -36.55
C ILE H 166 6.30 -23.96 -35.03
N LEU H 167 6.30 -22.84 -34.31
CA LEU H 167 6.53 -22.82 -32.86
C LEU H 167 5.24 -22.52 -32.11
N GLN H 168 5.15 -23.03 -30.90
CA GLN H 168 4.00 -22.81 -30.02
C GLN H 168 3.67 -21.32 -29.93
N SER H 169 4.60 -20.54 -29.38
CA SER H 169 4.44 -19.11 -29.17
C SER H 169 3.79 -18.39 -30.37
N LYS H 170 4.00 -18.91 -31.59
CA LYS H 170 3.44 -18.35 -32.83
C LYS H 170 2.04 -18.82 -33.18
N TYR H 171 1.79 -20.12 -33.07
CA TYR H 171 0.43 -20.68 -33.28
C TYR H 171 -0.55 -20.16 -32.23
N LEU H 172 -0.08 -19.97 -30.99
CA LEU H 172 -1.01 -19.56 -29.92
C LEU H 172 -1.69 -18.17 -29.90
N ASN H 173 -0.92 -17.10 -29.75
CA ASN H 173 -1.20 -15.78 -30.30
C ASN H 173 -0.39 -15.71 -31.61
N ASN I 5 -29.34 32.68 -11.97
CA ASN I 5 -30.08 31.58 -11.29
C ASN I 5 -29.04 30.50 -10.94
N SER I 6 -29.44 29.23 -11.07
CA SER I 6 -28.57 28.05 -10.94
C SER I 6 -28.16 27.57 -12.33
N GLN I 7 -28.45 28.39 -13.35
CA GLN I 7 -28.11 28.04 -14.71
C GLN I 7 -26.72 28.59 -15.04
N LEU I 8 -26.17 29.44 -14.18
CA LEU I 8 -24.95 30.15 -14.51
C LEU I 8 -23.77 29.24 -14.31
N THR I 9 -22.92 29.17 -15.33
CA THR I 9 -21.71 28.36 -15.24
C THR I 9 -20.52 29.26 -15.44
N LEU I 10 -19.35 28.77 -15.00
CA LEU I 10 -18.08 29.41 -15.26
C LEU I 10 -17.32 28.47 -16.18
N ARG I 11 -16.62 29.09 -17.13
CA ARG I 11 -15.93 28.37 -18.16
C ARG I 11 -14.73 29.19 -18.58
N ALA I 12 -13.77 28.48 -19.16
CA ALA I 12 -12.49 29.01 -19.56
C ALA I 12 -12.65 30.09 -20.60
N LEU I 13 -11.88 31.15 -20.43
CA LEU I 13 -11.84 32.21 -21.39
C LEU I 13 -11.28 31.61 -22.65
N GLU I 14 -11.82 32.05 -23.79
CA GLU I 14 -11.46 31.63 -25.13
C GLU I 14 -11.17 32.83 -26.06
N ARG I 15 -10.48 32.57 -27.17
CA ARG I 15 -10.25 33.57 -28.22
C ARG I 15 -11.58 34.05 -28.77
N GLY I 16 -12.50 33.12 -29.04
CA GLY I 16 -13.87 33.48 -29.47
C GLY I 16 -14.69 34.37 -28.54
N ASP I 17 -14.16 34.66 -27.34
CA ASP I 17 -14.76 35.55 -26.35
C ASP I 17 -14.06 36.91 -26.28
N LEU I 18 -12.97 37.12 -27.03
CA LEU I 18 -12.11 38.29 -26.79
C LEU I 18 -12.76 39.62 -27.24
N ARG I 19 -13.78 39.49 -28.06
CA ARG I 19 -14.56 40.63 -28.51
C ARG I 19 -15.65 41.02 -27.52
N PHE I 20 -16.06 40.07 -26.66
CA PHE I 20 -16.79 40.34 -25.44
C PHE I 20 -15.95 41.13 -24.42
N ILE I 21 -14.76 40.58 -24.08
CA ILE I 21 -13.88 41.18 -23.09
C ILE I 21 -13.61 42.64 -23.52
N HIS I 22 -13.25 42.82 -24.80
CA HIS I 22 -12.86 44.12 -25.32
C HIS I 22 -13.87 45.24 -24.95
N ASN I 23 -15.14 45.03 -25.29
CA ASN I 23 -16.17 46.05 -25.08
C ASN I 23 -16.19 46.53 -23.66
N LEU I 24 -16.18 45.58 -22.73
CA LEU I 24 -16.13 45.86 -21.28
C LEU I 24 -14.85 46.60 -20.82
N ASN I 25 -13.71 46.27 -21.47
CA ASN I 25 -12.44 46.90 -21.15
C ASN I 25 -12.32 48.31 -21.71
N ASN I 26 -13.23 48.70 -22.60
CA ASN I 26 -13.22 50.09 -23.08
C ASN I 26 -14.36 50.95 -22.52
N ASN I 27 -15.19 50.32 -21.69
CA ASN I 27 -16.28 50.97 -20.95
C ASN I 27 -15.71 51.53 -19.64
N ARG I 28 -15.83 52.85 -19.48
CA ARG I 28 -15.39 53.60 -18.29
C ARG I 28 -16.28 53.38 -17.04
N ASN I 29 -17.54 53.08 -17.30
CA ASN I 29 -18.51 52.77 -16.25
C ASN I 29 -18.11 51.50 -15.50
N ILE I 30 -17.60 50.52 -16.25
CA ILE I 30 -17.21 49.23 -15.70
C ILE I 30 -15.77 49.21 -15.17
N MET I 31 -14.83 49.91 -15.81
CA MET I 31 -13.40 49.68 -15.53
C MET I 31 -12.88 50.40 -14.30
N SER I 32 -13.61 51.44 -13.89
CA SER I 32 -13.40 52.19 -12.65
C SER I 32 -13.53 51.25 -11.47
N TYR I 33 -14.65 50.54 -11.51
CA TYR I 33 -14.98 49.56 -10.50
C TYR I 33 -13.97 48.39 -10.50
N TRP I 34 -13.16 48.32 -11.56
CA TRP I 34 -11.94 47.52 -11.55
C TRP I 34 -10.68 48.39 -11.45
N PHE I 35 -10.87 49.69 -11.23
CA PHE I 35 -9.78 50.57 -10.87
C PHE I 35 -8.73 50.42 -11.94
N GLU I 36 -9.20 50.37 -13.18
CA GLU I 36 -8.35 50.01 -14.30
C GLU I 36 -8.73 50.96 -15.47
N GLU I 37 -7.72 51.36 -16.27
CA GLU I 37 -7.86 52.33 -17.37
C GLU I 37 -8.71 51.83 -18.55
N PRO I 38 -9.82 52.52 -18.86
CA PRO I 38 -10.77 52.10 -19.88
C PRO I 38 -10.23 52.21 -21.31
N TYR I 39 -8.99 51.76 -21.50
CA TYR I 39 -8.34 51.85 -22.79
C TYR I 39 -7.65 50.53 -23.06
N GLU I 40 -7.87 49.97 -24.24
CA GLU I 40 -7.27 48.70 -24.64
C GLU I 40 -7.73 48.62 -26.10
N SER I 41 -6.80 48.35 -27.01
CA SER I 41 -7.06 47.88 -28.36
C SER I 41 -7.09 46.35 -28.38
N PHE I 42 -7.75 45.82 -29.41
CA PHE I 42 -7.93 44.41 -29.58
C PHE I 42 -6.57 43.77 -29.68
N ASP I 43 -5.64 44.42 -30.39
CA ASP I 43 -4.26 43.89 -30.41
C ASP I 43 -3.48 44.04 -29.10
N GLU I 44 -3.90 44.92 -28.20
CA GLU I 44 -3.35 44.84 -26.86
C GLU I 44 -3.85 43.57 -26.07
N LEU I 45 -5.17 43.41 -26.06
CA LEU I 45 -5.84 42.34 -25.35
C LEU I 45 -5.31 40.93 -25.76
N GLU I 46 -5.45 40.65 -27.05
CA GLU I 46 -5.10 39.37 -27.68
C GLU I 46 -3.65 38.95 -27.49
N GLU I 47 -2.71 39.87 -27.65
CA GLU I 47 -1.29 39.56 -27.48
C GLU I 47 -0.96 39.32 -26.00
N LEU I 48 -1.59 40.08 -25.12
CA LEU I 48 -1.43 39.89 -23.70
C LEU I 48 -1.97 38.51 -23.30
N TYR I 49 -3.21 38.21 -23.71
CA TYR I 49 -3.82 36.87 -23.62
C TYR I 49 -3.00 35.78 -24.31
N ASN I 50 -2.46 36.10 -25.49
CA ASN I 50 -1.48 35.20 -26.17
C ASN I 50 -0.25 34.95 -25.27
N LYS I 51 0.21 35.98 -24.57
CA LYS I 51 1.44 35.92 -23.75
C LYS I 51 1.23 35.15 -22.50
N HIS I 52 -0.05 35.12 -22.04
CA HIS I 52 -0.41 34.54 -20.72
C HIS I 52 -1.15 33.19 -20.75
N ILE I 53 -1.07 32.50 -21.88
CA ILE I 53 -1.81 31.24 -22.06
C ILE I 53 -1.45 30.18 -21.01
N HIS I 54 -0.16 29.99 -20.77
CA HIS I 54 0.41 28.98 -19.90
C HIS I 54 0.82 29.51 -18.49
N ASP I 55 0.80 30.83 -18.28
CA ASP I 55 0.89 31.42 -16.92
C ASP I 55 -0.11 30.78 -15.96
N ASN I 56 0.40 30.04 -14.96
CA ASN I 56 -0.45 29.34 -13.96
C ASN I 56 -0.96 30.25 -12.80
N ALA I 57 -0.75 31.55 -12.85
CA ALA I 57 -0.97 32.44 -11.71
C ALA I 57 -2.22 33.28 -11.90
N GLU I 58 -3.01 32.88 -12.88
CA GLU I 58 -4.29 33.43 -13.15
C GLU I 58 -5.07 32.33 -13.84
N ARG I 59 -6.36 32.34 -13.57
CA ARG I 59 -7.36 31.78 -14.43
C ARG I 59 -8.07 33.00 -14.92
N ARG I 60 -9.02 32.78 -15.83
CA ARG I 60 -9.94 33.81 -16.31
C ARG I 60 -11.13 33.12 -16.83
N PHE I 61 -12.28 33.44 -16.24
CA PHE I 61 -13.48 32.72 -16.54
C PHE I 61 -14.45 33.66 -17.20
N VAL I 62 -15.08 33.24 -18.29
CA VAL I 62 -16.31 33.89 -18.72
C VAL I 62 -17.48 33.24 -17.98
N VAL I 63 -18.42 34.07 -17.54
CA VAL I 63 -19.68 33.61 -16.92
C VAL I 63 -20.81 33.58 -17.93
N GLU I 64 -21.47 32.42 -18.03
CA GLU I 64 -22.65 32.25 -18.89
C GLU I 64 -23.81 31.54 -18.13
N ASP I 65 -24.99 31.63 -18.72
CA ASP I 65 -26.21 31.12 -18.12
C ASP I 65 -26.70 29.93 -18.97
N ALA I 66 -28.02 29.84 -19.13
CA ALA I 66 -28.70 28.68 -19.71
C ALA I 66 -28.68 28.73 -21.21
N GLN I 67 -28.93 29.92 -21.76
CA GLN I 67 -29.06 30.13 -23.21
C GLN I 67 -27.73 30.52 -23.90
N LYS I 68 -26.66 30.48 -23.09
CA LYS I 68 -25.25 30.65 -23.46
C LYS I 68 -24.93 32.06 -23.83
N ASN I 69 -25.55 32.98 -23.11
CA ASN I 69 -25.21 34.38 -23.25
C ASN I 69 -23.93 34.71 -22.44
N LEU I 70 -23.34 35.87 -22.72
CA LEU I 70 -22.17 36.32 -21.98
C LEU I 70 -22.68 37.24 -20.87
N ILE I 71 -22.61 36.75 -19.63
CA ILE I 71 -23.01 37.53 -18.49
C ILE I 71 -21.82 38.39 -18.05
N GLY I 72 -20.59 37.90 -18.28
CA GLY I 72 -19.41 38.62 -17.81
C GLY I 72 -18.22 37.74 -17.54
N LEU I 73 -17.29 38.25 -16.75
CA LEU I 73 -15.95 37.65 -16.49
C LEU I 73 -15.72 37.42 -15.01
N VAL I 74 -14.92 36.42 -14.64
CA VAL I 74 -14.49 36.18 -13.23
C VAL I 74 -12.99 35.79 -13.26
N GLU I 75 -12.23 36.26 -12.27
CA GLU I 75 -10.77 36.07 -12.28
C GLU I 75 -10.14 35.79 -10.94
N LEU I 76 -9.39 34.70 -10.89
CA LEU I 76 -8.55 34.42 -9.77
C LEU I 76 -7.16 34.70 -10.32
N ILE I 77 -6.71 35.93 -10.08
CA ILE I 77 -5.43 36.40 -10.55
C ILE I 77 -4.41 36.50 -9.37
N GLU I 78 -3.14 36.62 -9.70
CA GLU I 78 -2.05 36.48 -8.72
C GLU I 78 -2.21 35.26 -7.80
N ILE I 79 -2.62 34.14 -8.38
CA ILE I 79 -2.64 32.86 -7.67
C ILE I 79 -1.18 32.64 -7.26
N ASN I 80 -0.85 32.88 -6.02
CA ASN I 80 0.38 32.38 -5.43
C ASN I 80 0.11 30.98 -4.90
N TYR I 81 1.03 30.04 -5.16
CA TYR I 81 0.88 28.64 -4.74
C TYR I 81 1.68 28.25 -3.46
N ILE I 82 2.27 29.21 -2.73
CA ILE I 82 2.91 28.93 -1.44
C ILE I 82 2.11 29.57 -0.32
N HIS I 83 1.97 30.88 -0.39
CA HIS I 83 1.09 31.62 0.50
C HIS I 83 -0.37 31.19 0.27
N ARG I 84 -0.63 30.51 -0.87
CA ARG I 84 -1.91 29.91 -1.23
C ARG I 84 -3.03 30.93 -1.32
N SER I 85 -2.66 32.18 -1.56
CA SER I 85 -3.59 33.29 -1.75
C SER I 85 -3.99 33.43 -3.23
N ALA I 86 -5.07 34.19 -3.47
CA ALA I 86 -5.39 34.74 -4.79
C ALA I 86 -6.40 35.94 -4.75
N GLU I 87 -6.52 36.67 -5.86
CA GLU I 87 -7.44 37.82 -5.92
C GLU I 87 -8.68 37.57 -6.75
N PHE I 88 -9.83 38.07 -6.31
CA PHE I 88 -11.11 37.87 -7.00
C PHE I 88 -11.61 39.24 -7.47
N GLN I 89 -12.00 39.34 -8.74
CA GLN I 89 -12.72 40.52 -9.26
C GLN I 89 -13.80 40.12 -10.29
N ILE I 90 -15.01 40.61 -10.11
CA ILE I 90 -16.13 40.23 -10.95
C ILE I 90 -16.66 41.43 -11.77
N ILE I 91 -17.03 41.14 -13.02
CA ILE I 91 -17.71 42.08 -13.89
C ILE I 91 -18.95 41.39 -14.39
N ILE I 92 -20.12 41.96 -14.13
CA ILE I 92 -21.29 41.58 -14.86
C ILE I 92 -21.48 42.60 -16.01
N ALA I 93 -21.76 42.07 -17.21
CA ALA I 93 -22.03 42.94 -18.35
C ALA I 93 -23.13 43.86 -17.87
N PRO I 94 -23.20 45.07 -18.40
CA PRO I 94 -24.22 45.99 -17.91
C PRO I 94 -25.67 45.69 -18.40
N GLU I 95 -25.82 44.78 -19.38
CA GLU I 95 -27.14 44.31 -19.78
C GLU I 95 -27.64 43.25 -18.82
N HIS I 96 -26.75 42.71 -17.97
CA HIS I 96 -27.15 41.62 -17.04
C HIS I 96 -27.12 41.96 -15.57
N GLN I 97 -26.74 43.19 -15.26
CA GLN I 97 -26.80 43.70 -13.89
C GLN I 97 -28.22 43.94 -13.47
N GLY I 98 -28.55 43.62 -12.22
CA GLY I 98 -29.88 43.91 -11.68
C GLY I 98 -30.85 42.75 -11.77
N LYS I 99 -30.34 41.62 -12.23
CA LYS I 99 -31.09 40.37 -12.28
C LYS I 99 -30.75 39.47 -11.09
N GLY I 100 -30.02 40.03 -10.13
CA GLY I 100 -29.57 39.32 -8.94
C GLY I 100 -28.68 38.12 -9.14
N PHE I 101 -27.79 38.16 -10.15
CA PHE I 101 -26.80 37.08 -10.38
C PHE I 101 -25.52 37.09 -9.51
N ALA I 102 -25.08 38.26 -9.05
CA ALA I 102 -23.81 38.36 -8.32
C ALA I 102 -23.57 37.24 -7.32
N ARG I 103 -24.59 36.80 -6.62
CA ARG I 103 -24.36 35.94 -5.48
C ARG I 103 -23.95 34.54 -5.97
N THR I 104 -24.80 33.91 -6.75
CA THR I 104 -24.46 32.68 -7.41
C THR I 104 -22.99 32.65 -7.85
N LEU I 105 -22.53 33.73 -8.47
CA LEU I 105 -21.25 33.75 -9.17
C LEU I 105 -20.03 33.96 -8.26
N ILE I 106 -20.21 34.71 -7.18
CA ILE I 106 -19.20 34.81 -6.15
C ILE I 106 -19.00 33.39 -5.59
N ASN I 107 -20.09 32.66 -5.41
CA ASN I 107 -20.09 31.22 -5.03
C ASN I 107 -19.30 30.32 -5.95
N ARG I 108 -19.42 30.49 -7.26
CA ARG I 108 -18.63 29.68 -8.21
C ARG I 108 -17.13 30.01 -8.16
N ALA I 109 -16.82 31.25 -7.80
CA ALA I 109 -15.47 31.75 -7.80
C ALA I 109 -14.79 31.26 -6.57
N LEU I 110 -15.48 31.29 -5.42
CA LEU I 110 -14.90 30.76 -4.19
C LEU I 110 -14.82 29.23 -4.21
N ASP I 111 -15.83 28.58 -4.76
CA ASP I 111 -15.89 27.11 -4.91
C ASP I 111 -14.68 26.61 -5.69
N TYR I 112 -14.47 27.19 -6.86
CA TYR I 112 -13.28 26.90 -7.68
C TYR I 112 -12.04 27.11 -6.82
N SER I 113 -11.88 28.31 -6.33
CA SER I 113 -10.77 28.67 -5.47
C SER I 113 -10.51 27.63 -4.42
N PHE I 114 -11.58 27.23 -3.75
CA PHE I 114 -11.43 26.50 -2.52
C PHE I 114 -11.56 24.99 -2.69
N THR I 115 -12.55 24.57 -3.47
CA THR I 115 -12.75 23.16 -3.70
C THR I 115 -11.81 22.57 -4.73
N ILE I 116 -11.32 23.38 -5.68
CA ILE I 116 -10.46 22.86 -6.76
C ILE I 116 -8.99 23.24 -6.64
N LEU I 117 -8.76 24.56 -6.56
CA LEU I 117 -7.43 25.09 -6.62
C LEU I 117 -6.60 24.85 -5.34
N ASN I 118 -7.28 24.34 -4.30
CA ASN I 118 -6.79 24.27 -2.90
C ASN I 118 -6.21 25.60 -2.34
N LEU I 119 -6.73 26.75 -2.82
CA LEU I 119 -6.24 28.04 -2.32
C LEU I 119 -6.76 28.32 -0.94
N HIS I 120 -5.89 28.84 -0.08
CA HIS I 120 -6.19 29.05 1.31
C HIS I 120 -6.94 30.34 1.55
N LYS I 121 -6.39 31.44 1.06
CA LYS I 121 -7.03 32.75 1.19
C LYS I 121 -7.58 33.18 -0.12
N ILE I 122 -8.67 33.94 -0.08
CA ILE I 122 -9.11 34.74 -1.18
C ILE I 122 -9.34 36.18 -0.67
N TYR I 123 -9.07 37.14 -1.57
CA TYR I 123 -9.26 38.54 -1.25
C TYR I 123 -9.61 39.42 -2.44
N LEU I 124 -10.47 40.41 -2.22
CA LEU I 124 -10.76 41.41 -3.25
C LEU I 124 -10.51 42.85 -2.82
N HIS I 125 -10.74 43.76 -3.77
CA HIS I 125 -10.82 45.17 -3.50
C HIS I 125 -12.18 45.70 -3.99
N VAL I 126 -12.85 46.47 -3.14
CA VAL I 126 -14.06 47.17 -3.57
C VAL I 126 -14.11 48.61 -3.05
N ALA I 127 -14.48 49.52 -3.93
CA ALA I 127 -14.58 50.95 -3.62
C ALA I 127 -15.37 51.18 -2.36
N VAL I 128 -14.69 51.71 -1.34
CA VAL I 128 -15.35 52.29 -0.19
C VAL I 128 -16.62 52.98 -0.66
N GLU I 129 -16.53 53.81 -1.70
CA GLU I 129 -17.69 54.52 -2.31
C GLU I 129 -18.82 53.66 -2.93
N ASN I 130 -18.67 52.33 -2.90
CA ASN I 130 -19.67 51.40 -3.39
C ASN I 130 -20.28 50.63 -2.23
N PRO I 131 -21.12 51.29 -1.46
CA PRO I 131 -21.43 50.68 -0.18
C PRO I 131 -22.33 49.45 -0.34
N LYS I 132 -22.96 49.29 -1.49
CA LYS I 132 -23.83 48.14 -1.67
C LYS I 132 -22.99 46.95 -2.00
N ALA I 133 -22.12 47.11 -3.00
CA ALA I 133 -21.12 46.12 -3.34
C ALA I 133 -20.39 45.60 -2.09
N VAL I 134 -19.94 46.48 -1.20
CA VAL I 134 -19.38 46.07 0.11
C VAL I 134 -20.35 45.15 0.85
N HIS I 135 -21.63 45.56 0.92
CA HIS I 135 -22.68 44.86 1.69
C HIS I 135 -22.82 43.45 1.19
N LEU I 136 -23.08 43.32 -0.10
CA LEU I 136 -23.21 42.01 -0.71
C LEU I 136 -22.01 41.13 -0.31
N TYR I 137 -20.79 41.54 -0.65
CA TYR I 137 -19.60 40.78 -0.29
C TYR I 137 -19.49 40.38 1.23
N GLU I 138 -19.94 41.22 2.15
CA GLU I 138 -20.03 40.75 3.55
C GLU I 138 -21.01 39.57 3.71
N GLU I 139 -22.03 39.51 2.87
CA GLU I 139 -23.03 38.43 2.92
C GLU I 139 -22.63 37.18 2.17
N CYS I 140 -21.65 37.33 1.29
CA CYS I 140 -21.04 36.22 0.61
C CYS I 140 -20.04 35.50 1.53
N GLY I 141 -19.66 36.20 2.63
CA GLY I 141 -18.82 35.67 3.69
C GLY I 141 -17.62 36.54 3.91
N PHE I 142 -17.35 37.45 2.96
CA PHE I 142 -16.08 38.20 2.99
C PHE I 142 -15.98 39.06 4.26
N VAL I 143 -14.77 39.35 4.71
CA VAL I 143 -14.53 40.33 5.76
C VAL I 143 -13.57 41.40 5.27
N GLU I 144 -13.88 42.68 5.49
CA GLU I 144 -12.89 43.77 5.28
C GLU I 144 -11.72 43.69 6.28
N GLU I 145 -10.49 43.64 5.79
CA GLU I 145 -9.28 43.58 6.66
C GLU I 145 -8.32 44.76 6.49
N GLY I 146 -8.69 45.71 5.61
CA GLY I 146 -7.86 46.87 5.26
C GLY I 146 -8.74 47.96 4.69
N HIS I 147 -8.37 49.22 4.94
CA HIS I 147 -9.05 50.40 4.33
C HIS I 147 -7.96 51.30 3.77
N LEU I 148 -7.81 51.24 2.44
CA LEU I 148 -6.61 51.67 1.77
C LEU I 148 -6.80 53.06 1.25
N VAL I 149 -5.98 53.95 1.76
CA VAL I 149 -6.27 55.36 1.71
C VAL I 149 -5.74 55.93 0.41
N GLU I 150 -6.66 56.44 -0.41
CA GLU I 150 -6.29 57.08 -1.67
C GLU I 150 -5.40 56.15 -2.48
N GLU I 151 -5.83 54.90 -2.62
CA GLU I 151 -5.02 53.90 -3.34
C GLU I 151 -5.04 54.19 -4.83
N PHE I 152 -6.25 54.28 -5.41
CA PHE I 152 -6.44 54.48 -6.86
C PHE I 152 -7.03 55.86 -7.21
N PHE I 153 -6.44 56.53 -8.21
CA PHE I 153 -6.99 57.73 -8.86
C PHE I 153 -8.00 57.34 -9.91
N ILE I 154 -9.20 57.87 -9.78
CA ILE I 154 -10.30 57.45 -10.59
C ILE I 154 -11.13 58.67 -10.82
N ASN I 155 -11.51 58.89 -12.08
CA ASN I 155 -12.38 60.01 -12.46
C ASN I 155 -12.12 61.35 -11.74
N GLY I 156 -10.91 61.87 -11.90
CA GLY I 156 -10.55 63.21 -11.45
C GLY I 156 -9.95 63.24 -10.06
N ARG I 157 -9.95 62.11 -9.35
CA ARG I 157 -9.55 62.17 -7.93
C ARG I 157 -9.26 60.80 -7.37
N TYR I 158 -8.40 60.80 -6.35
CA TYR I 158 -8.02 59.61 -5.65
C TYR I 158 -9.21 59.16 -4.82
N GLN I 159 -9.40 57.85 -4.73
CA GLN I 159 -10.42 57.25 -3.88
C GLN I 159 -9.80 56.13 -3.07
N ASP I 160 -10.45 55.83 -1.94
CA ASP I 160 -10.00 54.86 -1.00
C ASP I 160 -10.74 53.61 -1.31
N VAL I 161 -10.15 52.45 -1.00
CA VAL I 161 -10.75 51.13 -1.35
C VAL I 161 -10.70 50.15 -0.18
N LYS I 162 -11.60 49.16 -0.16
CA LYS I 162 -11.54 48.06 0.86
C LYS I 162 -10.91 46.73 0.40
N ARG I 163 -9.92 46.23 1.16
CA ARG I 163 -9.41 44.86 0.92
C ARG I 163 -10.17 43.92 1.81
N MET I 164 -10.99 43.09 1.21
CA MET I 164 -11.81 42.22 1.96
C MET I 164 -11.37 40.79 1.71
N TYR I 165 -11.41 39.97 2.75
CA TYR I 165 -10.83 38.66 2.68
C TYR I 165 -11.78 37.58 3.11
N ILE I 166 -11.50 36.34 2.68
CA ILE I 166 -12.18 35.11 3.13
C ILE I 166 -11.30 33.87 2.95
N LEU I 167 -11.42 32.91 3.92
CA LEU I 167 -10.45 31.81 4.15
C LEU I 167 -11.14 30.45 3.90
N GLN I 168 -10.38 29.52 3.32
CA GLN I 168 -10.90 28.27 2.78
C GLN I 168 -11.82 27.64 3.79
N SER I 169 -11.26 27.35 4.95
CA SER I 169 -11.98 26.72 6.03
C SER I 169 -13.31 27.42 6.38
N LYS I 170 -13.33 28.74 6.45
CA LYS I 170 -14.59 29.41 6.70
C LYS I 170 -15.58 28.91 5.70
N TYR I 171 -15.29 29.11 4.43
CA TYR I 171 -16.15 28.61 3.35
C TYR I 171 -16.49 27.12 3.44
N LEU I 172 -15.50 26.25 3.22
CA LEU I 172 -15.74 24.81 3.20
C LEU I 172 -16.60 24.30 4.38
N ASN I 173 -16.25 24.71 5.60
CA ASN I 173 -16.87 24.16 6.82
C ASN I 173 -17.96 25.10 7.38
N ASN J 5 23.65 58.09 9.75
CA ASN J 5 24.88 58.77 9.23
C ASN J 5 24.70 59.38 7.82
N SER J 6 25.38 60.50 7.57
CA SER J 6 25.48 61.11 6.22
C SER J 6 26.39 60.24 5.32
N GLN J 7 27.10 59.33 5.97
CA GLN J 7 27.85 58.30 5.31
C GLN J 7 27.09 57.55 4.21
N LEU J 8 25.75 57.43 4.32
CA LEU J 8 25.00 56.42 3.53
C LEU J 8 24.35 56.89 2.22
N THR J 9 24.79 56.30 1.10
CA THR J 9 24.31 56.60 -0.27
C THR J 9 23.42 55.50 -0.88
N LEU J 10 22.56 55.90 -1.80
CA LEU J 10 21.73 54.97 -2.58
C LEU J 10 22.19 55.04 -4.04
N ARG J 11 22.18 53.89 -4.71
CA ARG J 11 22.61 53.84 -6.12
C ARG J 11 22.10 52.63 -6.91
N ALA J 12 21.93 52.83 -8.20
CA ALA J 12 21.47 51.77 -9.13
C ALA J 12 22.16 50.41 -8.94
N LEU J 13 21.35 49.36 -8.91
CA LEU J 13 21.88 48.00 -8.76
C LEU J 13 22.66 47.62 -10.03
N GLU J 14 23.91 47.15 -9.85
CA GLU J 14 24.79 46.61 -10.92
C GLU J 14 25.05 45.12 -10.79
N ARG J 15 25.59 44.53 -11.89
CA ARG J 15 25.97 43.12 -12.00
C ARG J 15 27.06 42.72 -10.99
N GLY J 16 27.96 43.67 -10.71
CA GLY J 16 29.03 43.45 -9.74
C GLY J 16 28.51 43.46 -8.32
N ASP J 17 27.22 43.79 -8.13
CA ASP J 17 26.57 43.64 -6.81
C ASP J 17 25.78 42.33 -6.71
N LEU J 18 25.57 41.62 -7.81
CA LEU J 18 24.65 40.48 -7.75
C LEU J 18 25.05 39.38 -6.76
N ARG J 19 26.35 39.21 -6.46
CA ARG J 19 26.78 38.24 -5.43
C ARG J 19 26.32 38.69 -4.00
N PHE J 20 26.43 39.99 -3.73
CA PHE J 20 25.98 40.51 -2.46
C PHE J 20 24.49 40.17 -2.38
N ILE J 21 23.72 40.54 -3.40
CA ILE J 21 22.29 40.28 -3.41
C ILE J 21 22.00 38.81 -3.11
N HIS J 22 22.50 37.91 -3.97
CA HIS J 22 22.49 36.45 -3.77
C HIS J 22 22.56 36.03 -2.27
N ASN J 23 23.49 36.58 -1.52
CA ASN J 23 23.74 36.15 -0.16
C ASN J 23 22.54 36.42 0.74
N LEU J 24 21.80 37.50 0.42
CA LEU J 24 20.58 37.88 1.18
C LEU J 24 19.35 37.03 0.89
N ASN J 25 19.25 36.49 -0.34
CA ASN J 25 18.04 35.79 -0.85
C ASN J 25 18.08 34.31 -0.57
N ASN J 26 19.27 33.87 -0.18
CA ASN J 26 19.56 32.50 0.26
C ASN J 26 19.81 32.50 1.78
N ASN J 27 19.27 33.53 2.46
CA ASN J 27 19.44 33.77 3.89
C ASN J 27 18.09 33.75 4.57
N ARG J 28 17.63 32.55 4.90
CA ARG J 28 16.33 32.38 5.52
C ARG J 28 15.95 33.44 6.53
N ASN J 29 16.86 33.78 7.43
CA ASN J 29 16.61 34.86 8.39
C ASN J 29 16.07 36.13 7.68
N ILE J 30 16.83 36.65 6.72
CA ILE J 30 16.47 37.93 6.14
C ILE J 30 15.22 37.83 5.25
N MET J 31 14.94 36.63 4.75
CA MET J 31 13.96 36.48 3.68
C MET J 31 12.58 36.18 4.19
N SER J 32 12.50 35.63 5.38
CA SER J 32 11.22 35.33 5.98
C SER J 32 10.50 36.64 6.27
N TYR J 33 11.23 37.56 6.87
CA TYR J 33 10.80 38.94 7.06
C TYR J 33 10.01 39.46 5.84
N TRP J 34 10.55 39.11 4.68
CA TRP J 34 10.32 39.73 3.40
C TRP J 34 9.29 38.92 2.59
N PHE J 35 8.83 37.81 3.17
CA PHE J 35 7.72 37.03 2.66
C PHE J 35 8.12 36.36 1.37
N GLU J 36 9.38 35.98 1.29
CA GLU J 36 9.92 35.38 0.07
C GLU J 36 10.63 34.09 0.45
N GLU J 37 10.87 33.25 -0.56
CA GLU J 37 11.48 31.95 -0.32
C GLU J 37 12.98 32.14 -0.20
N PRO J 38 13.63 31.51 0.79
CA PRO J 38 15.08 31.75 0.90
C PRO J 38 15.86 30.91 -0.08
N TYR J 39 15.43 30.95 -1.33
CA TYR J 39 16.00 30.12 -2.37
C TYR J 39 16.06 30.95 -3.66
N GLU J 40 17.25 31.08 -4.22
CA GLU J 40 17.42 31.73 -5.50
C GLU J 40 18.83 31.48 -5.95
N SER J 41 18.99 30.51 -6.84
CA SER J 41 20.29 30.23 -7.38
C SER J 41 20.75 31.48 -8.15
N PHE J 42 22.02 31.52 -8.56
CA PHE J 42 22.62 32.75 -9.09
C PHE J 42 22.10 33.04 -10.48
N ASP J 43 21.98 32.01 -11.28
CA ASP J 43 21.59 32.16 -12.69
C ASP J 43 20.19 32.69 -12.83
N GLU J 44 19.26 32.10 -12.08
CA GLU J 44 17.91 32.67 -11.96
C GLU J 44 17.95 34.15 -11.54
N LEU J 45 18.86 34.48 -10.63
CA LEU J 45 18.97 35.86 -10.12
C LEU J 45 19.35 36.80 -11.23
N GLU J 46 20.33 36.36 -12.03
CA GLU J 46 20.91 37.12 -13.12
C GLU J 46 20.02 37.13 -14.33
N GLU J 47 19.21 36.08 -14.49
CA GLU J 47 18.23 36.02 -15.58
C GLU J 47 17.02 36.87 -15.25
N LEU J 48 16.74 37.04 -13.97
CA LEU J 48 15.65 37.89 -13.61
C LEU J 48 16.09 39.34 -13.74
N TYR J 49 17.35 39.60 -13.46
CA TYR J 49 17.92 40.94 -13.56
C TYR J 49 18.18 41.39 -15.02
N ASN J 50 18.32 40.44 -15.93
CA ASN J 50 18.37 40.71 -17.36
C ASN J 50 16.99 41.02 -17.99
N LYS J 51 15.96 40.26 -17.64
CA LYS J 51 14.60 40.52 -18.16
C LYS J 51 14.07 41.93 -17.83
N HIS J 52 14.42 42.45 -16.64
CA HIS J 52 13.85 43.73 -16.10
C HIS J 52 14.80 44.99 -16.18
N ILE J 53 15.96 44.88 -16.80
CA ILE J 53 16.87 46.01 -16.89
C ILE J 53 16.20 47.27 -17.44
N HIS J 54 15.27 47.09 -18.37
CA HIS J 54 14.59 48.21 -18.93
C HIS J 54 13.18 48.35 -18.37
N ASP J 55 12.89 47.66 -17.25
CA ASP J 55 11.58 47.76 -16.56
C ASP J 55 11.65 49.04 -15.78
N ASN J 56 10.68 49.92 -16.00
CA ASN J 56 10.53 51.15 -15.25
C ASN J 56 9.48 51.03 -14.13
N ALA J 57 8.87 49.84 -14.04
CA ALA J 57 7.92 49.56 -12.95
C ALA J 57 8.60 49.19 -11.62
N GLU J 58 9.93 49.24 -11.64
CA GLU J 58 10.71 48.99 -10.46
C GLU J 58 12.01 49.77 -10.48
N ARG J 59 12.61 49.91 -9.29
CA ARG J 59 13.95 50.49 -9.15
C ARG J 59 14.63 49.80 -8.05
N ARG J 60 15.80 49.23 -8.38
CA ARG J 60 16.59 48.55 -7.39
C ARG J 60 17.81 49.36 -7.03
N PHE J 61 18.00 49.59 -5.72
CA PHE J 61 19.07 50.46 -5.22
C PHE J 61 19.98 49.72 -4.25
N VAL J 62 21.26 49.72 -4.55
CA VAL J 62 22.25 49.31 -3.56
C VAL J 62 22.42 50.47 -2.56
N VAL J 63 22.64 50.10 -1.30
CA VAL J 63 23.02 51.04 -0.26
C VAL J 63 24.51 50.94 -0.01
N GLU J 64 25.23 52.06 -0.09
CA GLU J 64 26.65 52.05 0.22
C GLU J 64 27.01 53.13 1.20
N ASP J 65 28.18 53.03 1.83
CA ASP J 65 28.56 54.04 2.86
C ASP J 65 29.68 54.99 2.41
N ALA J 66 30.39 55.57 3.36
CA ALA J 66 31.50 56.45 3.05
C ALA J 66 32.68 55.67 2.54
N GLN J 67 32.79 54.43 2.97
CA GLN J 67 33.88 53.57 2.58
C GLN J 67 33.39 52.47 1.61
N LYS J 68 32.17 52.66 1.12
CA LYS J 68 31.58 51.83 0.06
C LYS J 68 31.44 50.36 0.44
N ASN J 69 31.09 50.13 1.70
CA ASN J 69 30.49 48.88 2.14
C ASN J 69 29.08 48.69 1.57
N LEU J 70 28.84 47.51 1.01
CA LEU J 70 27.49 47.09 0.69
C LEU J 70 26.63 46.83 1.97
N ILE J 71 25.86 47.86 2.37
CA ILE J 71 25.04 47.85 3.58
C ILE J 71 23.76 47.04 3.42
N GLY J 72 23.18 47.11 2.24
CA GLY J 72 21.89 46.45 1.98
C GLY J 72 21.16 47.03 0.79
N LEU J 73 19.88 46.72 0.69
CA LEU J 73 19.10 46.87 -0.56
C LEU J 73 17.82 47.59 -0.25
N VAL J 74 17.56 48.68 -0.96
CA VAL J 74 16.30 49.46 -0.84
C VAL J 74 15.57 49.47 -2.17
N GLU J 75 14.31 49.06 -2.15
CA GLU J 75 13.54 48.72 -3.36
C GLU J 75 12.15 49.32 -3.31
N LEU J 76 11.78 49.87 -4.47
CA LEU J 76 10.45 50.39 -4.75
C LEU J 76 10.01 49.53 -5.89
N ILE J 77 8.88 48.81 -5.73
CA ILE J 77 8.37 47.94 -6.81
C ILE J 77 6.87 48.21 -7.01
N GLU J 78 6.23 47.44 -7.89
CA GLU J 78 4.90 47.71 -8.45
C GLU J 78 4.65 49.22 -8.71
N ILE J 79 5.62 49.90 -9.31
CA ILE J 79 5.49 51.34 -9.61
C ILE J 79 4.47 51.59 -10.72
N ASN J 80 3.39 52.30 -10.35
CA ASN J 80 2.24 52.43 -11.20
C ASN J 80 2.13 53.82 -11.66
N TYR J 81 2.17 54.03 -12.96
CA TYR J 81 2.27 55.38 -13.45
C TYR J 81 0.92 56.14 -13.69
N ILE J 82 -0.19 55.43 -13.47
CA ILE J 82 -1.54 56.03 -13.46
C ILE J 82 -1.91 56.60 -12.07
N HIS J 83 -2.17 55.71 -11.10
CA HIS J 83 -2.45 56.06 -9.69
C HIS J 83 -1.27 56.65 -8.92
N ARG J 84 -0.06 56.37 -9.40
CA ARG J 84 1.19 57.05 -9.03
C ARG J 84 1.66 56.58 -7.66
N SER J 85 1.50 55.27 -7.46
CA SER J 85 1.93 54.59 -6.26
C SER J 85 3.02 53.56 -6.57
N ALA J 86 3.83 53.24 -5.54
CA ALA J 86 4.79 52.15 -5.57
C ALA J 86 4.92 51.56 -4.18
N GLU J 87 5.44 50.33 -4.08
CA GLU J 87 5.76 49.73 -2.80
C GLU J 87 7.24 49.80 -2.43
N PHE J 88 7.49 50.14 -1.19
CA PHE J 88 8.85 50.25 -0.70
C PHE J 88 9.21 48.99 0.11
N GLN J 89 10.48 48.58 0.04
CA GLN J 89 10.99 47.46 0.86
C GLN J 89 12.52 47.51 1.06
N ILE J 90 12.95 47.26 2.29
CA ILE J 90 14.34 47.52 2.72
C ILE J 90 14.86 46.32 3.48
N ILE J 91 16.05 45.88 3.08
CA ILE J 91 16.83 44.96 3.87
C ILE J 91 18.19 45.65 4.14
N ILE J 92 18.56 45.71 5.41
CA ILE J 92 19.96 45.94 5.84
C ILE J 92 20.72 44.61 6.20
N ALA J 93 21.78 44.31 5.43
CA ALA J 93 22.72 43.23 5.72
C ALA J 93 22.95 42.97 7.21
N PRO J 94 22.95 41.68 7.61
CA PRO J 94 23.12 41.35 9.03
C PRO J 94 24.25 42.11 9.73
N GLU J 95 25.43 42.15 9.10
CA GLU J 95 26.60 42.87 9.61
C GLU J 95 26.38 44.35 9.83
N HIS J 96 25.23 44.88 9.40
CA HIS J 96 24.94 46.30 9.54
C HIS J 96 23.62 46.64 10.22
N GLN J 97 22.97 45.63 10.82
CA GLN J 97 21.74 45.82 11.59
C GLN J 97 22.06 46.20 13.02
N GLY J 98 21.21 47.06 13.56
CA GLY J 98 21.33 47.51 14.94
C GLY J 98 22.32 48.64 15.08
N LYS J 99 22.52 49.37 13.98
CA LYS J 99 23.38 50.57 13.96
C LYS J 99 22.59 51.89 13.97
N GLY J 100 21.28 51.83 13.70
CA GLY J 100 20.46 53.02 13.56
C GLY J 100 20.63 53.74 12.23
N PHE J 101 20.92 52.99 11.17
CA PHE J 101 20.92 53.51 9.79
C PHE J 101 19.50 53.46 9.13
N ALA J 102 18.62 52.57 9.60
CA ALA J 102 17.30 52.39 9.01
C ALA J 102 16.52 53.65 8.77
N ARG J 103 16.34 54.48 9.79
CA ARG J 103 15.65 55.77 9.59
C ARG J 103 16.30 56.54 8.45
N THR J 104 17.58 56.86 8.60
CA THR J 104 18.34 57.52 7.52
C THR J 104 17.88 57.06 6.15
N LEU J 105 17.74 55.74 6.02
CA LEU J 105 17.60 55.03 4.77
C LEU J 105 16.17 54.92 4.21
N ILE J 106 15.19 54.84 5.11
CA ILE J 106 13.81 54.87 4.69
C ILE J 106 13.62 56.30 4.17
N ASN J 107 14.11 57.24 4.95
CA ASN J 107 14.08 58.65 4.59
C ASN J 107 14.66 58.89 3.19
N ARG J 108 15.74 58.18 2.87
N ARG J 108 15.75 58.19 2.86
CA ARG J 108 16.37 58.21 1.53
CA ARG J 108 16.36 58.23 1.52
C ARG J 108 15.44 57.72 0.42
C ARG J 108 15.44 57.72 0.42
N ALA J 109 14.69 56.68 0.72
CA ALA J 109 13.77 56.07 -0.23
C ALA J 109 12.56 56.95 -0.54
N LEU J 110 11.97 57.53 0.50
CA LEU J 110 10.86 58.43 0.32
C LEU J 110 11.38 59.74 -0.25
N ASP J 111 12.64 60.09 0.00
CA ASP J 111 13.17 61.30 -0.67
C ASP J 111 13.02 61.05 -2.16
N TYR J 112 13.54 59.91 -2.61
CA TYR J 112 13.46 59.53 -4.03
C TYR J 112 12.04 59.34 -4.50
N SER J 113 11.29 58.49 -3.84
CA SER J 113 9.91 58.29 -4.19
C SER J 113 9.22 59.60 -4.55
N PHE J 114 9.27 60.57 -3.64
CA PHE J 114 8.44 61.78 -3.71
C PHE J 114 9.14 63.05 -4.28
N THR J 115 10.44 63.21 -4.04
CA THR J 115 11.22 64.32 -4.65
C THR J 115 11.73 64.05 -6.12
N ILE J 116 11.76 62.79 -6.54
CA ILE J 116 12.31 62.44 -7.84
C ILE J 116 11.23 61.84 -8.73
N LEU J 117 10.68 60.72 -8.31
CA LEU J 117 9.69 60.02 -9.13
C LEU J 117 8.32 60.69 -9.16
N ASN J 118 8.14 61.66 -8.27
CA ASN J 118 6.88 62.40 -8.19
C ASN J 118 5.70 61.45 -7.96
N LEU J 119 5.95 60.33 -7.30
CA LEU J 119 4.86 59.42 -6.87
C LEU J 119 4.05 60.08 -5.76
N HIS J 120 2.76 59.73 -5.70
CA HIS J 120 1.82 60.24 -4.72
C HIS J 120 1.78 59.43 -3.44
N LYS J 121 1.95 58.12 -3.54
CA LYS J 121 1.78 57.26 -2.39
C LYS J 121 2.77 56.11 -2.39
N ILE J 122 3.32 55.84 -1.21
CA ILE J 122 4.20 54.76 -1.02
C ILE J 122 3.54 53.93 0.03
N TYR J 123 3.47 52.60 -0.21
CA TYR J 123 3.03 51.65 0.82
C TYR J 123 4.07 50.54 1.19
N LEU J 124 3.71 49.73 2.18
CA LEU J 124 4.54 48.61 2.55
C LEU J 124 3.77 47.61 3.43
N HIS J 125 4.02 46.33 3.20
CA HIS J 125 3.48 45.28 4.03
C HIS J 125 4.52 44.88 5.01
N VAL J 126 4.14 44.84 6.29
CA VAL J 126 5.09 44.56 7.40
C VAL J 126 4.56 43.52 8.37
N ALA J 127 5.43 42.64 8.86
CA ALA J 127 5.01 41.53 9.70
C ALA J 127 4.79 41.91 11.14
N VAL J 128 3.55 41.77 11.58
CA VAL J 128 3.28 41.91 13.02
C VAL J 128 4.31 41.18 13.91
N GLU J 129 4.98 40.14 13.38
CA GLU J 129 6.01 39.39 14.11
C GLU J 129 7.39 40.01 13.77
N ASN J 130 7.37 41.33 13.56
CA ASN J 130 8.54 42.08 13.12
C ASN J 130 8.47 43.51 13.70
N PRO J 131 8.04 43.63 14.98
CA PRO J 131 7.94 44.91 15.71
C PRO J 131 8.98 45.98 15.40
N LYS J 132 10.26 45.65 15.44
CA LYS J 132 11.25 46.70 15.22
C LYS J 132 11.18 47.38 13.81
N ALA J 133 10.67 46.66 12.80
CA ALA J 133 10.26 47.26 11.50
C ALA J 133 8.98 48.10 11.66
N VAL J 134 8.00 47.54 12.39
CA VAL J 134 6.75 48.25 12.70
C VAL J 134 6.97 49.63 13.28
N HIS J 135 7.76 49.65 14.37
CA HIS J 135 8.11 50.85 15.11
C HIS J 135 8.89 51.85 14.26
N LEU J 136 9.95 51.40 13.61
CA LEU J 136 10.73 52.22 12.66
C LEU J 136 9.90 53.03 11.68
N TYR J 137 9.04 52.37 10.89
CA TYR J 137 8.21 53.09 9.91
C TYR J 137 7.32 54.16 10.56
N GLU J 138 6.62 53.81 11.62
CA GLU J 138 5.81 54.81 12.35
C GLU J 138 6.67 56.05 12.47
N GLU J 139 7.90 55.84 12.92
CA GLU J 139 8.82 56.95 13.14
C GLU J 139 9.54 57.51 11.92
N CYS J 140 9.09 57.12 10.73
CA CYS J 140 9.36 57.89 9.53
C CYS J 140 8.06 58.21 8.79
N GLY J 141 6.93 58.13 9.48
CA GLY J 141 5.69 58.73 8.96
C GLY J 141 4.59 57.84 8.40
N PHE J 142 4.85 56.54 8.28
CA PHE J 142 3.84 55.62 7.77
C PHE J 142 2.84 55.40 8.87
N VAL J 143 1.67 54.94 8.45
CA VAL J 143 0.51 54.72 9.31
C VAL J 143 -0.16 53.47 8.73
N GLU J 144 -0.69 52.63 9.60
CA GLU J 144 -1.44 51.42 9.17
C GLU J 144 -2.69 51.85 8.42
N GLU J 145 -3.00 51.11 7.36
CA GLU J 145 -4.29 51.16 6.63
C GLU J 145 -4.90 49.74 6.43
N GLY J 146 -4.17 48.69 6.77
CA GLY J 146 -4.71 47.35 6.64
C GLY J 146 -3.96 46.36 7.52
N HIS J 147 -4.73 45.50 8.19
CA HIS J 147 -4.16 44.40 8.98
C HIS J 147 -4.50 43.11 8.24
N LEU J 148 -3.64 42.67 7.33
CA LEU J 148 -3.95 41.50 6.53
C LEU J 148 -3.77 40.23 7.34
N VAL J 149 -4.82 39.41 7.37
CA VAL J 149 -4.91 38.28 8.27
C VAL J 149 -4.54 37.03 7.49
N GLU J 150 -3.51 36.33 7.95
CA GLU J 150 -3.07 35.06 7.35
C GLU J 150 -2.73 35.21 5.83
N GLU J 151 -1.95 36.24 5.49
CA GLU J 151 -1.57 36.57 4.12
C GLU J 151 -0.52 35.59 3.64
N PHE J 152 0.62 35.60 4.30
CA PHE J 152 1.79 34.81 3.93
C PHE J 152 1.95 33.70 4.95
N PHE J 153 2.28 32.51 4.44
CA PHE J 153 2.74 31.36 5.19
C PHE J 153 4.25 31.56 5.37
N ILE J 154 4.68 31.69 6.64
CA ILE J 154 6.10 31.88 7.03
C ILE J 154 6.41 30.98 8.22
N ASN J 155 7.45 30.18 8.08
CA ASN J 155 7.90 29.27 9.12
C ASN J 155 6.83 28.45 9.84
N GLY J 156 6.28 27.48 9.14
CA GLY J 156 5.37 26.52 9.72
C GLY J 156 3.94 26.98 9.93
N ARG J 157 3.58 28.21 9.53
CA ARG J 157 2.28 28.79 9.96
C ARG J 157 1.91 30.14 9.33
N TYR J 158 0.61 30.38 9.17
CA TYR J 158 0.09 31.63 8.55
C TYR J 158 0.19 32.84 9.49
N GLN J 159 0.68 33.95 8.95
CA GLN J 159 0.99 35.14 9.72
C GLN J 159 0.36 36.35 9.08
N ASP J 160 0.00 37.29 9.96
CA ASP J 160 -0.73 38.50 9.63
C ASP J 160 0.33 39.56 9.31
N VAL J 161 -0.06 40.63 8.62
CA VAL J 161 0.86 41.76 8.34
C VAL J 161 0.13 43.08 8.26
N LYS J 162 0.73 44.13 8.77
CA LYS J 162 0.10 45.45 8.65
C LYS J 162 0.49 46.06 7.32
N ARG J 163 -0.50 46.51 6.55
CA ARG J 163 -0.24 47.42 5.45
C ARG J 163 -0.05 48.80 6.07
N MET J 164 0.96 49.50 5.57
CA MET J 164 1.28 50.82 6.04
C MET J 164 1.52 51.69 4.84
N TYR J 165 1.47 52.99 5.03
CA TYR J 165 1.44 53.91 3.94
C TYR J 165 1.80 55.32 4.41
N ILE J 166 2.34 56.11 3.48
CA ILE J 166 2.66 57.52 3.68
C ILE J 166 2.50 58.26 2.35
N LEU J 167 1.96 59.48 2.37
CA LEU J 167 1.61 60.20 1.16
C LEU J 167 2.50 61.38 0.91
N GLN J 168 2.55 61.77 -0.35
CA GLN J 168 3.40 62.85 -0.81
C GLN J 168 2.94 64.19 -0.19
N SER J 169 1.66 64.32 0.10
CA SER J 169 1.15 65.49 0.85
C SER J 169 1.65 65.49 2.30
N LYS J 170 1.71 64.33 2.92
CA LYS J 170 2.35 64.20 4.22
C LYS J 170 3.85 64.48 4.08
N TYR J 171 4.55 63.64 3.32
CA TYR J 171 6.01 63.74 3.26
C TYR J 171 6.56 65.08 2.78
N LEU J 172 5.95 65.69 1.78
CA LEU J 172 6.61 66.83 1.17
C LEU J 172 6.47 67.99 2.15
N ASN J 173 5.22 68.33 2.48
CA ASN J 173 4.92 69.19 3.61
C ASN J 173 4.55 68.37 4.83
N ASN K 5 -18.51 -3.63 -27.67
CA ASN K 5 -18.56 -4.12 -29.08
C ASN K 5 -17.13 -4.43 -29.50
N SER K 6 -16.96 -5.55 -30.21
CA SER K 6 -15.80 -5.83 -31.06
C SER K 6 -15.90 -4.99 -32.36
N GLN K 7 -16.14 -3.69 -32.18
CA GLN K 7 -16.40 -2.70 -33.24
C GLN K 7 -16.05 -1.28 -32.68
N LEU K 8 -15.19 -1.22 -31.66
CA LEU K 8 -14.55 0.03 -31.24
C LEU K 8 -13.10 0.00 -31.68
N THR K 9 -12.56 1.19 -31.88
CA THR K 9 -11.21 1.33 -32.40
C THR K 9 -10.56 2.48 -31.68
N LEU K 10 -9.25 2.38 -31.46
CA LEU K 10 -8.39 3.45 -30.97
C LEU K 10 -7.48 3.94 -32.13
N ARG K 11 -7.68 5.17 -32.57
CA ARG K 11 -6.69 5.79 -33.42
C ARG K 11 -6.06 7.03 -32.77
N ALA K 12 -5.05 7.53 -33.47
CA ALA K 12 -4.21 8.63 -33.06
C ALA K 12 -4.98 9.90 -32.85
N LEU K 13 -4.70 10.54 -31.74
CA LEU K 13 -5.15 11.90 -31.57
C LEU K 13 -4.58 12.76 -32.70
N GLU K 14 -5.48 13.29 -33.53
CA GLU K 14 -5.13 14.31 -34.54
C GLU K 14 -5.63 15.68 -34.03
N ARG K 15 -5.58 16.70 -34.90
CA ARG K 15 -5.97 18.06 -34.52
C ARG K 15 -7.45 18.31 -34.82
N GLY K 16 -8.01 17.56 -35.78
CA GLY K 16 -9.47 17.55 -35.96
C GLY K 16 -10.23 17.09 -34.71
N ASP K 17 -9.53 16.50 -33.76
CA ASP K 17 -10.14 15.93 -32.60
C ASP K 17 -10.00 16.73 -31.31
N LEU K 18 -9.51 17.98 -31.34
CA LEU K 18 -9.21 18.71 -30.07
C LEU K 18 -10.39 19.46 -29.48
N ARG K 19 -11.47 19.55 -30.25
CA ARG K 19 -12.68 20.16 -29.77
C ARG K 19 -13.35 19.21 -28.81
N PHE K 20 -13.61 18.01 -29.30
CA PHE K 20 -13.88 16.85 -28.47
C PHE K 20 -13.09 16.81 -27.14
N ILE K 21 -11.77 16.92 -27.21
CA ILE K 21 -10.99 16.76 -25.98
C ILE K 21 -11.26 17.91 -25.07
N HIS K 22 -11.07 19.11 -25.64
CA HIS K 22 -11.32 20.36 -24.94
C HIS K 22 -12.61 20.24 -24.18
N ASN K 23 -13.65 19.70 -24.83
CA ASN K 23 -14.93 19.51 -24.20
C ASN K 23 -14.75 18.66 -22.96
N LEU K 24 -14.25 17.46 -23.12
CA LEU K 24 -14.10 16.59 -21.96
C LEU K 24 -13.29 17.31 -20.91
N ASN K 25 -12.15 17.91 -21.28
CA ASN K 25 -11.25 18.46 -20.24
C ASN K 25 -11.80 19.64 -19.40
N ASN K 26 -12.89 20.29 -19.83
CA ASN K 26 -13.48 21.39 -19.03
C ASN K 26 -14.78 20.90 -18.38
N ASN K 27 -14.85 19.59 -18.20
CA ASN K 27 -15.96 18.89 -17.57
C ASN K 27 -15.59 18.42 -16.15
N ARG K 28 -16.11 19.14 -15.13
CA ARG K 28 -15.84 18.87 -13.71
C ARG K 28 -16.12 17.44 -13.24
N ASN K 29 -17.28 16.91 -13.56
CA ASN K 29 -17.59 15.54 -13.14
C ASN K 29 -17.12 14.47 -14.16
N ILE K 30 -15.99 14.80 -14.82
CA ILE K 30 -15.25 13.90 -15.69
C ILE K 30 -13.74 14.04 -15.47
N MET K 31 -13.23 15.27 -15.27
CA MET K 31 -11.79 15.46 -15.03
C MET K 31 -11.43 15.20 -13.56
N SER K 32 -12.44 15.07 -12.71
CA SER K 32 -12.23 14.86 -11.29
C SER K 32 -11.54 13.52 -11.05
N TYR K 33 -12.14 12.49 -11.61
CA TYR K 33 -11.61 11.14 -11.59
C TYR K 33 -10.27 10.93 -12.35
N TRP K 34 -9.81 11.92 -13.13
CA TRP K 34 -8.44 11.88 -13.70
C TRP K 34 -7.44 12.60 -12.83
N PHE K 35 -7.89 13.37 -11.84
CA PHE K 35 -7.02 13.91 -10.78
C PHE K 35 -6.37 15.17 -11.23
N GLU K 36 -7.05 15.88 -12.10
CA GLU K 36 -6.40 16.97 -12.76
C GLU K 36 -7.40 18.12 -12.83
N GLU K 37 -6.88 19.36 -12.79
CA GLU K 37 -7.69 20.60 -12.78
C GLU K 37 -8.53 20.71 -14.05
N PRO K 38 -9.86 20.93 -13.92
CA PRO K 38 -10.79 20.90 -15.05
C PRO K 38 -10.93 22.28 -15.72
N TYR K 39 -9.80 22.92 -16.02
CA TYR K 39 -9.76 24.22 -16.67
C TYR K 39 -8.66 24.22 -17.70
N GLU K 40 -9.02 24.31 -18.97
CA GLU K 40 -8.02 24.45 -20.02
C GLU K 40 -8.54 25.10 -21.31
N SER K 41 -7.95 26.25 -21.65
CA SER K 41 -8.16 26.93 -22.93
C SER K 41 -8.06 25.97 -24.10
N PHE K 42 -8.63 26.33 -25.24
CA PHE K 42 -8.38 25.56 -26.45
C PHE K 42 -6.94 25.75 -26.81
N ASP K 43 -6.53 27.00 -26.66
CA ASP K 43 -5.20 27.44 -26.96
C ASP K 43 -4.14 26.78 -26.10
N GLU K 44 -4.43 26.55 -24.83
CA GLU K 44 -3.51 25.78 -24.01
C GLU K 44 -3.37 24.30 -24.49
N LEU K 45 -4.48 23.70 -24.88
CA LEU K 45 -4.47 22.32 -25.32
C LEU K 45 -3.68 22.20 -26.61
N GLU K 46 -4.07 22.98 -27.63
CA GLU K 46 -3.47 22.91 -28.98
C GLU K 46 -2.00 23.14 -29.00
N GLU K 47 -1.53 24.05 -28.17
CA GLU K 47 -0.08 24.32 -28.10
C GLU K 47 0.62 23.17 -27.40
N LEU K 48 0.06 22.69 -26.29
CA LEU K 48 0.61 21.56 -25.61
C LEU K 48 0.51 20.33 -26.52
N TYR K 49 -0.46 20.31 -27.43
CA TYR K 49 -0.52 19.24 -28.41
C TYR K 49 0.47 19.48 -29.56
N ASN K 50 0.82 20.76 -29.80
CA ASN K 50 1.98 21.13 -30.66
C ASN K 50 3.36 20.83 -30.00
N LYS K 51 3.47 20.90 -28.68
CA LYS K 51 4.69 20.48 -27.99
C LYS K 51 4.94 18.97 -28.09
N HIS K 52 3.89 18.18 -28.32
CA HIS K 52 3.91 16.73 -28.12
C HIS K 52 4.06 15.87 -29.37
N ILE K 53 3.90 16.51 -30.53
CA ILE K 53 3.87 15.82 -31.81
C ILE K 53 4.95 14.75 -31.98
N HIS K 54 6.15 15.00 -31.47
CA HIS K 54 7.27 14.09 -31.57
C HIS K 54 7.64 13.49 -30.21
N ASP K 55 6.88 13.80 -29.18
CA ASP K 55 7.12 13.25 -27.85
C ASP K 55 6.72 11.76 -27.84
N ASN K 56 7.74 10.90 -27.77
CA ASN K 56 7.58 9.45 -27.85
C ASN K 56 7.28 8.90 -26.45
N ALA K 57 7.20 9.76 -25.43
CA ALA K 57 6.90 9.29 -24.06
C ALA K 57 5.39 9.20 -23.79
N GLU K 58 4.61 9.36 -24.84
CA GLU K 58 3.16 9.25 -24.73
C GLU K 58 2.56 8.76 -26.06
N ARG K 59 1.51 7.94 -25.94
CA ARG K 59 0.58 7.67 -27.05
C ARG K 59 -0.81 8.10 -26.59
N ARG K 60 -1.44 8.93 -27.42
CA ARG K 60 -2.73 9.53 -27.12
C ARG K 60 -3.68 9.03 -28.16
N PHE K 61 -4.63 8.18 -27.75
CA PHE K 61 -5.53 7.55 -28.66
C PHE K 61 -6.92 8.12 -28.54
N VAL K 62 -7.57 8.31 -29.69
CA VAL K 62 -8.96 8.76 -29.76
C VAL K 62 -9.83 7.55 -30.10
N VAL K 63 -10.86 7.32 -29.30
CA VAL K 63 -11.73 6.17 -29.54
C VAL K 63 -12.96 6.51 -30.41
N GLU K 64 -13.28 5.62 -31.34
CA GLU K 64 -14.40 5.79 -32.26
C GLU K 64 -15.16 4.46 -32.46
N ASP K 65 -16.44 4.57 -32.83
CA ASP K 65 -17.31 3.41 -33.13
C ASP K 65 -17.44 3.31 -34.67
N ALA K 66 -18.19 2.34 -35.19
CA ALA K 66 -18.19 2.08 -36.65
C ALA K 66 -18.60 3.31 -37.42
N GLN K 67 -19.73 3.90 -37.02
CA GLN K 67 -20.22 5.14 -37.65
C GLN K 67 -19.52 6.39 -37.09
N LYS K 68 -18.18 6.31 -37.00
CA LYS K 68 -17.27 7.42 -36.68
C LYS K 68 -17.56 8.25 -35.44
N ASN K 69 -18.49 7.82 -34.57
CA ASN K 69 -18.80 8.58 -33.35
C ASN K 69 -17.63 8.56 -32.39
N LEU K 70 -17.51 9.61 -31.58
CA LEU K 70 -16.33 9.79 -30.75
C LEU K 70 -16.64 9.32 -29.35
N ILE K 71 -16.24 8.09 -29.06
CA ILE K 71 -16.69 7.40 -27.87
C ILE K 71 -15.92 7.86 -26.66
N GLY K 72 -14.68 8.28 -26.88
CA GLY K 72 -13.82 8.66 -25.79
C GLY K 72 -12.35 8.66 -26.19
N LEU K 73 -11.48 8.70 -25.20
CA LEU K 73 -10.07 8.99 -25.44
C LEU K 73 -9.25 8.16 -24.48
N VAL K 74 -8.21 7.53 -25.03
CA VAL K 74 -7.30 6.71 -24.25
C VAL K 74 -5.93 7.35 -24.22
N GLU K 75 -5.13 7.06 -23.20
CA GLU K 75 -3.74 7.59 -23.13
C GLU K 75 -2.78 6.60 -22.49
N LEU K 76 -1.62 6.46 -23.11
CA LEU K 76 -0.52 5.72 -22.54
C LEU K 76 0.56 6.76 -22.32
N ILE K 77 0.99 6.94 -21.08
CA ILE K 77 1.86 8.10 -20.74
C ILE K 77 3.03 7.67 -19.85
N GLU K 78 4.09 8.46 -19.85
CA GLU K 78 5.37 8.14 -19.20
C GLU K 78 6.03 6.79 -19.52
N ILE K 79 5.87 6.37 -20.76
CA ILE K 79 6.56 5.22 -21.29
C ILE K 79 8.02 5.46 -21.01
N ASN K 80 8.67 4.64 -20.19
CA ASN K 80 10.14 4.66 -20.01
C ASN K 80 10.75 3.55 -20.81
N TYR K 81 11.70 3.93 -21.66
CA TYR K 81 12.42 2.97 -22.54
C TYR K 81 13.65 2.25 -21.87
N ILE K 82 13.55 1.97 -20.57
CA ILE K 82 14.49 1.08 -19.88
C ILE K 82 13.68 0.11 -19.07
N HIS K 83 12.93 0.66 -18.12
CA HIS K 83 12.07 -0.08 -17.19
C HIS K 83 10.70 -0.53 -17.83
N ARG K 84 10.51 -0.26 -19.11
CA ARG K 84 9.33 -0.65 -19.89
C ARG K 84 7.98 -0.57 -19.14
N SER K 85 7.49 0.64 -18.96
CA SER K 85 6.35 0.90 -18.11
C SER K 85 5.61 2.13 -18.57
N ALA K 86 4.29 2.09 -18.57
CA ALA K 86 3.49 3.31 -18.79
C ALA K 86 2.24 3.44 -17.89
N GLU K 87 1.77 4.66 -17.80
CA GLU K 87 0.54 4.96 -17.11
C GLU K 87 -0.57 5.01 -18.16
N PHE K 88 -1.64 4.25 -17.92
CA PHE K 88 -2.73 4.12 -18.84
C PHE K 88 -3.85 4.88 -18.19
N GLN K 89 -4.70 5.47 -19.05
CA GLN K 89 -5.77 6.37 -18.65
C GLN K 89 -6.85 6.20 -19.68
N ILE K 90 -8.12 6.31 -19.25
CA ILE K 90 -9.27 6.16 -20.15
C ILE K 90 -10.31 7.21 -19.80
N ILE K 91 -11.07 7.58 -20.82
CA ILE K 91 -12.30 8.34 -20.63
C ILE K 91 -13.24 7.73 -21.67
N ILE K 92 -14.46 7.43 -21.27
CA ILE K 92 -15.55 7.23 -22.23
C ILE K 92 -16.52 8.40 -22.06
N ALA K 93 -16.65 9.20 -23.12
CA ALA K 93 -17.50 10.39 -23.07
C ALA K 93 -18.87 10.13 -22.40
N PRO K 94 -19.51 11.17 -21.84
CA PRO K 94 -20.74 10.94 -21.07
C PRO K 94 -21.96 10.53 -21.91
N GLU K 95 -21.90 10.77 -23.21
CA GLU K 95 -22.88 10.24 -24.19
C GLU K 95 -22.73 8.74 -24.54
N HIS K 96 -21.63 8.09 -24.11
CA HIS K 96 -21.41 6.65 -24.36
C HIS K 96 -21.00 5.86 -23.13
N GLN K 97 -21.18 6.47 -21.96
CA GLN K 97 -21.01 5.79 -20.70
C GLN K 97 -22.12 4.75 -20.55
N GLY K 98 -21.88 3.75 -19.69
CA GLY K 98 -22.86 2.70 -19.38
C GLY K 98 -23.33 1.76 -20.48
N LYS K 99 -22.44 1.42 -21.40
CA LYS K 99 -22.80 0.68 -22.61
C LYS K 99 -22.07 -0.66 -22.71
N GLY K 100 -21.37 -1.02 -21.65
CA GLY K 100 -20.48 -2.17 -21.64
C GLY K 100 -19.10 -1.96 -22.25
N PHE K 101 -18.78 -0.72 -22.67
CA PHE K 101 -17.60 -0.36 -23.52
C PHE K 101 -16.22 -0.30 -22.88
N ALA K 102 -16.14 -0.04 -21.59
CA ALA K 102 -14.86 0.00 -20.88
C ALA K 102 -13.98 -1.20 -21.16
N ARG K 103 -14.44 -2.40 -20.92
CA ARG K 103 -13.52 -3.51 -20.97
C ARG K 103 -12.76 -3.46 -22.29
N THR K 104 -13.46 -3.45 -23.43
CA THR K 104 -12.82 -3.36 -24.77
C THR K 104 -11.69 -2.30 -24.77
N LEU K 105 -12.00 -1.14 -24.22
CA LEU K 105 -11.08 -0.04 -24.27
C LEU K 105 -9.89 -0.24 -23.32
N ILE K 106 -10.12 -0.87 -22.18
CA ILE K 106 -9.01 -1.33 -21.33
C ILE K 106 -8.18 -2.34 -22.14
N ASN K 107 -8.86 -3.38 -22.64
CA ASN K 107 -8.25 -4.43 -23.40
C ASN K 107 -7.46 -3.93 -24.62
N ARG K 108 -8.06 -3.05 -25.44
CA ARG K 108 -7.34 -2.50 -26.62
C ARG K 108 -6.03 -1.73 -26.23
N ALA K 109 -6.06 -1.02 -25.09
CA ALA K 109 -4.89 -0.29 -24.58
C ALA K 109 -3.82 -1.26 -24.13
N LEU K 110 -4.23 -2.24 -23.31
CA LEU K 110 -3.29 -3.29 -22.93
C LEU K 110 -2.74 -4.00 -24.16
N ASP K 111 -3.57 -4.30 -25.17
CA ASP K 111 -3.09 -4.96 -26.39
C ASP K 111 -2.13 -4.05 -27.20
N TYR K 112 -2.26 -2.73 -27.10
CA TYR K 112 -1.32 -1.85 -27.82
C TYR K 112 0.02 -1.81 -27.08
N SER K 113 0.00 -1.60 -25.76
CA SER K 113 1.22 -1.64 -24.96
C SER K 113 2.03 -2.90 -25.08
N PHE K 114 1.36 -4.03 -25.26
CA PHE K 114 1.98 -5.30 -24.93
C PHE K 114 2.34 -6.11 -26.16
N THR K 115 1.66 -5.81 -27.27
CA THR K 115 1.86 -6.48 -28.55
C THR K 115 2.48 -5.61 -29.62
N ILE K 116 2.36 -4.29 -29.47
CA ILE K 116 3.08 -3.35 -30.32
C ILE K 116 4.20 -2.60 -29.55
N LEU K 117 3.91 -2.06 -28.37
CA LEU K 117 4.92 -1.24 -27.70
C LEU K 117 6.04 -2.00 -26.95
N ASN K 118 5.83 -3.29 -26.69
CA ASN K 118 6.77 -4.11 -25.93
C ASN K 118 6.98 -3.65 -24.45
N LEU K 119 5.88 -3.30 -23.80
CA LEU K 119 5.96 -2.81 -22.44
C LEU K 119 5.83 -3.99 -21.50
N HIS K 120 6.62 -3.95 -20.46
CA HIS K 120 6.59 -4.96 -19.45
C HIS K 120 5.59 -4.65 -18.32
N LYS K 121 5.05 -3.45 -18.26
CA LYS K 121 4.19 -3.10 -17.14
C LYS K 121 3.26 -1.95 -17.42
N ILE K 122 1.97 -2.19 -17.47
CA ILE K 122 1.08 -1.09 -17.45
C ILE K 122 0.68 -0.88 -15.99
N TYR K 123 0.86 0.36 -15.54
CA TYR K 123 0.25 0.81 -14.28
C TYR K 123 -0.67 1.96 -14.52
N LEU K 124 -1.53 2.21 -13.53
CA LEU K 124 -2.51 3.28 -13.56
C LEU K 124 -2.84 3.69 -12.13
N HIS K 125 -3.45 4.87 -11.97
CA HIS K 125 -4.05 5.33 -10.70
C HIS K 125 -5.58 5.41 -10.80
N VAL K 126 -6.29 5.26 -9.67
CA VAL K 126 -7.77 5.25 -9.63
C VAL K 126 -8.25 5.59 -8.23
N ALA K 127 -9.43 6.19 -8.12
CA ALA K 127 -9.92 6.66 -6.83
C ALA K 127 -10.57 5.58 -6.03
N VAL K 128 -10.36 5.63 -4.70
CA VAL K 128 -11.07 4.71 -3.81
C VAL K 128 -12.40 5.37 -3.43
N GLU K 129 -12.81 6.39 -4.19
CA GLU K 129 -14.19 6.89 -4.14
C GLU K 129 -14.89 6.95 -5.52
N ASN K 130 -14.19 6.41 -6.52
CA ASN K 130 -14.76 5.94 -7.77
C ASN K 130 -14.53 4.42 -7.78
N PRO K 131 -15.30 3.66 -6.96
CA PRO K 131 -15.03 2.22 -6.68
C PRO K 131 -15.55 1.25 -7.76
N LYS K 132 -15.80 1.77 -8.95
CA LYS K 132 -16.51 1.06 -9.99
C LYS K 132 -15.49 0.67 -11.05
N ALA K 133 -14.85 1.69 -11.62
CA ALA K 133 -13.62 1.54 -12.35
C ALA K 133 -12.60 0.66 -11.61
N VAL K 134 -12.64 0.67 -10.28
CA VAL K 134 -11.82 -0.23 -9.47
C VAL K 134 -12.20 -1.70 -9.74
N HIS K 135 -13.51 -1.95 -9.79
CA HIS K 135 -14.06 -3.26 -10.16
C HIS K 135 -13.83 -3.55 -11.63
N LEU K 136 -14.16 -2.60 -12.49
CA LEU K 136 -13.83 -2.67 -13.92
C LEU K 136 -12.38 -3.07 -14.24
N TYR K 137 -11.42 -2.44 -13.53
CA TYR K 137 -10.00 -2.70 -13.77
C TYR K 137 -9.67 -4.09 -13.27
N GLU K 138 -10.09 -4.41 -12.05
CA GLU K 138 -9.84 -5.74 -11.47
C GLU K 138 -10.29 -6.85 -12.46
N GLU K 139 -11.46 -6.66 -13.05
CA GLU K 139 -12.02 -7.59 -14.03
C GLU K 139 -11.32 -7.62 -15.41
N CYS K 140 -10.17 -6.94 -15.53
CA CYS K 140 -9.36 -6.98 -16.77
C CYS K 140 -7.87 -7.37 -16.48
N GLY K 141 -7.59 -7.75 -15.21
CA GLY K 141 -6.26 -8.26 -14.81
C GLY K 141 -5.40 -7.39 -13.90
N PHE K 142 -5.81 -6.13 -13.73
CA PHE K 142 -5.11 -5.18 -12.84
C PHE K 142 -5.14 -5.62 -11.38
N VAL K 143 -4.06 -5.35 -10.66
CA VAL K 143 -3.94 -5.70 -9.26
C VAL K 143 -3.29 -4.50 -8.55
N GLU K 144 -3.68 -4.22 -7.30
CA GLU K 144 -3.05 -3.13 -6.57
C GLU K 144 -1.66 -3.50 -6.05
N GLU K 145 -0.83 -2.47 -5.93
CA GLU K 145 0.52 -2.56 -5.37
C GLU K 145 0.85 -1.37 -4.47
N GLY K 146 -0.15 -0.54 -4.16
CA GLY K 146 -0.03 0.63 -3.29
C GLY K 146 -1.40 1.24 -2.98
N HIS K 147 -1.49 1.98 -1.89
CA HIS K 147 -2.74 2.72 -1.49
C HIS K 147 -2.25 4.14 -1.09
N LEU K 148 -2.45 5.11 -1.97
CA LEU K 148 -1.86 6.44 -1.82
C LEU K 148 -2.73 7.38 -0.95
N VAL K 149 -2.25 7.65 0.25
CA VAL K 149 -3.04 8.30 1.24
C VAL K 149 -3.01 9.79 0.98
N GLU K 150 -4.20 10.35 0.83
CA GLU K 150 -4.37 11.76 0.70
C GLU K 150 -3.51 12.26 -0.44
N GLU K 151 -3.48 11.47 -1.53
CA GLU K 151 -2.64 11.78 -2.71
C GLU K 151 -3.12 13.04 -3.35
N PHE K 152 -4.38 13.04 -3.82
CA PHE K 152 -4.97 14.14 -4.61
C PHE K 152 -6.06 14.86 -3.88
N PHE K 153 -6.06 16.19 -3.95
CA PHE K 153 -7.11 17.04 -3.40
C PHE K 153 -8.18 17.27 -4.45
N ILE K 154 -9.31 16.58 -4.28
CA ILE K 154 -10.40 16.54 -5.24
C ILE K 154 -11.72 16.90 -4.55
N ASN K 155 -12.41 17.88 -5.11
CA ASN K 155 -13.74 18.30 -4.64
C ASN K 155 -13.84 18.93 -3.21
N GLY K 156 -12.71 19.36 -2.67
CA GLY K 156 -12.65 19.98 -1.35
C GLY K 156 -12.17 18.98 -0.30
N ARG K 157 -11.67 17.82 -0.76
CA ARG K 157 -11.16 16.83 0.16
C ARG K 157 -9.96 16.18 -0.43
N TYR K 158 -8.92 15.96 0.38
CA TYR K 158 -7.79 15.16 0.00
C TYR K 158 -8.36 13.76 -0.14
N GLN K 159 -8.10 13.10 -1.29
CA GLN K 159 -8.66 11.77 -1.58
C GLN K 159 -7.58 10.69 -1.84
N ASP K 160 -7.91 9.43 -1.55
CA ASP K 160 -6.96 8.32 -1.68
C ASP K 160 -7.17 7.66 -3.03
N VAL K 161 -6.06 7.20 -3.65
CA VAL K 161 -6.15 6.35 -4.85
C VAL K 161 -5.52 4.95 -4.67
N LYS K 162 -6.07 3.95 -5.37
CA LYS K 162 -5.32 2.69 -5.59
C LYS K 162 -4.40 2.91 -6.76
N ARG K 163 -3.18 2.41 -6.62
CA ARG K 163 -2.32 2.21 -7.74
C ARG K 163 -2.35 0.75 -8.05
N MET K 164 -2.60 0.49 -9.33
CA MET K 164 -2.85 -0.86 -9.80
C MET K 164 -1.97 -1.05 -11.00
N TYR K 165 -1.77 -2.32 -11.36
CA TYR K 165 -0.86 -2.70 -12.44
C TYR K 165 -1.13 -4.09 -13.03
N ILE K 166 -0.41 -4.37 -14.11
CA ILE K 166 -0.46 -5.67 -14.77
C ILE K 166 0.77 -5.74 -15.68
N LEU K 167 1.28 -6.96 -15.89
CA LEU K 167 2.57 -7.25 -16.52
C LEU K 167 2.36 -7.96 -17.84
N GLN K 168 3.37 -7.85 -18.72
CA GLN K 168 3.28 -8.36 -20.09
C GLN K 168 3.10 -9.89 -20.11
N SER K 169 3.75 -10.61 -19.21
CA SER K 169 3.57 -12.08 -19.10
C SER K 169 2.14 -12.47 -18.71
N LYS K 170 1.49 -11.67 -17.89
CA LYS K 170 0.11 -11.96 -17.54
C LYS K 170 -0.79 -11.74 -18.76
N TYR K 171 -0.81 -10.51 -19.26
CA TYR K 171 -1.73 -10.15 -20.34
C TYR K 171 -1.64 -11.13 -21.53
N LEU K 172 -0.42 -11.55 -21.85
CA LEU K 172 -0.16 -12.43 -22.99
C LEU K 172 -0.61 -13.87 -22.76
N ASN K 173 -0.37 -14.40 -21.57
CA ASN K 173 -0.80 -15.78 -21.27
C ASN K 173 -2.24 -15.81 -20.76
N ARG K 174 -3.18 -15.89 -21.70
CA ARG K 174 -4.59 -15.62 -21.44
C ARG K 174 -5.46 -16.46 -22.37
N ASN L 5 28.85 17.50 12.83
CA ASN L 5 27.76 17.05 13.73
C ASN L 5 26.29 17.29 13.18
N SER L 6 25.74 18.48 13.39
CA SER L 6 24.45 18.84 12.78
C SER L 6 24.61 20.10 11.93
N GLN L 7 25.83 20.64 11.89
CA GLN L 7 26.19 21.81 11.10
C GLN L 7 26.14 21.32 9.65
N LEU L 8 24.94 21.00 9.16
CA LEU L 8 24.77 20.57 7.77
C LEU L 8 23.76 21.52 7.18
N THR L 9 24.14 22.25 6.12
CA THR L 9 23.21 23.22 5.51
C THR L 9 22.60 22.78 4.18
N LEU L 10 21.64 23.56 3.76
CA LEU L 10 20.96 23.35 2.51
C LEU L 10 21.00 24.72 1.86
N ARG L 11 21.69 24.77 0.71
CA ARG L 11 21.80 25.94 -0.12
C ARG L 11 21.63 25.51 -1.58
N ALA L 12 21.28 26.44 -2.47
CA ALA L 12 20.82 26.05 -3.80
C ALA L 12 21.96 25.67 -4.72
N LEU L 13 21.63 24.77 -5.63
CA LEU L 13 22.54 24.27 -6.63
C LEU L 13 22.99 25.43 -7.48
N GLU L 14 24.31 25.49 -7.66
CA GLU L 14 24.96 26.51 -8.47
C GLU L 14 25.63 25.91 -9.73
N ARG L 15 25.99 26.82 -10.65
CA ARG L 15 26.77 26.47 -11.82
C ARG L 15 28.00 25.68 -11.33
N GLY L 16 28.84 26.34 -10.52
CA GLY L 16 30.08 25.76 -10.04
C GLY L 16 29.79 24.35 -9.61
N ASP L 17 28.75 24.22 -8.77
CA ASP L 17 28.34 22.98 -8.11
C ASP L 17 28.18 21.74 -9.03
N LEU L 18 28.02 21.93 -10.34
CA LEU L 18 27.61 20.82 -11.25
C LEU L 18 28.71 19.76 -11.51
N ARG L 19 29.98 20.14 -11.32
CA ARG L 19 31.05 19.16 -11.45
C ARG L 19 30.85 18.08 -10.37
N PHE L 20 30.67 18.53 -9.12
CA PHE L 20 30.39 17.59 -8.05
C PHE L 20 29.23 16.70 -8.44
N ILE L 21 28.17 17.30 -8.97
CA ILE L 21 26.92 16.55 -9.25
C ILE L 21 27.15 15.55 -10.37
N HIS L 22 27.94 15.95 -11.37
CA HIS L 22 28.36 15.06 -12.48
C HIS L 22 29.04 13.74 -12.02
N ASN L 23 29.86 13.84 -10.96
CA ASN L 23 30.63 12.73 -10.39
C ASN L 23 29.73 11.65 -9.84
N LEU L 24 28.78 12.10 -9.01
CA LEU L 24 27.74 11.23 -8.42
C LEU L 24 26.75 10.77 -9.47
N ASN L 25 26.68 11.46 -10.60
CA ASN L 25 25.68 11.14 -11.60
C ASN L 25 26.08 10.12 -12.63
N ASN L 26 27.35 9.72 -12.62
CA ASN L 26 27.86 8.65 -13.48
C ASN L 26 28.47 7.59 -12.55
N ASN L 27 27.77 7.37 -11.42
CA ASN L 27 28.17 6.46 -10.35
C ASN L 27 27.11 5.34 -10.19
N ARG L 28 27.36 4.24 -10.88
CA ARG L 28 26.41 3.15 -10.98
C ARG L 28 25.92 2.53 -9.68
N ASN L 29 26.73 2.60 -8.64
CA ASN L 29 26.30 2.08 -7.34
C ASN L 29 25.35 3.08 -6.66
N ILE L 30 25.73 4.35 -6.70
CA ILE L 30 24.90 5.41 -6.16
C ILE L 30 23.62 5.49 -6.98
N MET L 31 23.77 5.62 -8.28
CA MET L 31 22.61 5.87 -9.14
C MET L 31 21.62 4.71 -9.25
N SER L 32 22.05 3.47 -9.05
CA SER L 32 21.13 2.33 -9.24
C SER L 32 19.97 2.41 -8.22
N TYR L 33 20.34 2.57 -6.96
CA TYR L 33 19.38 2.80 -5.86
C TYR L 33 18.38 3.94 -6.16
N TRP L 34 18.82 4.97 -6.88
CA TRP L 34 17.97 6.09 -7.34
C TRP L 34 17.23 5.79 -8.66
N PHE L 35 17.28 4.52 -9.07
CA PHE L 35 16.48 4.02 -10.19
C PHE L 35 16.76 4.71 -11.49
N GLU L 36 17.98 5.17 -11.68
CA GLU L 36 18.27 5.92 -12.90
C GLU L 36 19.49 5.32 -13.62
N GLU L 37 19.57 5.58 -14.91
CA GLU L 37 20.74 5.19 -15.65
C GLU L 37 21.93 6.08 -15.28
N PRO L 38 23.08 5.47 -14.93
CA PRO L 38 24.29 6.23 -14.66
C PRO L 38 25.08 6.57 -15.94
N TYR L 39 24.65 7.65 -16.61
CA TYR L 39 25.36 8.15 -17.80
C TYR L 39 24.88 9.57 -18.15
N GLU L 40 25.76 10.55 -18.00
CA GLU L 40 25.40 11.92 -18.22
C GLU L 40 26.61 12.79 -18.51
N SER L 41 26.82 13.13 -19.78
CA SER L 41 27.86 14.07 -20.08
C SER L 41 27.57 15.43 -19.41
N PHE L 42 28.65 16.11 -19.00
CA PHE L 42 28.56 17.40 -18.38
C PHE L 42 27.69 18.36 -19.21
N ASP L 43 27.79 18.29 -20.54
CA ASP L 43 26.97 19.09 -21.47
C ASP L 43 25.44 18.86 -21.45
N GLU L 44 25.01 17.61 -21.31
CA GLU L 44 23.60 17.32 -20.97
C GLU L 44 23.24 17.89 -19.60
N LEU L 45 24.02 17.55 -18.59
CA LEU L 45 23.77 18.00 -17.24
C LEU L 45 23.44 19.51 -17.18
N GLU L 46 24.38 20.32 -17.67
CA GLU L 46 24.29 21.77 -17.56
C GLU L 46 23.17 22.32 -18.46
N GLU L 47 22.94 21.71 -19.61
CA GLU L 47 21.91 22.24 -20.53
C GLU L 47 20.50 22.03 -19.98
N LEU L 48 20.36 21.06 -19.05
CA LEU L 48 19.10 20.81 -18.35
C LEU L 48 18.98 21.76 -17.18
N TYR L 49 20.09 21.93 -16.45
CA TYR L 49 20.22 22.97 -15.43
C TYR L 49 19.75 24.35 -15.94
N ASN L 50 20.32 24.82 -17.04
CA ASN L 50 19.87 26.04 -17.73
C ASN L 50 18.36 26.00 -18.12
N LYS L 51 17.89 24.84 -18.58
CA LYS L 51 16.48 24.70 -19.00
C LYS L 51 15.53 24.89 -17.82
N HIS L 52 15.77 24.18 -16.70
CA HIS L 52 14.84 24.20 -15.56
C HIS L 52 15.11 25.30 -14.51
N ILE L 53 15.92 26.30 -14.87
CA ILE L 53 16.43 27.30 -13.92
C ILE L 53 15.35 28.27 -13.41
N HIS L 54 14.32 28.45 -14.26
CA HIS L 54 13.13 29.17 -13.88
C HIS L 54 11.99 28.23 -13.54
N ASP L 55 12.06 26.95 -13.90
CA ASP L 55 10.98 25.98 -13.57
C ASP L 55 10.79 25.83 -12.06
N ASN L 56 9.54 26.05 -11.66
CA ASN L 56 9.14 26.15 -10.28
C ASN L 56 8.65 24.81 -9.70
N ALA L 57 8.63 23.75 -10.52
CA ALA L 57 8.20 22.38 -10.11
C ALA L 57 9.27 21.56 -9.36
N GLU L 58 10.53 21.97 -9.47
CA GLU L 58 11.55 21.30 -8.68
C GLU L 58 12.37 22.24 -7.82
N ARG L 59 12.83 21.72 -6.66
CA ARG L 59 13.88 22.37 -5.86
C ARG L 59 15.04 21.44 -5.74
N ARG L 60 16.18 21.91 -6.22
CA ARG L 60 17.43 21.15 -6.16
C ARG L 60 18.40 21.87 -5.23
N PHE L 61 18.81 21.18 -4.15
CA PHE L 61 19.72 21.72 -3.15
C PHE L 61 21.00 20.92 -3.11
N VAL L 62 22.12 21.60 -2.90
CA VAL L 62 23.39 20.96 -2.53
C VAL L 62 23.57 21.05 -1.02
N VAL L 63 24.20 20.05 -0.40
CA VAL L 63 24.44 20.03 1.09
C VAL L 63 25.89 20.32 1.47
N GLU L 64 26.09 21.05 2.56
CA GLU L 64 27.41 21.46 3.02
C GLU L 64 27.59 21.31 4.53
N ASP L 65 28.82 21.00 4.97
CA ASP L 65 29.18 21.04 6.39
C ASP L 65 29.70 22.44 6.72
N ALA L 66 30.55 22.59 7.75
CA ALA L 66 31.08 23.92 8.13
C ALA L 66 32.35 24.24 7.37
N GLN L 67 33.25 23.26 7.27
CA GLN L 67 34.45 23.36 6.44
C GLN L 67 34.14 23.70 4.97
N LYS L 68 32.88 23.49 4.56
CA LYS L 68 32.34 23.78 3.22
C LYS L 68 32.59 22.68 2.19
N ASN L 69 32.76 21.47 2.71
CA ASN L 69 32.70 20.26 1.92
C ASN L 69 31.31 19.94 1.41
N LEU L 70 31.21 19.77 0.10
CA LEU L 70 29.99 19.23 -0.51
C LEU L 70 29.81 17.83 0.09
N ILE L 71 28.68 17.66 0.78
CA ILE L 71 28.33 16.43 1.49
C ILE L 71 27.45 15.52 0.60
N GLY L 72 26.69 16.14 -0.30
CA GLY L 72 25.78 15.41 -1.18
C GLY L 72 24.58 16.20 -1.65
N LEU L 73 23.52 15.49 -2.03
CA LEU L 73 22.44 16.12 -2.82
C LEU L 73 21.02 15.80 -2.33
N VAL L 74 20.15 16.79 -2.42
CA VAL L 74 18.80 16.67 -1.87
C VAL L 74 17.87 17.35 -2.84
N GLU L 75 16.92 16.61 -3.40
CA GLU L 75 15.98 17.17 -4.37
C GLU L 75 14.52 17.02 -3.89
N LEU L 76 13.74 18.11 -4.06
CA LEU L 76 12.27 18.05 -4.06
C LEU L 76 11.77 18.28 -5.48
N ILE L 77 11.16 17.26 -6.08
CA ILE L 77 10.67 17.35 -7.49
C ILE L 77 9.21 16.88 -7.67
N GLU L 78 8.70 17.13 -8.87
CA GLU L 78 7.30 17.26 -9.23
C GLU L 78 6.43 17.96 -8.19
N ILE L 79 6.98 19.02 -7.60
CA ILE L 79 6.18 19.90 -6.73
C ILE L 79 4.92 20.24 -7.54
N ASN L 80 3.78 19.85 -6.98
CA ASN L 80 2.50 19.97 -7.67
C ASN L 80 1.70 20.92 -6.89
N TYR L 81 1.27 22.01 -7.53
CA TYR L 81 0.85 23.15 -6.74
C TYR L 81 -0.61 23.18 -6.29
N ILE L 82 -1.45 22.35 -6.89
CA ILE L 82 -2.82 22.16 -6.41
C ILE L 82 -2.77 21.19 -5.22
N HIS L 83 -2.22 20.00 -5.49
CA HIS L 83 -2.20 18.88 -4.56
C HIS L 83 -1.17 19.07 -3.48
N ARG L 84 -0.29 20.05 -3.64
CA ARG L 84 0.70 20.39 -2.63
C ARG L 84 1.44 19.13 -2.20
N SER L 85 2.14 18.59 -3.20
CA SER L 85 2.87 17.32 -3.12
C SER L 85 4.21 17.32 -3.89
N ALA L 86 5.17 16.51 -3.43
CA ALA L 86 6.46 16.47 -4.10
C ALA L 86 7.07 15.07 -4.01
N GLU L 87 8.08 14.81 -4.86
CA GLU L 87 8.96 13.65 -4.69
C GLU L 87 10.28 14.05 -4.02
N PHE L 88 10.69 13.26 -3.02
CA PHE L 88 11.98 13.49 -2.31
C PHE L 88 12.98 12.42 -2.73
N GLN L 89 14.21 12.85 -2.98
CA GLN L 89 15.36 11.94 -3.17
C GLN L 89 16.59 12.53 -2.51
N ILE L 90 17.57 11.68 -2.24
CA ILE L 90 18.71 12.09 -1.46
C ILE L 90 19.95 11.49 -2.03
N ILE L 91 21.07 12.14 -1.78
CA ILE L 91 22.36 11.56 -2.09
C ILE L 91 23.35 12.07 -1.07
N ILE L 92 24.14 11.14 -0.56
CA ILE L 92 25.32 11.46 0.20
C ILE L 92 26.49 10.77 -0.53
N ALA L 93 27.47 11.57 -0.97
CA ALA L 93 28.63 11.06 -1.66
C ALA L 93 29.27 9.94 -0.85
N PRO L 94 29.90 8.95 -1.51
CA PRO L 94 30.48 7.77 -0.81
C PRO L 94 31.41 8.13 0.33
N GLU L 95 32.02 9.30 0.23
CA GLU L 95 33.05 9.76 1.15
C GLU L 95 32.46 10.41 2.40
N HIS L 96 31.16 10.67 2.42
CA HIS L 96 30.52 11.14 3.65
C HIS L 96 29.40 10.21 4.11
N GLN L 97 29.42 8.97 3.60
CA GLN L 97 28.54 7.90 4.09
C GLN L 97 29.14 7.32 5.37
N GLY L 98 28.36 6.48 6.04
CA GLY L 98 28.73 5.90 7.34
C GLY L 98 28.72 6.86 8.56
N LYS L 99 28.74 8.18 8.32
CA LYS L 99 28.99 9.16 9.41
C LYS L 99 27.75 9.60 10.26
N GLY L 100 26.58 9.00 9.99
CA GLY L 100 25.34 9.31 10.70
C GLY L 100 24.47 10.42 10.12
N PHE L 101 24.68 10.80 8.85
CA PHE L 101 24.12 12.05 8.26
C PHE L 101 22.68 11.96 7.74
N ALA L 102 22.26 10.78 7.32
CA ALA L 102 21.02 10.66 6.59
C ALA L 102 19.83 11.18 7.34
N ARG L 103 19.84 11.11 8.68
CA ARG L 103 18.71 11.59 9.50
C ARG L 103 18.47 13.12 9.46
N THR L 104 19.43 13.91 9.95
CA THR L 104 19.32 15.40 9.87
C THR L 104 18.84 15.81 8.49
N LEU L 105 19.55 15.31 7.47
CA LEU L 105 19.31 15.69 6.10
C LEU L 105 17.88 15.43 5.65
N ILE L 106 17.29 14.30 5.98
CA ILE L 106 15.91 14.11 5.55
C ILE L 106 14.99 15.09 6.27
N ASN L 107 15.28 15.33 7.57
CA ASN L 107 14.48 16.24 8.45
C ASN L 107 14.73 17.70 8.14
N ARG L 108 15.77 17.96 7.34
CA ARG L 108 16.00 19.27 6.73
C ARG L 108 15.15 19.51 5.51
N ALA L 109 15.06 18.50 4.66
CA ALA L 109 14.25 18.54 3.46
C ALA L 109 12.79 18.71 3.85
N LEU L 110 12.37 17.92 4.83
CA LEU L 110 11.01 17.96 5.34
C LEU L 110 10.68 19.28 5.98
N ASP L 111 11.61 19.92 6.66
CA ASP L 111 11.34 21.21 7.25
C ASP L 111 10.94 22.11 6.09
N TYR L 112 11.74 22.04 5.02
CA TYR L 112 11.61 22.91 3.87
C TYR L 112 10.25 22.64 3.21
N SER L 113 9.95 21.39 2.94
CA SER L 113 8.72 21.07 2.26
C SER L 113 7.55 21.73 2.94
N PHE L 114 7.60 21.71 4.26
CA PHE L 114 6.43 21.84 5.03
C PHE L 114 6.29 23.26 5.61
N THR L 115 7.43 23.86 5.99
CA THR L 115 7.51 25.16 6.66
C THR L 115 7.83 26.36 5.75
N ILE L 116 8.35 26.06 4.57
CA ILE L 116 8.70 27.07 3.60
C ILE L 116 7.84 26.96 2.35
N LEU L 117 7.76 25.77 1.78
CA LEU L 117 6.95 25.56 0.61
C LEU L 117 5.47 25.40 0.93
N ASN L 118 5.13 25.12 2.19
CA ASN L 118 3.73 25.00 2.58
C ASN L 118 3.11 23.83 1.86
N LEU L 119 3.73 22.67 1.93
CA LEU L 119 3.21 21.43 1.27
C LEU L 119 2.50 20.50 2.24
N HIS L 120 1.62 19.67 1.65
CA HIS L 120 0.74 18.79 2.38
C HIS L 120 1.29 17.40 2.48
N LYS L 121 1.97 16.92 1.47
CA LYS L 121 2.49 15.55 1.48
C LYS L 121 3.77 15.32 0.66
N ILE L 122 4.90 15.02 1.33
CA ILE L 122 6.11 14.51 0.70
C ILE L 122 6.04 13.00 0.59
N TYR L 123 6.63 12.49 -0.49
CA TYR L 123 6.86 11.05 -0.64
C TYR L 123 8.24 10.64 -1.19
N LEU L 124 8.52 9.35 -1.10
CA LEU L 124 9.65 8.85 -1.81
C LEU L 124 9.37 7.47 -2.44
N HIS L 125 10.31 7.00 -3.26
CA HIS L 125 10.41 5.60 -3.65
C HIS L 125 11.72 5.03 -3.13
N VAL L 126 11.62 3.83 -2.57
CA VAL L 126 12.73 3.11 -1.94
C VAL L 126 12.79 1.69 -2.48
N ALA L 127 13.97 1.20 -2.87
CA ALA L 127 14.10 -0.20 -3.32
C ALA L 127 13.90 -1.13 -2.15
N VAL L 128 13.26 -2.26 -2.42
CA VAL L 128 12.87 -3.22 -1.37
C VAL L 128 14.05 -4.10 -0.97
N GLU L 129 15.08 -4.11 -1.81
CA GLU L 129 16.30 -4.85 -1.54
C GLU L 129 17.41 -3.98 -0.89
N ASN L 130 17.02 -2.77 -0.44
CA ASN L 130 17.92 -1.76 0.14
C ASN L 130 17.35 -1.29 1.48
N PRO L 131 17.07 -2.24 2.35
CA PRO L 131 16.13 -2.23 3.46
C PRO L 131 16.45 -1.42 4.71
N LYS L 132 17.45 -0.58 4.64
CA LYS L 132 17.85 0.32 5.70
C LYS L 132 17.45 1.75 5.35
N ALA L 133 17.66 2.17 4.11
CA ALA L 133 17.07 3.39 3.64
C ALA L 133 15.58 3.42 4.06
N VAL L 134 14.91 2.26 3.94
CA VAL L 134 13.54 2.04 4.48
C VAL L 134 13.46 2.45 5.95
N HIS L 135 14.23 1.73 6.80
CA HIS L 135 14.41 1.97 8.26
C HIS L 135 14.70 3.42 8.63
N LEU L 136 15.52 4.05 7.81
CA LEU L 136 15.90 5.46 7.99
C LEU L 136 14.73 6.38 7.75
N TYR L 137 13.93 6.05 6.74
CA TYR L 137 12.79 6.85 6.40
C TYR L 137 11.73 6.64 7.45
N GLU L 138 11.61 5.39 7.90
CA GLU L 138 10.63 4.99 8.92
C GLU L 138 10.93 5.75 10.20
N GLU L 139 12.21 5.82 10.55
CA GLU L 139 12.69 6.55 11.71
C GLU L 139 12.28 7.99 11.64
N CYS L 140 12.46 8.56 10.44
CA CYS L 140 12.08 9.93 10.16
C CYS L 140 10.55 10.16 10.01
N GLY L 141 9.76 9.15 10.35
CA GLY L 141 8.30 9.28 10.34
C GLY L 141 7.59 9.03 9.04
N PHE L 142 8.30 8.44 8.06
CA PHE L 142 7.68 7.99 6.81
C PHE L 142 6.90 6.68 6.99
N VAL L 143 5.79 6.52 6.28
CA VAL L 143 5.06 5.26 6.26
C VAL L 143 4.92 4.73 4.85
N GLU L 144 5.10 3.41 4.67
CA GLU L 144 4.87 2.70 3.39
C GLU L 144 3.39 2.83 2.91
N GLU L 145 3.21 3.46 1.75
CA GLU L 145 1.89 3.49 1.14
C GLU L 145 1.89 2.69 -0.14
N GLY L 146 2.95 1.97 -0.44
CA GLY L 146 2.89 1.07 -1.58
C GLY L 146 4.13 0.22 -1.67
N HIS L 147 3.99 -0.90 -2.38
CA HIS L 147 5.08 -1.82 -2.67
C HIS L 147 4.84 -2.17 -4.12
N LEU L 148 5.67 -1.63 -5.00
CA LEU L 148 5.32 -1.59 -6.38
C LEU L 148 5.98 -2.75 -7.03
N VAL L 149 5.19 -3.67 -7.53
CA VAL L 149 5.68 -4.88 -8.12
C VAL L 149 6.39 -4.56 -9.43
N GLU L 150 7.73 -4.63 -9.39
CA GLU L 150 8.58 -4.65 -10.57
C GLU L 150 8.62 -3.32 -11.32
N GLU L 151 8.56 -2.22 -10.58
CA GLU L 151 8.45 -0.87 -11.13
C GLU L 151 9.65 -0.49 -12.00
N PHE L 152 10.83 -1.00 -11.61
CA PHE L 152 12.10 -0.53 -12.22
C PHE L 152 12.97 -1.74 -12.49
N PHE L 153 13.52 -1.81 -13.71
CA PHE L 153 14.63 -2.68 -14.07
C PHE L 153 15.92 -2.12 -13.45
N ILE L 154 16.67 -2.96 -12.70
CA ILE L 154 17.91 -2.49 -12.07
C ILE L 154 18.89 -3.64 -11.95
N ASN L 155 19.92 -3.57 -12.79
CA ASN L 155 21.03 -4.51 -12.78
C ASN L 155 20.55 -5.92 -12.94
N GLY L 156 20.16 -6.28 -14.16
CA GLY L 156 19.85 -7.67 -14.49
C GLY L 156 18.38 -8.02 -14.40
N ARG L 157 17.68 -7.52 -13.39
CA ARG L 157 16.34 -7.97 -13.13
C ARG L 157 15.43 -6.81 -12.79
N TYR L 158 14.14 -7.06 -12.97
CA TYR L 158 13.07 -6.24 -12.41
C TYR L 158 13.02 -6.39 -10.88
N GLN L 159 12.85 -5.23 -10.22
CA GLN L 159 12.94 -5.07 -8.76
C GLN L 159 11.81 -4.23 -8.19
N ASP L 160 11.43 -4.56 -6.97
CA ASP L 160 10.31 -3.93 -6.31
C ASP L 160 10.81 -2.68 -5.60
N VAL L 161 9.88 -1.75 -5.37
CA VAL L 161 10.16 -0.51 -4.65
C VAL L 161 9.00 -0.22 -3.72
N LYS L 162 9.30 0.44 -2.61
CA LYS L 162 8.29 0.93 -1.70
C LYS L 162 8.04 2.37 -2.07
N ARG L 163 6.82 2.79 -1.75
CA ARG L 163 6.43 4.19 -1.82
C ARG L 163 6.10 4.56 -0.40
N MET L 164 6.73 5.62 0.06
CA MET L 164 6.55 6.01 1.43
C MET L 164 6.20 7.44 1.45
N TYR L 165 5.74 7.88 2.60
CA TYR L 165 5.19 9.18 2.68
C TYR L 165 5.19 9.79 4.08
N ILE L 166 4.88 11.09 4.09
CA ILE L 166 4.73 11.83 5.28
C ILE L 166 3.99 13.13 4.94
N LEU L 167 3.01 13.43 5.78
CA LEU L 167 2.11 14.53 5.50
C LEU L 167 2.73 15.67 6.21
N GLN L 168 2.33 16.89 5.87
CA GLN L 168 2.70 18.08 6.64
C GLN L 168 2.11 18.05 8.02
N SER L 169 0.87 17.55 8.11
CA SER L 169 0.05 17.60 9.34
C SER L 169 0.62 16.78 10.51
N LYS L 170 1.63 15.95 10.25
CA LYS L 170 2.25 15.13 11.27
C LYS L 170 3.57 15.69 11.64
N TYR L 171 4.38 15.98 10.64
CA TYR L 171 5.76 16.42 10.85
C TYR L 171 5.87 17.70 11.68
N LEU L 172 4.82 18.51 11.67
CA LEU L 172 4.86 19.79 12.39
C LEU L 172 4.97 19.57 13.89
N ASN L 173 3.85 19.24 14.54
CA ASN L 173 3.86 18.96 15.99
C ASN L 173 4.69 17.72 16.30
N1A COA M . 14.27 38.00 45.81
C2A COA M . 13.47 37.37 44.92
N3A COA M . 12.51 38.02 44.22
C4A COA M . 12.28 39.37 44.37
C5A COA M . 13.14 40.10 45.33
C6A COA M . 14.17 39.32 46.06
N6A COA M . 14.99 39.92 46.95
N7A COA M . 12.72 41.38 45.30
C8A COA M . 11.70 41.46 44.41
N9A COA M . 11.41 40.26 43.85
C1B COA M . 10.33 40.05 42.81
C2B COA M . 10.98 39.64 41.50
O2B COA M . 10.47 40.45 40.42
C3B COA M . 10.63 38.17 41.32
O3B COA M . 10.34 37.88 39.97
P3B COA M . 11.52 38.00 38.87
O7A COA M . 12.78 38.00 39.71
O8A COA M . 11.19 39.30 38.15
O9A COA M . 11.34 36.74 38.05
C4B COA M . 9.43 37.88 42.20
O4B COA M . 9.35 39.01 43.10
C5B COA M . 9.55 36.58 43.01
O5B COA M . 9.85 35.38 42.26
P1A COA M . 9.91 33.94 43.05
O1A COA M . 10.96 33.99 44.12
O2A COA M . 9.99 32.83 42.03
O3A COA M . 8.45 33.93 43.78
P2A COA M . 8.13 33.30 45.24
O4A COA M . 9.02 32.11 45.41
O5A COA M . 8.16 34.39 46.29
O6A COA M . 6.64 32.75 45.14
CBP COA M . 4.39 32.50 44.87
CCP COA M . 5.44 33.53 45.01
CDP COA M . 4.83 31.10 44.66
CEP COA M . 3.29 32.47 43.86
CAP COA M . 4.03 32.42 46.41
OAP COA M . 3.49 33.66 46.93
C9P COA M . 3.11 31.30 46.88
O9P COA M . 3.46 30.13 46.86
N8P COA M . 1.90 31.67 47.26
C7P COA M . 0.83 30.70 47.36
C6P COA M . 0.31 30.40 45.95
C5P COA M . -0.64 31.43 45.40
O5P COA M . -1.07 32.31 46.13
N4P COA M . -0.93 31.33 44.08
C3P COA M . -1.67 32.34 43.33
C2P COA M . -3.01 31.88 42.76
S1P COA M . -3.00 30.29 41.85
N1A COA N . -38.40 33.28 18.21
C2A COA N . -38.39 34.32 19.06
N3A COA N . -37.26 35.00 19.39
C4A COA N . -36.04 34.66 18.88
C5A COA N . -35.98 33.52 17.93
C6A COA N . -37.25 32.84 17.62
N6A COA N . -37.24 31.79 16.75
N7A COA N . -34.69 33.38 17.55
C8A COA N . -33.98 34.33 18.19
N9A COA N . -34.76 35.09 18.99
C1B COA N . -34.23 36.22 19.81
C2B COA N . -35.19 37.38 20.06
O2B COA N . -34.51 38.58 19.67
C3B COA N . -35.58 37.30 21.55
O3B COA N . -35.24 38.44 22.33
P3B COA N . -36.08 39.79 22.24
O7A COA N . -37.41 39.49 22.88
O8A COA N . -36.23 39.97 20.77
O9A COA N . -35.27 40.84 22.98
C4B COA N . -34.76 36.14 22.12
O4B COA N . -33.85 35.73 21.10
C5B COA N . -35.54 34.90 22.52
O5B COA N . -36.14 34.95 23.81
P1A COA N . -37.00 33.65 24.24
O1A COA N . -38.06 33.43 23.16
O2A COA N . -37.46 33.65 25.69
O3A COA N . -35.78 32.61 24.13
P2A COA N . -35.89 31.01 24.10
O4A COA N . -37.25 30.55 24.53
O5A COA N . -35.39 30.54 22.78
O6A COA N . -34.78 30.50 25.19
CBP COA N . -32.25 29.85 25.39
CCP COA N . -33.36 30.85 25.06
CDP COA N . -32.22 29.08 26.68
CEP COA N . -31.01 29.94 24.60
CAP COA N . -32.98 28.70 24.59
OAP COA N . -33.41 29.15 23.30
C9P COA N . -32.33 27.31 24.42
O9P COA N . -32.57 26.43 25.26
N8P COA N . -31.55 27.08 23.34
C7P COA N . -30.94 25.78 23.08
N1A COA O . 27.22 -2.58 24.57
C2A COA O . 26.91 -3.06 23.36
N3A COA O . 25.71 -2.83 22.77
C4A COA O . 24.71 -2.10 23.33
C5A COA O . 25.00 -1.54 24.67
C6A COA O . 26.34 -1.82 25.28
N6A COA O . 26.69 -1.34 26.49
N7A COA O . 23.90 -0.86 25.02
C8A COA O . 22.97 -0.96 24.02
N9A COA O . 23.45 -1.70 23.00
C1B COA O . 22.63 -1.99 21.76
C2B COA O . 23.26 -3.08 20.90
O2B COA O . 22.76 -3.02 19.57
C3B COA O . 22.83 -4.34 21.62
O3B COA O . 22.62 -5.39 20.68
P3B COA O . 23.88 -6.16 20.02
O7A COA O . 24.19 -7.31 20.96
O8A COA O . 25.02 -5.17 19.98
O9A COA O . 23.35 -6.52 18.66
C4B COA O . 21.56 -3.96 22.39
O4B COA O . 21.36 -2.57 22.08
C5B COA O . 21.68 -4.10 23.91
O5B COA O . 21.05 -5.25 24.49
P1A COA O . 20.92 -5.41 26.11
O1A COA O . 22.15 -4.77 26.74
O2A COA O . 20.61 -6.84 26.49
O3A COA O . 19.56 -4.58 26.46
P2A COA O . 19.44 -3.30 27.40
O4A COA O . 19.72 -3.74 28.81
O5A COA O . 20.25 -2.23 26.73
O6A COA O . 17.91 -2.84 27.42
CBP COA O . 15.58 -3.01 26.55
CCP COA O . 17.07 -3.05 26.29
CDP COA O . 14.92 -3.61 27.76
CEP COA O . 14.73 -2.68 25.35
CAP COA O . 15.78 -1.58 27.20
OAP COA O . 15.76 -0.57 26.17
C9P COA O . 14.91 -1.10 28.37
O9P COA O . 14.86 -1.71 29.44
N8P COA O . 14.26 0.06 28.23
C7P COA O . 13.34 0.61 29.22
C6P COA O . 11.89 0.35 28.80
C5P COA O . 11.84 -0.04 27.32
O5P COA O . 12.24 0.77 26.49
N4P COA O . 11.34 -1.27 27.00
C3P COA O . 11.11 -1.69 25.60
C2P COA O . 10.02 -0.84 24.91
S1P COA O . 9.23 -1.63 23.47
N1A COA P . -26.42 -3.60 -4.72
C2A COA P . -25.12 -3.25 -4.71
N3A COA P . -24.28 -3.68 -3.74
C4A COA P . -24.65 -4.49 -2.72
C5A COA P . -26.07 -4.90 -2.67
C6A COA P . -26.96 -4.39 -3.76
N6A COA P . -28.27 -4.72 -3.82
N7A COA P . -26.21 -5.68 -1.58
C8A COA P . -24.99 -5.78 -0.97
N9A COA P . -24.06 -5.06 -1.64
C1B COA P . -22.61 -4.95 -1.20
C2B COA P . -21.76 -4.00 -2.04
O2B COA P . -20.37 -4.33 -1.86
C3B COA P . -22.17 -2.66 -1.43
O3B COA P . -21.43 -1.52 -1.89
P3B COA P . -22.14 -0.35 -2.77
O7A COA P . -22.99 0.40 -1.76
O8A COA P . -22.96 -0.99 -3.86
O9A COA P . -20.97 0.44 -3.31
C4B COA P . -22.02 -3.03 0.05
O4B COA P . -22.51 -4.38 0.11
C5B COA P . -22.77 -2.12 1.03
O5B COA P . -23.69 -2.88 1.82
P1A COA P . -24.21 -2.45 3.29
O1A COA P . -25.67 -2.84 3.36
O2A COA P . -23.85 -1.00 3.52
O3A COA P . -23.38 -3.42 4.32
P2A COA P . -24.06 -4.40 5.43
O4A COA P . -25.34 -3.78 5.91
O5A COA P . -24.12 -5.83 4.94
O6A COA P . -23.04 -4.37 6.68
CBP COA P . -20.85 -5.06 7.78
CCP COA P . -21.60 -4.42 6.59
CDP COA P . -20.81 -4.44 9.17
CEP COA P . -20.00 -6.29 7.39
CAP COA P . -22.15 -5.88 8.13
OAP COA P . -22.46 -6.72 7.00
C9P COA P . -22.31 -6.65 9.47
O9P COA P . -23.10 -6.20 10.28
N8P COA P . -21.66 -7.81 9.75
C7P COA P . -21.92 -8.55 10.97
N1A COA Q . 21.58 -27.79 13.35
C2A COA Q . 21.46 -27.31 12.10
N3A COA Q . 20.41 -26.58 11.69
C4A COA Q . 19.38 -26.29 12.54
C5A COA Q . 19.45 -26.77 13.93
C6A COA Q . 20.64 -27.57 14.30
N6A COA Q . 20.77 -28.05 15.56
N7A COA Q . 18.33 -26.34 14.54
C8A COA Q . 17.61 -25.63 13.62
N9A COA Q . 18.23 -25.62 12.43
C1B COA Q . 17.77 -24.95 11.19
C2B COA Q . 18.80 -23.87 10.87
O2B COA Q . 18.22 -22.59 11.16
C3B COA Q . 19.21 -24.08 9.42
O3B COA Q . 18.81 -23.00 8.57
P3B COA Q . 19.59 -21.59 8.62
O7A COA Q . 20.64 -21.73 7.50
O8A COA Q . 20.22 -21.41 9.97
O9A COA Q . 18.46 -20.63 8.39
C4B COA Q . 18.55 -25.37 8.96
O4B COA Q . 17.73 -25.83 10.07
C5B COA Q . 19.57 -26.41 8.47
O5B COA Q . 19.98 -26.28 7.10
P1A COA Q . 21.13 -27.26 6.46
O1A COA Q . 22.07 -27.66 7.58
O2A COA Q . 21.73 -26.67 5.20
O3A COA Q . 20.41 -28.61 6.03
P2A COA Q . 20.59 -29.95 6.92
O4A COA Q . 22.02 -30.39 6.81
O5A COA Q . 20.04 -29.75 8.29
O6A COA Q . 19.55 -30.93 6.14
CBP COA Q . 17.20 -31.70 5.61
CCP COA Q . 18.14 -30.72 6.35
CDP COA Q . 17.65 -32.31 4.29
CEP COA Q . 15.80 -31.99 6.03
CAP COA Q . 17.76 -32.95 6.41
OAP COA Q . 17.72 -32.72 7.83
C9P COA Q . 17.17 -34.33 6.10
O9P COA Q . 17.69 -35.01 5.27
N8P COA Q . 16.13 -34.79 6.78
C7P COA Q . 15.60 -36.12 6.59
C6P COA Q . 14.57 -36.21 5.47
C5P COA Q . 13.77 -34.95 5.46
O5P COA Q . 13.12 -34.71 6.48
N4P COA Q . 13.80 -34.20 4.32
C3P COA Q . 12.91 -33.08 4.10
C2P COA Q . 11.75 -33.59 3.23
S1P COA Q . 10.25 -32.59 3.32
N1 SPM R . 10.52 -44.06 -2.32
C2 SPM R . 9.60 -45.18 -2.35
C3 SPM R . 10.33 -46.53 -2.19
C4 SPM R . 10.31 -47.05 -0.75
N5 SPM R . 9.35 -48.10 -0.45
C6 SPM R . 8.87 -48.33 0.91
C7 SPM R . 9.09 -49.76 1.41
C8 SPM R . 7.84 -50.64 1.28
C9 SPM R . 7.73 -51.77 2.31
N10 SPM R . 8.07 -53.05 1.76
C11 SPM R . 7.75 -54.26 2.48
C12 SPM R . 7.53 -55.48 1.60
C13 SPM R . 7.73 -56.78 2.39
N14 SPM R . 8.40 -57.74 1.54
N1A COA S . -30.43 -28.16 -14.92
C2A COA S . -29.70 -29.07 -14.24
N3A COA S . -28.49 -28.81 -13.72
C4A COA S . -27.89 -27.58 -13.84
C5A COA S . -28.64 -26.53 -14.57
C6A COA S . -29.98 -26.89 -15.13
N6A COA S . -30.72 -25.98 -15.80
N7A COA S . -27.86 -25.43 -14.55
C8A COA S . -26.72 -25.72 -13.87
N9A COA S . -26.73 -27.01 -13.45
C1B COA S . -25.63 -27.65 -12.68
C2B COA S . -25.71 -27.28 -11.22
O2B COA S . -24.40 -27.34 -10.65
C3B COA S . -26.56 -28.41 -10.68
O3B COA S . -26.58 -28.48 -9.26
P3B COA S . -27.94 -28.16 -8.46
O7A COA S . -28.74 -29.42 -8.64
O8A COA S . -28.49 -26.95 -9.14
O9A COA S . -27.49 -27.92 -7.03
C4B COA S . -25.88 -29.59 -11.38
O4B COA S . -25.69 -29.10 -12.71
C5B COA S . -26.69 -30.88 -11.38
O5B COA S . -25.82 -31.96 -11.05
P1A COA S . -25.88 -33.35 -11.86
O1A COA S . -26.90 -33.29 -12.98
O2A COA S . -26.01 -34.45 -10.85
O3A COA S . -24.38 -33.47 -12.45
P2A COA S . -23.93 -33.85 -13.96
O4A COA S . -24.93 -34.79 -14.59
O5A COA S . -23.53 -32.59 -14.69
O6A COA S . -22.53 -34.63 -13.77
CBP COA S . -20.06 -34.07 -13.24
CCP COA S . -21.53 -34.09 -12.87
CDP COA S . -19.25 -35.31 -13.16
CEP COA S . -19.58 -32.64 -12.95
CAP COA S . -20.28 -34.10 -14.82
OAP COA S . -20.87 -32.91 -15.36
C9P COA S . -19.13 -34.40 -15.76
O9P COA S . -18.76 -35.57 -15.95
N8P COA S . -18.59 -33.35 -16.38
C7P COA S . -17.46 -33.47 -17.27
C6P COA S . -16.26 -34.13 -16.64
C5P COA S . -15.91 -33.71 -15.22
O5P COA S . -15.68 -32.56 -14.92
N4P COA S . -15.65 -34.69 -14.37
C3P COA S . -14.56 -34.50 -13.43
C2P COA S . -14.86 -33.86 -12.09
S1P COA S . -13.30 -33.13 -11.51
C1B COA T . 41.76 -24.42 -29.00
C2B COA T . 42.24 -23.89 -30.36
O2B COA T . 41.45 -22.79 -30.79
C3B COA T . 42.20 -25.09 -31.33
O3B COA T . 41.42 -24.84 -32.53
P3B COA T . 41.70 -25.48 -34.01
O7A COA T . 43.20 -25.49 -34.16
O8A COA T . 41.01 -24.54 -34.97
O9A COA T . 41.07 -26.86 -34.01
C4B COA T . 41.63 -26.23 -30.50
O4B COA T . 41.60 -25.84 -29.12
C5B COA T . 42.42 -27.51 -30.69
O5B COA T . 42.08 -28.07 -31.94
P1A COA T . 41.16 -29.38 -32.05
O1A COA T . 41.92 -30.50 -31.41
O2A COA T . 40.71 -29.48 -33.48
O3A COA T . 39.86 -29.05 -31.12
P2A COA T . 39.14 -30.18 -30.21
O4A COA T . 39.26 -29.79 -28.75
O5A COA T . 39.61 -31.54 -30.63
O6A COA T . 37.59 -30.08 -30.63
N1 SPM U . 24.21 -40.60 -24.27
C2 SPM U . 23.20 -41.58 -23.91
C3 SPM U . 22.22 -40.92 -22.98
C4 SPM U . 20.77 -40.95 -23.47
N5 SPM U . 19.87 -40.25 -22.57
C6 SPM U . 20.05 -40.25 -21.14
C7 SPM U . 18.74 -40.19 -20.36
C8 SPM U . 17.73 -41.21 -20.85
C9 SPM U . 16.89 -41.72 -19.69
N10 SPM U . 17.71 -42.13 -18.58
C11 SPM U . 17.23 -41.91 -17.24
C12 SPM U . 16.24 -42.97 -16.78
C13 SPM U . 16.74 -43.50 -15.43
N14 SPM U . 15.78 -44.44 -14.90
N1A COA V . -8.51 -27.81 -57.86
C2A COA V . -7.79 -26.66 -57.82
N3A COA V . -6.62 -26.56 -57.15
C4A COA V . -6.09 -27.62 -56.49
C5A COA V . -6.82 -28.90 -56.49
C6A COA V . -8.10 -28.94 -57.25
N6A COA V . -8.82 -30.09 -57.30
N7A COA V . -6.08 -29.77 -55.77
C8A COA V . -4.97 -29.12 -55.34
N9A COA V . -4.97 -27.83 -55.76
C1B COA V . -3.93 -26.78 -55.46
C2B COA V . -4.61 -25.52 -54.92
O2B COA V . -3.93 -24.38 -55.44
C3B COA V . -4.58 -25.65 -53.40
O3B COA V . -4.20 -24.44 -52.77
P3B COA V . -5.21 -23.18 -52.66
O7A COA V . -6.26 -23.62 -51.67
O8A COA V . -5.82 -23.02 -54.02
O9A COA V . -4.30 -22.07 -52.17
C4B COA V . -3.55 -26.71 -53.10
O4B COA V . -3.06 -27.15 -54.37
C5B COA V . -3.97 -27.92 -52.24
O5B COA V . -5.38 -28.10 -51.96
P1A COA V . -5.99 -29.34 -51.08
O1A COA V . -7.23 -29.74 -51.81
O2A COA V . -6.08 -28.93 -49.64
O3A COA V . -4.84 -30.49 -51.14
P2A COA V . -4.89 -32.12 -51.17
O4A COA V . -6.24 -32.65 -50.77
O5A COA V . -4.34 -32.48 -52.51
O6A COA V . -3.78 -32.61 -50.09
CBP COA V . -1.50 -33.43 -49.64
CCP COA V . -2.39 -32.47 -50.39
CDP COA V . -1.84 -33.97 -48.29
CEP COA V . -0.08 -33.49 -50.06
CAP COA V . -2.07 -34.71 -50.41
OAP COA V . -2.21 -34.60 -51.85
C9P COA V . -1.36 -36.05 -50.15
O9P COA V . -1.73 -36.77 -49.21
N8P COA V . -0.33 -36.36 -51.00
C7P COA V . 0.55 -37.49 -50.83
C6P COA V . 1.24 -37.54 -49.48
C5P COA V . 2.05 -36.29 -49.17
O5P COA V . 2.83 -35.85 -50.01
N4P COA V . 1.90 -35.73 -47.96
C3P COA V . 2.74 -34.61 -47.53
C2P COA V . 4.13 -35.11 -47.15
S1P COA V . 5.38 -33.80 -47.09
N1 SPM W . 4.18 -45.83 -43.85
C2 SPM W . 5.54 -46.33 -43.82
C3 SPM W . 5.66 -47.54 -42.91
C4 SPM W . 7.11 -47.95 -42.70
N5 SPM W . 7.42 -49.26 -43.26
C6 SPM W . 7.82 -49.36 -44.65
C7 SPM W . 8.17 -50.78 -45.07
C8 SPM W . 9.64 -51.14 -44.87
C9 SPM W . 9.83 -52.60 -44.45
N10 SPM W . 10.17 -53.46 -45.56
C11 SPM W . 9.67 -54.82 -45.63
C12 SPM W . 10.51 -55.95 -45.01
C13 SPM W . 9.86 -57.30 -45.33
N14 SPM W . 10.46 -58.35 -44.53
C1 PEG X . 2.71 -48.35 -19.05
O1 PEG X . 3.27 -48.29 -17.73
C2 PEG X . 3.46 -49.36 -19.92
O2 PEG X . 2.67 -50.55 -20.07
C3 PEG X . 3.49 -51.68 -20.34
C4 PEG X . 2.65 -52.95 -20.43
O4 PEG X . 3.23 -53.87 -21.36
N1A COA Y . -31.78 45.55 -9.48
C2A COA Y . -31.14 44.81 -8.55
N3A COA Y . -30.45 45.36 -7.53
C4A COA Y . -30.34 46.69 -7.36
C5A COA Y . -31.01 47.58 -8.33
C6A COA Y . -31.77 46.91 -9.45
N6A COA Y . -32.43 47.61 -10.40
N7A COA Y . -30.76 48.85 -7.93
C8A COA Y . -29.98 48.78 -6.81
N9A COA Y . -29.73 47.49 -6.46
C1B COA Y . -28.89 47.06 -5.27
C2B COA Y . -29.54 45.95 -4.45
O2B COA Y . -29.32 46.19 -3.07
C3B COA Y . -28.86 44.66 -4.89
O3B COA Y . -28.70 43.75 -3.81
P3B COA Y . -29.91 42.73 -3.47
O7A COA Y . -31.00 43.01 -4.48
O8A COA Y . -30.27 43.08 -2.05
O9A COA Y . -29.28 41.35 -3.55
C4B COA Y . -27.55 45.09 -5.53
O4B COA Y . -27.61 46.52 -5.66
C5B COA Y . -27.28 44.42 -6.89
O5B COA Y . -26.99 43.02 -6.81
P1A COA Y . -26.89 42.06 -8.11
O1A COA Y . -27.96 42.47 -9.12
O2A COA Y . -26.76 40.61 -7.65
O3A COA Y . -25.43 42.39 -8.71
P2A COA Y . -25.16 43.41 -9.93
O4A COA Y . -25.94 42.90 -11.12
O5A COA Y . -25.37 44.83 -9.44
O6A COA Y . -23.58 43.25 -10.18
CBP COA Y . -21.42 43.85 -9.01
CCP COA Y . -22.66 42.95 -9.14
CDP COA Y . -20.11 43.22 -9.35
CEP COA Y . -21.58 45.21 -8.27
CAP COA Y . -21.58 44.49 -10.46
OAP COA Y . -22.57 45.52 -10.61
C9P COA Y . -20.36 45.13 -11.09
O9P COA Y . -20.09 44.90 -12.26
N1 SPM Z . -6.90 44.85 -19.25
C2 SPM Z . -7.55 46.03 -18.77
C3 SPM Z . -6.75 47.21 -19.28
C4 SPM Z . -5.41 47.35 -18.53
N5 SPM Z . -4.41 48.16 -19.23
C6 SPM Z . -4.79 49.31 -20.01
C7 SPM Z . -3.84 49.53 -21.15
C8 SPM Z . -3.70 51.01 -21.43
C9 SPM Z . -3.54 51.21 -22.93
N10 SPM Z . -2.30 50.65 -23.39
C11 SPM Z . -1.35 51.39 -24.21
C12 SPM Z . -1.95 52.02 -25.46
C13 SPM Z . -1.13 51.76 -26.71
N14 SPM Z . -0.17 52.71 -26.85
C1 PEG AA . -17.44 53.75 -23.60
O1 PEG AA . -16.76 52.81 -24.43
C2 PEG AA . -18.79 53.20 -23.15
O2 PEG AA . -19.49 52.59 -24.24
C3 PEG AA . -20.50 51.67 -23.81
C4 PEG AA . -20.71 50.61 -24.88
O4 PEG AA . -20.39 51.11 -26.18
N1A COA BA . 20.78 49.31 20.11
C2A COA BA . 20.22 49.83 19.00
N3A COA BA . 18.95 49.57 18.63
C4A COA BA . 18.14 48.76 19.37
C5A COA BA . 18.70 48.17 20.61
C6A COA BA . 20.11 48.49 20.95
N6A COA BA . 20.71 47.99 22.06
N7A COA BA . 17.72 47.42 21.14
C8A COA BA . 16.63 47.52 20.35
N9A COA BA . 16.87 48.33 19.29
C1B COA BA . 15.83 48.61 18.23
C2B COA BA . 14.97 49.82 18.54
O2B COA BA . 13.66 49.57 18.03
C3B COA BA . 15.65 50.89 17.72
O3B COA BA . 14.86 52.04 17.49
P3B COA BA . 15.21 53.37 18.31
O7A COA BA . 16.06 54.14 17.33
O8A COA BA . 15.94 52.84 19.53
O9A COA BA . 13.88 54.06 18.55
C4B COA BA . 15.94 50.17 16.43
O4B COA BA . 16.33 48.86 16.89
C5B COA BA . 17.06 50.87 15.70
O5B COA BA . 16.92 50.80 14.30
P1A COA BA . 18.13 50.31 13.37
O1A COA BA . 19.34 50.03 14.23
O2A COA BA . 18.28 51.32 12.25
O3A COA BA . 17.52 48.90 12.87
P2A COA BA . 18.10 47.93 11.72
O4A COA BA . 19.36 48.55 11.20
O5A COA BA . 18.25 46.51 12.17
O6A COA BA . 16.94 47.92 10.61
CBP COA BA . 15.14 46.42 9.63
CCP COA BA . 15.74 47.15 10.83
CDP COA BA . 15.41 46.78 8.18
CEP COA BA . 14.02 45.47 9.98
CAP COA BA . 16.28 45.33 9.56
OAP COA BA . 16.40 44.50 10.71
C9P COA BA . 16.28 44.34 8.40
O9P COA BA . 16.93 44.59 7.37
N8P COA BA . 15.56 43.23 8.56
C7P COA BA . 15.29 42.31 7.49
C6P COA BA . 14.29 42.91 6.48
C5P COA BA . 12.92 43.41 6.96
O5P COA BA . 12.19 42.74 7.66
N4P COA BA . 12.45 44.49 6.35
C3P COA BA . 11.06 44.58 5.94
C2P COA BA . 9.98 45.01 6.92
S1P COA BA . 8.37 44.73 6.10
N1 SPM CA . 12.98 39.40 -4.55
C2 SPM CA . 13.54 38.16 -4.04
C3 SPM CA . 13.42 37.13 -5.14
C4 SPM CA . 13.49 35.72 -4.62
N5 SPM CA . 13.17 34.85 -5.72
C6 SPM CA . 11.95 34.09 -5.74
C7 SPM CA . 12.19 32.82 -4.96
C8 SPM CA . 11.52 31.64 -5.63
C9 SPM CA . 12.41 30.45 -5.73
N10 SPM CA . 12.88 30.20 -7.09
C11 SPM CA . 13.21 28.83 -7.42
C12 SPM CA . 13.22 28.44 -8.90
C13 SPM CA . 14.26 27.34 -9.10
N14 SPM CA . 13.81 26.34 -10.03
N1A COA DA . -24.53 2.37 -15.41
C2A COA DA . -23.92 1.25 -15.88
N3A COA DA . -22.96 0.60 -15.18
C4A COA DA . -22.54 1.04 -13.95
C5A COA DA . -23.16 2.26 -13.39
C6A COA DA . -24.21 2.92 -14.21
N6A COA DA . -24.82 4.04 -13.76
N7A COA DA . -22.58 2.48 -12.21
C8A COA DA . -21.67 1.49 -12.01
N9A COA DA . -21.63 0.63 -13.03
C1B COA DA . -20.72 -0.56 -13.06
C2B COA DA . -21.45 -1.78 -13.67
O2B COA DA . -21.73 -2.75 -12.67
C3B COA DA . -20.56 -2.29 -14.79
O3B COA DA . -20.02 -3.58 -14.47
P3B COA DA . -20.77 -4.96 -14.93
O7A COA DA . -20.37 -5.16 -16.38
O8A COA DA . -22.25 -4.70 -14.67
O9A COA DA . -20.15 -6.04 -14.10
C4B COA DA . -19.50 -1.19 -14.98
O4B COA DA . -19.53 -0.33 -13.82
C5B COA DA . -19.72 -0.30 -16.23
O5B COA DA . -18.99 -0.71 -17.39
P1A COA DA . -18.93 0.22 -18.72
O1A COA DA . -20.34 0.65 -19.06
O2A COA DA . -18.09 -0.46 -19.75
O3A COA DA . -18.04 1.49 -18.28
P2A COA DA . -18.55 3.02 -18.14
O4A COA DA . -19.29 3.45 -19.36
O5A COA DA . -19.08 3.28 -16.75
O6A COA DA . -17.15 3.77 -18.23
CBP COA DA . -15.23 4.57 -16.90
CCP COA DA . -16.21 3.48 -17.18
CDP COA DA . -14.15 4.80 -17.93
CEP COA DA . -15.15 5.12 -15.50
CAP COA DA . -16.17 5.76 -17.39
OAP COA DA . -17.40 5.86 -16.61
C9P COA DA . -15.59 7.18 -17.58
O9P COA DA . -14.93 7.47 -18.57
N8P COA DA . -15.81 8.12 -16.66
C7P COA DA . -15.22 9.45 -16.75
C6P COA DA . -13.89 9.63 -16.05
C5P COA DA . -13.54 8.46 -15.14
O5P COA DA . -14.23 8.28 -14.13
N4P COA DA . -12.49 7.70 -15.54
C3P COA DA . -12.00 6.52 -14.85
C2P COA DA . -10.62 6.87 -14.30
S1P COA DA . -9.87 5.58 -13.26
N1 SPM EA . -5.74 15.75 -19.30
C2 SPM EA . -5.50 16.92 -20.13
C3 SPM EA . -5.78 18.21 -19.33
C4 SPM EA . -4.57 19.14 -19.30
N5 SPM EA . -4.26 19.63 -17.97
C6 SPM EA . -4.97 20.75 -17.38
C7 SPM EA . -4.03 21.71 -16.67
C8 SPM EA . -4.81 22.94 -16.23
C9 SPM EA . -3.84 24.03 -15.82
N10 SPM EA . -4.53 25.22 -15.40
C11 SPM EA . -4.93 26.21 -16.36
C12 SPM EA . -3.72 26.84 -17.05
C13 SPM EA . -4.15 27.96 -17.97
N14 SPM EA . -4.28 29.21 -17.21
N1A COA FA . 26.37 3.79 13.69
C2A COA FA . 25.06 3.49 13.61
N3A COA FA . 24.48 3.13 12.44
C4A COA FA . 25.15 3.06 11.25
C5A COA FA . 26.58 3.41 11.28
C6A COA FA . 27.18 3.78 12.61
N6A COA FA . 28.49 4.09 12.72
N7A COA FA . 27.04 3.28 10.02
C8A COA FA . 26.00 2.89 9.23
N9A COA FA . 24.85 2.77 9.94
C1B COA FA . 23.54 2.37 9.29
C2B COA FA . 22.45 2.04 10.28
O2B COA FA . 21.44 1.30 9.60
C3B COA FA . 21.98 3.44 10.61
O3B COA FA . 20.82 3.44 11.42
P3B COA FA . 20.97 3.49 13.04
O7A COA FA . 21.78 4.74 13.36
O8A COA FA . 21.68 2.20 13.33
O9A COA FA . 19.53 3.53 13.51
C4B COA FA . 21.88 4.06 9.21
O4B COA FA . 22.93 3.40 8.49
C5B COA FA . 22.11 5.57 9.19
O5B COA FA . 23.36 5.76 8.56
P1A COA FA . 23.90 7.16 8.04
O1A COA FA . 25.34 7.10 8.48
O2A COA FA . 22.99 8.27 8.50
O3A COA FA . 23.82 6.99 6.42
P2A COA FA . 24.68 7.71 5.26
O4A COA FA . 25.36 8.98 5.75
O5A COA FA . 25.53 6.69 4.50
O6A COA FA . 23.46 8.15 4.31
CBP COA FA . 21.88 7.72 2.49
CCP COA FA . 22.73 7.13 3.59
CDP COA FA . 22.12 8.99 1.78
CEP COA FA . 20.40 7.48 2.65
CAP COA FA . 22.57 6.80 1.40
OAP COA FA . 22.02 5.49 1.43
C9P COA FA . 22.72 7.26 -0.05
O9P COA FA . 23.13 8.38 -0.33
N8P COA FA . 22.52 6.34 -1.00
C7P COA FA . 22.86 6.52 -2.41
C6P COA FA . 21.65 6.47 -3.35
C5P COA FA . 20.34 6.22 -2.61
O5P COA FA . 20.05 5.08 -2.31
N4P COA FA . 19.60 7.28 -2.26
C3P COA FA . 18.42 7.20 -1.38
C2P COA FA . 17.68 5.88 -1.21
S1P COA FA . 15.93 6.00 -1.69
C1 PEG GA . 33.00 5.33 -11.31
O1 PEG GA . 32.11 6.38 -11.71
C2 PEG GA . 33.21 5.32 -9.78
O2 PEG GA . 32.06 4.90 -9.05
C3 PEG GA . 31.80 3.48 -9.16
C4 PEG GA . 30.49 3.06 -8.50
O4 PEG GA . 29.66 2.29 -9.38
#